data_2EW6
# 
_entry.id   2EW6 
# 
_audit_conform.dict_name       mmcif_pdbx.dic 
_audit_conform.dict_version    5.380 
_audit_conform.dict_location   http://mmcif.pdb.org/dictionaries/ascii/mmcif_pdbx.dic 
# 
loop_
_database_2.database_id 
_database_2.database_code 
_database_2.pdbx_database_accession 
_database_2.pdbx_DOI 
PDB   2EW6         pdb_00002ew6 10.2210/pdb2ew6/pdb 
RCSB  RCSB035166   ?            ?                   
WWPDB D_1000035166 ?            ?                   
# 
loop_
_pdbx_database_related.db_name 
_pdbx_database_related.db_id 
_pdbx_database_related.details 
_pdbx_database_related.content_type 
PDB 2EW5 'Helicobacter Pylori peptide deformylase in complex with inhibitor' unspecified 
PDB 2EW7 'Helicobacter Pylori peptide deformylase'                           unspecified 
# 
_pdbx_database_status.status_code                     REL 
_pdbx_database_status.entry_id                        2EW6 
_pdbx_database_status.recvd_initial_deposition_date   2005-11-02 
_pdbx_database_status.deposit_site                    RCSB 
_pdbx_database_status.process_site                    PDBJ 
_pdbx_database_status.status_code_sf                  REL 
_pdbx_database_status.status_code_mr                  ? 
_pdbx_database_status.SG_entry                        ? 
_pdbx_database_status.pdb_format_compatible           Y 
_pdbx_database_status.status_code_cs                  ? 
_pdbx_database_status.methods_development_category    ? 
_pdbx_database_status.status_code_nmr_data            ? 
# 
_audit_author.name           'Cai, J.' 
_audit_author.pdbx_ordinal   1 
# 
_citation.id                        primary 
_citation.title                     
;Peptide deformylase is a potential target for anti-Helicobacter pylori drugs: reverse docking, enzymatic assay, and X-ray crystallography validation
;
_citation.journal_abbrev            'Protein Sci.' 
_citation.journal_volume            15 
_citation.page_first                2071 
_citation.page_last                 2081 
_citation.year                      2006 
_citation.journal_id_ASTM           PRCIEI 
_citation.country                   US 
_citation.journal_id_ISSN           0961-8368 
_citation.journal_id_CSD            0795 
_citation.book_publisher            ? 
_citation.pdbx_database_id_PubMed   16882991 
_citation.pdbx_database_id_DOI      10.1110/ps.062238406 
# 
loop_
_citation_author.citation_id 
_citation_author.name 
_citation_author.ordinal 
_citation_author.identifier_ORCID 
primary 'Cai, J.'   1  ? 
primary 'Han, C.'   2  ? 
primary 'Hu, T.'    3  ? 
primary 'Zhang, J.' 4  ? 
primary 'Wu, D.'    5  ? 
primary 'Wang, F.'  6  ? 
primary 'Liu, Y.'   7  ? 
primary 'Ding, J.'  8  ? 
primary 'Chen, K.'  9  ? 
primary 'Yue, J.'   10 ? 
primary 'Shen, X.'  11 ? 
primary 'Jiang, H.' 12 ? 
# 
_cell.entry_id           2EW6 
_cell.length_a           42.170 
_cell.length_b           52.937 
_cell.length_c           91.792 
_cell.angle_alpha        90.00 
_cell.angle_beta         90.00 
_cell.angle_gamma        90.00 
_cell.Z_PDB              4 
_cell.pdbx_unique_axis   ? 
_cell.length_a_esd       ? 
_cell.length_b_esd       ? 
_cell.length_c_esd       ? 
_cell.angle_alpha_esd    ? 
_cell.angle_beta_esd     ? 
_cell.angle_gamma_esd    ? 
# 
_symmetry.entry_id                         2EW6 
_symmetry.space_group_name_H-M             'P 21 21 21' 
_symmetry.pdbx_full_space_group_name_H-M   ? 
_symmetry.cell_setting                     ? 
_symmetry.Int_Tables_number                19 
_symmetry.space_group_name_Hall            ? 
# 
loop_
_entity.id 
_entity.type 
_entity.src_method 
_entity.pdbx_description 
_entity.formula_weight 
_entity.pdbx_number_of_molecules 
_entity.pdbx_ec 
_entity.pdbx_mutation 
_entity.pdbx_fragment 
_entity.details 
1 polymer     man 'peptide deformylase'                                                 21008.465 1   3.5.1.88 ? ? ? 
2 non-polymer syn 'COBALT (II) ION'                                                     58.933    1   ?        ? ? ? 
3 non-polymer syn '(2E)-3-(3,4-DIHYDROXYPHENYL)-N-[2-(4-HYDROXYPHENYL)ETHYL]ACRYLAMIDE' 299.321   1   ?        ? ? ? 
4 water       nat water                                                                 18.015    128 ?        ? ? ? 
# 
_entity_poly.entity_id                      1 
_entity_poly.type                           'polypeptide(L)' 
_entity_poly.nstd_linkage                   no 
_entity_poly.nstd_monomer                   no 
_entity_poly.pdbx_seq_one_letter_code       
;ALLEIIHYPSKILRTISKEVVSFDAKLHQQLDDMYETMIASEGIGLAAIQVGLPLRMLIINLPQEDGVQHKEDCLEIINP
KFIETGGSMMYKEGCLSVPGFYEEVERFEKVKIEYQNRFAEVKVLEASELLAVAIQHEIDHLNGVLFVDKLSILKRKKFE
KELKELQKKQKHKLEHHHHHH
;
_entity_poly.pdbx_seq_one_letter_code_can   
;ALLEIIHYPSKILRTISKEVVSFDAKLHQQLDDMYETMIASEGIGLAAIQVGLPLRMLIINLPQEDGVQHKEDCLEIINP
KFIETGGSMMYKEGCLSVPGFYEEVERFEKVKIEYQNRFAEVKVLEASELLAVAIQHEIDHLNGVLFVDKLSILKRKKFE
KELKELQKKQKHKLEHHHHHH
;
_entity_poly.pdbx_strand_id                 A 
_entity_poly.pdbx_target_identifier         ? 
# 
loop_
_entity_poly_seq.entity_id 
_entity_poly_seq.num 
_entity_poly_seq.mon_id 
_entity_poly_seq.hetero 
1 1   ALA n 
1 2   LEU n 
1 3   LEU n 
1 4   GLU n 
1 5   ILE n 
1 6   ILE n 
1 7   HIS n 
1 8   TYR n 
1 9   PRO n 
1 10  SER n 
1 11  LYS n 
1 12  ILE n 
1 13  LEU n 
1 14  ARG n 
1 15  THR n 
1 16  ILE n 
1 17  SER n 
1 18  LYS n 
1 19  GLU n 
1 20  VAL n 
1 21  VAL n 
1 22  SER n 
1 23  PHE n 
1 24  ASP n 
1 25  ALA n 
1 26  LYS n 
1 27  LEU n 
1 28  HIS n 
1 29  GLN n 
1 30  GLN n 
1 31  LEU n 
1 32  ASP n 
1 33  ASP n 
1 34  MET n 
1 35  TYR n 
1 36  GLU n 
1 37  THR n 
1 38  MET n 
1 39  ILE n 
1 40  ALA n 
1 41  SER n 
1 42  GLU n 
1 43  GLY n 
1 44  ILE n 
1 45  GLY n 
1 46  LEU n 
1 47  ALA n 
1 48  ALA n 
1 49  ILE n 
1 50  GLN n 
1 51  VAL n 
1 52  GLY n 
1 53  LEU n 
1 54  PRO n 
1 55  LEU n 
1 56  ARG n 
1 57  MET n 
1 58  LEU n 
1 59  ILE n 
1 60  ILE n 
1 61  ASN n 
1 62  LEU n 
1 63  PRO n 
1 64  GLN n 
1 65  GLU n 
1 66  ASP n 
1 67  GLY n 
1 68  VAL n 
1 69  GLN n 
1 70  HIS n 
1 71  LYS n 
1 72  GLU n 
1 73  ASP n 
1 74  CYS n 
1 75  LEU n 
1 76  GLU n 
1 77  ILE n 
1 78  ILE n 
1 79  ASN n 
1 80  PRO n 
1 81  LYS n 
1 82  PHE n 
1 83  ILE n 
1 84  GLU n 
1 85  THR n 
1 86  GLY n 
1 87  GLY n 
1 88  SER n 
1 89  MET n 
1 90  MET n 
1 91  TYR n 
1 92  LYS n 
1 93  GLU n 
1 94  GLY n 
1 95  CYS n 
1 96  LEU n 
1 97  SER n 
1 98  VAL n 
1 99  PRO n 
1 100 GLY n 
1 101 PHE n 
1 102 TYR n 
1 103 GLU n 
1 104 GLU n 
1 105 VAL n 
1 106 GLU n 
1 107 ARG n 
1 108 PHE n 
1 109 GLU n 
1 110 LYS n 
1 111 VAL n 
1 112 LYS n 
1 113 ILE n 
1 114 GLU n 
1 115 TYR n 
1 116 GLN n 
1 117 ASN n 
1 118 ARG n 
1 119 PHE n 
1 120 ALA n 
1 121 GLU n 
1 122 VAL n 
1 123 LYS n 
1 124 VAL n 
1 125 LEU n 
1 126 GLU n 
1 127 ALA n 
1 128 SER n 
1 129 GLU n 
1 130 LEU n 
1 131 LEU n 
1 132 ALA n 
1 133 VAL n 
1 134 ALA n 
1 135 ILE n 
1 136 GLN n 
1 137 HIS n 
1 138 GLU n 
1 139 ILE n 
1 140 ASP n 
1 141 HIS n 
1 142 LEU n 
1 143 ASN n 
1 144 GLY n 
1 145 VAL n 
1 146 LEU n 
1 147 PHE n 
1 148 VAL n 
1 149 ASP n 
1 150 LYS n 
1 151 LEU n 
1 152 SER n 
1 153 ILE n 
1 154 LEU n 
1 155 LYS n 
1 156 ARG n 
1 157 LYS n 
1 158 LYS n 
1 159 PHE n 
1 160 GLU n 
1 161 LYS n 
1 162 GLU n 
1 163 LEU n 
1 164 LYS n 
1 165 GLU n 
1 166 LEU n 
1 167 GLN n 
1 168 LYS n 
1 169 LYS n 
1 170 GLN n 
1 171 LYS n 
1 172 HIS n 
1 173 LYS n 
1 174 LEU n 
1 175 GLU n 
1 176 HIS n 
1 177 HIS n 
1 178 HIS n 
1 179 HIS n 
1 180 HIS n 
1 181 HIS n 
# 
_entity_src_gen.entity_id                          1 
_entity_src_gen.pdbx_src_id                        1 
_entity_src_gen.pdbx_alt_source_flag               sample 
_entity_src_gen.pdbx_seq_type                      ? 
_entity_src_gen.pdbx_beg_seq_num                   ? 
_entity_src_gen.pdbx_end_seq_num                   ? 
_entity_src_gen.gene_src_common_name               ? 
_entity_src_gen.gene_src_genus                     Helicobacter 
_entity_src_gen.pdbx_gene_src_gene                 ? 
_entity_src_gen.gene_src_species                   ? 
_entity_src_gen.gene_src_strain                    ? 
_entity_src_gen.gene_src_tissue                    ? 
_entity_src_gen.gene_src_tissue_fraction           ? 
_entity_src_gen.gene_src_details                   ? 
_entity_src_gen.pdbx_gene_src_fragment             ? 
_entity_src_gen.pdbx_gene_src_scientific_name      'Helicobacter pylori' 
_entity_src_gen.pdbx_gene_src_ncbi_taxonomy_id     210 
_entity_src_gen.pdbx_gene_src_variant              ? 
_entity_src_gen.pdbx_gene_src_cell_line            ? 
_entity_src_gen.pdbx_gene_src_atcc                 ? 
_entity_src_gen.pdbx_gene_src_organ                ? 
_entity_src_gen.pdbx_gene_src_organelle            ? 
_entity_src_gen.pdbx_gene_src_cell                 ? 
_entity_src_gen.pdbx_gene_src_cellular_location    ? 
_entity_src_gen.host_org_common_name               ? 
_entity_src_gen.pdbx_host_org_scientific_name      'Escherichia coli BL21(DE3)' 
_entity_src_gen.pdbx_host_org_ncbi_taxonomy_id     469008 
_entity_src_gen.host_org_genus                     Escherichia 
_entity_src_gen.pdbx_host_org_gene                 ? 
_entity_src_gen.pdbx_host_org_organ                ? 
_entity_src_gen.host_org_species                   'Escherichia coli' 
_entity_src_gen.pdbx_host_org_tissue               ? 
_entity_src_gen.pdbx_host_org_tissue_fraction      ? 
_entity_src_gen.pdbx_host_org_strain               'BL21(DE3)' 
_entity_src_gen.pdbx_host_org_variant              ? 
_entity_src_gen.pdbx_host_org_cell_line            ? 
_entity_src_gen.pdbx_host_org_atcc                 ? 
_entity_src_gen.pdbx_host_org_culture_collection   ? 
_entity_src_gen.pdbx_host_org_cell                 ? 
_entity_src_gen.pdbx_host_org_organelle            ? 
_entity_src_gen.pdbx_host_org_cellular_location    ? 
_entity_src_gen.pdbx_host_org_vector_type          PLASMID 
_entity_src_gen.pdbx_host_org_vector               ? 
_entity_src_gen.host_org_details                   ? 
_entity_src_gen.expression_system_id               ? 
_entity_src_gen.plasmid_name                       'PET22B(+)' 
_entity_src_gen.plasmid_details                    ? 
_entity_src_gen.pdbx_description                   ? 
# 
_struct_ref.id                         1 
_struct_ref.db_name                    UNP 
_struct_ref.db_code                    Q672W7_HELPY 
_struct_ref.pdbx_db_accession          Q672W7 
_struct_ref.entity_id                  1 
_struct_ref.pdbx_align_begin           2 
_struct_ref.pdbx_db_isoform            ? 
_struct_ref.pdbx_seq_one_letter_code   ? 
# 
_struct_ref_seq.align_id                      1 
_struct_ref_seq.ref_id                        1 
_struct_ref_seq.pdbx_PDB_id_code              2EW6 
_struct_ref_seq.pdbx_strand_id                A 
_struct_ref_seq.seq_align_beg                 1 
_struct_ref_seq.pdbx_seq_align_beg_ins_code   ? 
_struct_ref_seq.seq_align_end                 173 
_struct_ref_seq.pdbx_seq_align_end_ins_code   ? 
_struct_ref_seq.pdbx_db_accession             Q672W7 
_struct_ref_seq.db_align_beg                  2 
_struct_ref_seq.pdbx_db_align_beg_ins_code    ? 
_struct_ref_seq.db_align_end                  174 
_struct_ref_seq.pdbx_db_align_end_ins_code    ? 
_struct_ref_seq.pdbx_auth_seq_align_beg       2 
_struct_ref_seq.pdbx_auth_seq_align_end       174 
# 
loop_
_struct_ref_seq_dif.align_id 
_struct_ref_seq_dif.pdbx_pdb_id_code 
_struct_ref_seq_dif.mon_id 
_struct_ref_seq_dif.pdbx_pdb_strand_id 
_struct_ref_seq_dif.seq_num 
_struct_ref_seq_dif.pdbx_pdb_ins_code 
_struct_ref_seq_dif.pdbx_seq_db_name 
_struct_ref_seq_dif.pdbx_seq_db_accession_code 
_struct_ref_seq_dif.db_mon_id 
_struct_ref_seq_dif.pdbx_seq_db_seq_num 
_struct_ref_seq_dif.details 
_struct_ref_seq_dif.pdbx_auth_seq_num 
_struct_ref_seq_dif.pdbx_ordinal 
1 2EW6 LEU A 174 ? UNP Q672W7 ? ? 'expression tag' 175 1 
1 2EW6 GLU A 175 ? UNP Q672W7 ? ? 'expression tag' 176 2 
1 2EW6 HIS A 176 ? UNP Q672W7 ? ? 'expression tag' 177 3 
1 2EW6 HIS A 177 ? UNP Q672W7 ? ? 'expression tag' 178 4 
1 2EW6 HIS A 178 ? UNP Q672W7 ? ? 'expression tag' 179 5 
1 2EW6 HIS A 179 ? UNP Q672W7 ? ? 'expression tag' 180 6 
1 2EW6 HIS A 180 ? UNP Q672W7 ? ? 'expression tag' 181 7 
1 2EW6 HIS A 181 ? UNP Q672W7 ? ? 'expression tag' 182 8 
# 
loop_
_chem_comp.id 
_chem_comp.type 
_chem_comp.mon_nstd_flag 
_chem_comp.name 
_chem_comp.pdbx_synonyms 
_chem_comp.formula 
_chem_comp.formula_weight 
ALA 'L-peptide linking' y ALANINE                                                               ? 'C3 H7 N O2'     89.093  
ARG 'L-peptide linking' y ARGININE                                                              ? 'C6 H15 N4 O2 1' 175.209 
ASN 'L-peptide linking' y ASPARAGINE                                                            ? 'C4 H8 N2 O3'    132.118 
ASP 'L-peptide linking' y 'ASPARTIC ACID'                                                       ? 'C4 H7 N O4'     133.103 
CO  non-polymer         . 'COBALT (II) ION'                                                     ? 'Co 2'           58.933  
CYS 'L-peptide linking' y CYSTEINE                                                              ? 'C3 H7 N O2 S'   121.158 
GLN 'L-peptide linking' y GLUTAMINE                                                             ? 'C5 H10 N2 O3'   146.144 
GLU 'L-peptide linking' y 'GLUTAMIC ACID'                                                       ? 'C5 H9 N O4'     147.129 
GLY 'peptide linking'   y GLYCINE                                                               ? 'C2 H5 N O2'     75.067  
HIS 'L-peptide linking' y HISTIDINE                                                             ? 'C6 H10 N3 O2 1' 156.162 
HOH non-polymer         . WATER                                                                 ? 'H2 O'           18.015  
ILE 'L-peptide linking' y ISOLEUCINE                                                            ? 'C6 H13 N O2'    131.173 
LEU 'L-peptide linking' y LEUCINE                                                               ? 'C6 H13 N O2'    131.173 
LYS 'L-peptide linking' y LYSINE                                                                ? 'C6 H15 N2 O2 1' 147.195 
MET 'L-peptide linking' y METHIONINE                                                            ? 'C5 H11 N O2 S'  149.211 
PHE 'L-peptide linking' y PHENYLALANINE                                                         ? 'C9 H11 N O2'    165.189 
PRO 'L-peptide linking' y PROLINE                                                               ? 'C5 H9 N O2'     115.130 
SER 'L-peptide linking' y SERINE                                                                ? 'C3 H7 N O3'     105.093 
THR 'L-peptide linking' y THREONINE                                                             ? 'C4 H9 N O3'     119.119 
TYR 'L-peptide linking' y TYROSINE                                                              ? 'C9 H11 N O3'    181.189 
VAL 'L-peptide linking' y VALINE                                                                ? 'C5 H11 N O2'    117.146 
Y13 non-polymer         . '(2E)-3-(3,4-DIHYDROXYPHENYL)-N-[2-(4-HYDROXYPHENYL)ETHYL]ACRYLAMIDE' ? 'C17 H17 N O4'   299.321 
# 
_exptl.entry_id          2EW6 
_exptl.method            'X-RAY DIFFRACTION' 
_exptl.crystals_number   1 
# 
_exptl_crystal.id                    1 
_exptl_crystal.density_meas          ? 
_exptl_crystal.density_Matthews      2.44 
_exptl_crystal.density_percent_sol   49.55 
_exptl_crystal.description           ? 
_exptl_crystal.F_000                 ? 
_exptl_crystal.preparation           ? 
# 
_exptl_crystal_grow.crystal_id      1 
_exptl_crystal_grow.method          'VAPOR DIFFUSION, HANGING DROP' 
_exptl_crystal_grow.temp            277 
_exptl_crystal_grow.temp_details    ? 
_exptl_crystal_grow.pH              7.8 
_exptl_crystal_grow.pdbx_details    '60-70% MPD in 0.1M pH7.8 Hepes, VAPOR DIFFUSION, HANGING DROP, temperature 277K' 
_exptl_crystal_grow.pdbx_pH_range   . 
# 
_diffrn.id                     1 
_diffrn.ambient_temp           100 
_diffrn.ambient_temp_details   ? 
_diffrn.crystal_id             1 
# 
_diffrn_detector.diffrn_id              1 
_diffrn_detector.detector               'IMAGE PLATE' 
_diffrn_detector.type                   'RIGAKU RAXIS IV' 
_diffrn_detector.pdbx_collection_date   2004-11-25 
_diffrn_detector.details                'OSMIC MIRRORS' 
# 
_diffrn_radiation.diffrn_id                        1 
_diffrn_radiation.wavelength_id                    1 
_diffrn_radiation.pdbx_monochromatic_or_laue_m_l   M 
_diffrn_radiation.monochromator                    OSCILLATION 
_diffrn_radiation.pdbx_diffrn_protocol             'SINGLE WAVELENGTH' 
_diffrn_radiation.pdbx_scattering_type             x-ray 
# 
_diffrn_radiation_wavelength.id           1 
_diffrn_radiation_wavelength.wavelength   1.5418 
_diffrn_radiation_wavelength.wt           1.0 
# 
_diffrn_source.diffrn_id                   1 
_diffrn_source.source                      'ROTATING ANODE' 
_diffrn_source.type                        RIGAKU 
_diffrn_source.pdbx_synchrotron_site       ? 
_diffrn_source.pdbx_synchrotron_beamline   ? 
_diffrn_source.pdbx_wavelength             ? 
_diffrn_source.pdbx_wavelength_list        1.5418 
# 
_reflns.entry_id                     2EW6 
_reflns.observed_criterion_sigma_I   1.0 
_reflns.observed_criterion_sigma_F   1.0 
_reflns.d_resolution_low             12.0 
_reflns.d_resolution_high            2.2 
_reflns.number_obs                   10780 
_reflns.number_all                   10780 
_reflns.percent_possible_obs         99.4 
_reflns.pdbx_Rmerge_I_obs            0.097 
_reflns.pdbx_Rsym_value              ? 
_reflns.pdbx_netI_over_sigmaI        6.0 
_reflns.B_iso_Wilson_estimate        17.4 
_reflns.pdbx_redundancy              3.1 
_reflns.R_free_details               ? 
_reflns.limit_h_max                  ? 
_reflns.limit_h_min                  ? 
_reflns.limit_k_max                  ? 
_reflns.limit_k_min                  ? 
_reflns.limit_l_max                  ? 
_reflns.limit_l_min                  ? 
_reflns.observed_criterion_F_max     ? 
_reflns.observed_criterion_F_min     ? 
_reflns.pdbx_chi_squared             ? 
_reflns.pdbx_scaling_rejects         ? 
_reflns.pdbx_diffrn_id               1 
_reflns.pdbx_ordinal                 1 
# 
_reflns_shell.d_res_high             2.20 
_reflns_shell.d_res_low              2.28 
_reflns_shell.percent_possible_all   99.3 
_reflns_shell.Rmerge_I_obs           0.245 
_reflns_shell.pdbx_Rsym_value        ? 
_reflns_shell.meanI_over_sigI_obs    2.4 
_reflns_shell.pdbx_redundancy        3.0 
_reflns_shell.percent_possible_obs   ? 
_reflns_shell.number_unique_all      1037 
_reflns_shell.number_measured_all    ? 
_reflns_shell.number_measured_obs    ? 
_reflns_shell.number_unique_obs      ? 
_reflns_shell.pdbx_chi_squared       ? 
_reflns_shell.pdbx_diffrn_id         ? 
_reflns_shell.pdbx_ordinal           1 
# 
_refine.entry_id                                 2EW6 
_refine.ls_number_reflns_obs                     10753 
_refine.ls_number_reflns_all                     10753 
_refine.pdbx_ls_sigma_I                          ? 
_refine.pdbx_ls_sigma_F                          0.0 
_refine.pdbx_data_cutoff_high_absF               86946.81 
_refine.pdbx_data_cutoff_low_absF                0.000000 
_refine.pdbx_data_cutoff_high_rms_absF           ? 
_refine.ls_d_res_low                             11.99 
_refine.ls_d_res_high                            2.20 
_refine.ls_percent_reflns_obs                    99.0 
_refine.ls_R_factor_obs                          0.204 
_refine.ls_R_factor_all                          0.217 
_refine.ls_R_factor_R_work                       0.204 
_refine.ls_R_factor_R_free                       0.243 
_refine.ls_R_factor_R_free_error                 0.010 
_refine.ls_R_factor_R_free_error_details         ? 
_refine.ls_percent_reflns_R_free                 5.0 
_refine.ls_number_reflns_R_free                  539 
_refine.ls_number_parameters                     ? 
_refine.ls_number_restraints                     ? 
_refine.occupancy_min                            ? 
_refine.occupancy_max                            ? 
_refine.correlation_coeff_Fo_to_Fc               ? 
_refine.correlation_coeff_Fo_to_Fc_free          ? 
_refine.B_iso_mean                               26.8 
_refine.aniso_B[1][1]                            -6.75 
_refine.aniso_B[2][2]                            3.62 
_refine.aniso_B[3][3]                            3.12 
_refine.aniso_B[1][2]                            0.00 
_refine.aniso_B[1][3]                            0.00 
_refine.aniso_B[2][3]                            0.00 
_refine.solvent_model_details                    'FLAT MODEL' 
_refine.solvent_model_param_ksol                 0.420753 
_refine.solvent_model_param_bsol                 63.4434 
_refine.pdbx_solvent_vdw_probe_radii             ? 
_refine.pdbx_solvent_ion_probe_radii             ? 
_refine.pdbx_solvent_shrinkage_radii             ? 
_refine.pdbx_ls_cross_valid_method               THROUGHOUT 
_refine.details                                  ? 
_refine.pdbx_starting_model                      1IX1 
_refine.pdbx_method_to_determine_struct          'MOLECULAR REPLACEMENT' 
_refine.pdbx_isotropic_thermal_model             RESTRAINED 
_refine.pdbx_stereochemistry_target_values       'Engh & Huber' 
_refine.pdbx_stereochem_target_val_spec_case     ? 
_refine.pdbx_R_Free_selection_details            RANDOM 
_refine.pdbx_overall_ESU_R                       ? 
_refine.pdbx_overall_ESU_R_Free                  ? 
_refine.overall_SU_ML                            ? 
_refine.overall_SU_B                             ? 
_refine.ls_redundancy_reflns_obs                 ? 
_refine.B_iso_min                                ? 
_refine.B_iso_max                                ? 
_refine.overall_SU_R_Cruickshank_DPI             ? 
_refine.overall_SU_R_free                        ? 
_refine.ls_wR_factor_R_free                      ? 
_refine.ls_wR_factor_R_work                      ? 
_refine.overall_FOM_free_R_set                   ? 
_refine.overall_FOM_work_R_set                   ? 
_refine.pdbx_refine_id                           'X-RAY DIFFRACTION' 
_refine.pdbx_diffrn_id                           1 
_refine.pdbx_TLS_residual_ADP_flag               ? 
_refine.pdbx_overall_phase_error                 ? 
_refine.pdbx_overall_SU_R_free_Cruickshank_DPI   ? 
_refine.pdbx_overall_SU_R_Blow_DPI               ? 
_refine.pdbx_overall_SU_R_free_Blow_DPI          ? 
# 
_refine_analyze.entry_id                        2EW6 
_refine_analyze.Luzzati_coordinate_error_obs    0.24 
_refine_analyze.Luzzati_sigma_a_obs             0.20 
_refine_analyze.Luzzati_d_res_low_obs           5.00 
_refine_analyze.Luzzati_coordinate_error_free   0.31 
_refine_analyze.Luzzati_sigma_a_free            0.30 
_refine_analyze.Luzzati_d_res_low_free          ? 
_refine_analyze.number_disordered_residues      ? 
_refine_analyze.occupancy_sum_hydrogen          ? 
_refine_analyze.occupancy_sum_non_hydrogen      ? 
_refine_analyze.pdbx_Luzzati_d_res_high_obs     ? 
_refine_analyze.pdbx_refine_id                  'X-RAY DIFFRACTION' 
# 
_refine_hist.pdbx_refine_id                   'X-RAY DIFFRACTION' 
_refine_hist.cycle_id                         LAST 
_refine_hist.pdbx_number_atoms_protein        1334 
_refine_hist.pdbx_number_atoms_nucleic_acid   0 
_refine_hist.pdbx_number_atoms_ligand         23 
_refine_hist.number_atoms_solvent             128 
_refine_hist.number_atoms_total               1485 
_refine_hist.d_res_high                       2.20 
_refine_hist.d_res_low                        11.99 
# 
loop_
_refine_ls_restr.type 
_refine_ls_restr.dev_ideal 
_refine_ls_restr.dev_ideal_target 
_refine_ls_restr.weight 
_refine_ls_restr.number 
_refine_ls_restr.pdbx_refine_id 
_refine_ls_restr.pdbx_restraint_function 
c_bond_d           0.006 ?    ? ? 'X-RAY DIFFRACTION' ? 
c_angle_deg        1.2   ?    ? ? 'X-RAY DIFFRACTION' ? 
c_dihedral_angle_d 22.4  ?    ? ? 'X-RAY DIFFRACTION' ? 
c_improper_angle_d 0.72  ?    ? ? 'X-RAY DIFFRACTION' ? 
c_mcbond_it        1.35  1.50 ? ? 'X-RAY DIFFRACTION' ? 
c_mcangle_it       2.12  2.00 ? ? 'X-RAY DIFFRACTION' ? 
c_scbond_it        2.14  2.00 ? ? 'X-RAY DIFFRACTION' ? 
c_scangle_it       3.09  2.50 ? ? 'X-RAY DIFFRACTION' ? 
# 
_refine_ls_shell.pdbx_total_number_of_bins_used   6 
_refine_ls_shell.d_res_high                       2.20 
_refine_ls_shell.d_res_low                        2.34 
_refine_ls_shell.number_reflns_R_work             1665 
_refine_ls_shell.R_factor_R_work                  0.243 
_refine_ls_shell.percent_reflns_obs               99.4 
_refine_ls_shell.R_factor_R_free                  0.337 
_refine_ls_shell.R_factor_R_free_error            0.035 
_refine_ls_shell.percent_reflns_R_free            5.2 
_refine_ls_shell.number_reflns_R_free             91 
_refine_ls_shell.number_reflns_all                ? 
_refine_ls_shell.R_factor_all                     ? 
_refine_ls_shell.number_reflns_obs                ? 
_refine_ls_shell.redundancy_reflns_obs            ? 
_refine_ls_shell.pdbx_refine_id                   'X-RAY DIFFRACTION' 
# 
loop_
_pdbx_xplor_file.serial_no 
_pdbx_xplor_file.param_file 
_pdbx_xplor_file.topol_file 
_pdbx_xplor_file.pdbx_refine_id 
1 protein_rep.param protein.top 'X-RAY DIFFRACTION' 
2 water_rep.param   water.top   'X-RAY DIFFRACTION' 
3 ion.param         ion.top     'X-RAY DIFFRACTION' 
4 lig.param         lig.top     'X-RAY DIFFRACTION' 
# 
_struct.entry_id                  2EW6 
_struct.title                     'Structure of Helicobacter Pylori peptide deformylase in complex with inhibitor' 
_struct.pdbx_model_details        ? 
_struct.pdbx_CASP_flag            ? 
_struct.pdbx_model_type_details   ? 
# 
_struct_keywords.entry_id        2EW6 
_struct_keywords.pdbx_keywords   HYDROLASE 
_struct_keywords.text            'Cobalt Helicobacter pylori peptide deformylase, inhibitor, HYDROLASE' 
# 
loop_
_struct_asym.id 
_struct_asym.pdbx_blank_PDB_chainid_flag 
_struct_asym.pdbx_modified 
_struct_asym.entity_id 
_struct_asym.details 
A N N 1 ? 
B N N 2 ? 
C N N 3 ? 
D N N 4 ? 
# 
_struct_biol.id                    1 
_struct_biol.details               ? 
_struct_biol.pdbx_parent_biol_id   ? 
# 
loop_
_struct_conf.conf_type_id 
_struct_conf.id 
_struct_conf.pdbx_PDB_helix_id 
_struct_conf.beg_label_comp_id 
_struct_conf.beg_label_asym_id 
_struct_conf.beg_label_seq_id 
_struct_conf.pdbx_beg_PDB_ins_code 
_struct_conf.end_label_comp_id 
_struct_conf.end_label_asym_id 
_struct_conf.end_label_seq_id 
_struct_conf.pdbx_end_PDB_ins_code 
_struct_conf.beg_auth_comp_id 
_struct_conf.beg_auth_asym_id 
_struct_conf.beg_auth_seq_id 
_struct_conf.end_auth_comp_id 
_struct_conf.end_auth_asym_id 
_struct_conf.end_auth_seq_id 
_struct_conf.pdbx_PDB_helix_class 
_struct_conf.details 
_struct_conf.pdbx_PDB_helix_length 
HELX_P HELX_P1 1 SER A 10  ? THR A 15  ? SER A 11  THR A 16  5 ? 6  
HELX_P HELX_P2 2 ASP A 24  ? SER A 41  ? ASP A 25  SER A 42  1 ? 18 
HELX_P HELX_P3 3 ILE A 49  ? GLY A 52  ? ILE A 50  GLY A 53  5 ? 4  
HELX_P HELX_P4 4 HIS A 70  ? CYS A 74  ? HIS A 71  CYS A 75  5 ? 5  
HELX_P HELX_P5 5 GLU A 129 ? ASN A 143 ? GLU A 130 ASN A 144 1 ? 15 
HELX_P HELX_P6 6 LEU A 146 ? LEU A 151 ? LEU A 147 LEU A 152 5 ? 6  
HELX_P HELX_P7 7 SER A 152 ? LEU A 166 ? SER A 153 LEU A 167 1 ? 15 
# 
_struct_conf_type.id          HELX_P 
_struct_conf_type.criteria    ? 
_struct_conf_type.reference   ? 
# 
loop_
_struct_conn.id 
_struct_conn.conn_type_id 
_struct_conn.pdbx_leaving_atom_flag 
_struct_conn.pdbx_PDB_id 
_struct_conn.ptnr1_label_asym_id 
_struct_conn.ptnr1_label_comp_id 
_struct_conn.ptnr1_label_seq_id 
_struct_conn.ptnr1_label_atom_id 
_struct_conn.pdbx_ptnr1_label_alt_id 
_struct_conn.pdbx_ptnr1_PDB_ins_code 
_struct_conn.pdbx_ptnr1_standard_comp_id 
_struct_conn.ptnr1_symmetry 
_struct_conn.ptnr2_label_asym_id 
_struct_conn.ptnr2_label_comp_id 
_struct_conn.ptnr2_label_seq_id 
_struct_conn.ptnr2_label_atom_id 
_struct_conn.pdbx_ptnr2_label_alt_id 
_struct_conn.pdbx_ptnr2_PDB_ins_code 
_struct_conn.ptnr1_auth_asym_id 
_struct_conn.ptnr1_auth_comp_id 
_struct_conn.ptnr1_auth_seq_id 
_struct_conn.ptnr2_auth_asym_id 
_struct_conn.ptnr2_auth_comp_id 
_struct_conn.ptnr2_auth_seq_id 
_struct_conn.ptnr2_symmetry 
_struct_conn.pdbx_ptnr3_label_atom_id 
_struct_conn.pdbx_ptnr3_label_seq_id 
_struct_conn.pdbx_ptnr3_label_comp_id 
_struct_conn.pdbx_ptnr3_label_asym_id 
_struct_conn.pdbx_ptnr3_label_alt_id 
_struct_conn.pdbx_ptnr3_PDB_ins_code 
_struct_conn.details 
_struct_conn.pdbx_dist_value 
_struct_conn.pdbx_value_order 
_struct_conn.pdbx_role 
metalc1 metalc ? ? A CYS 95  SG  ? ? ? 1_555 B CO  . CO ? ? A CYS 96  A CO  300 1_555 ? ? ? ? ? ? ? 2.378 ? ? 
metalc2 metalc ? ? A HIS 137 NE2 ? ? ? 1_555 B CO  . CO ? ? A HIS 138 A CO  300 1_555 ? ? ? ? ? ? ? 2.140 ? ? 
metalc3 metalc ? ? A HIS 141 NE2 ? ? ? 1_555 B CO  . CO ? ? A HIS 142 A CO  300 1_555 ? ? ? ? ? ? ? 2.178 ? ? 
metalc4 metalc ? ? B CO  .   CO  ? ? ? 1_555 D HOH . O  ? ? A CO  300 A HOH 310 1_555 ? ? ? ? ? ? ? 2.182 ? ? 
# 
_struct_conn_type.id          metalc 
_struct_conn_type.criteria    ? 
_struct_conn_type.reference   ? 
# 
_struct_mon_prot_cis.pdbx_id                1 
_struct_mon_prot_cis.label_comp_id          TYR 
_struct_mon_prot_cis.label_seq_id           8 
_struct_mon_prot_cis.label_asym_id          A 
_struct_mon_prot_cis.label_alt_id           . 
_struct_mon_prot_cis.pdbx_PDB_ins_code      ? 
_struct_mon_prot_cis.auth_comp_id           TYR 
_struct_mon_prot_cis.auth_seq_id            9 
_struct_mon_prot_cis.auth_asym_id           A 
_struct_mon_prot_cis.pdbx_label_comp_id_2   PRO 
_struct_mon_prot_cis.pdbx_label_seq_id_2    9 
_struct_mon_prot_cis.pdbx_label_asym_id_2   A 
_struct_mon_prot_cis.pdbx_PDB_ins_code_2    ? 
_struct_mon_prot_cis.pdbx_auth_comp_id_2    PRO 
_struct_mon_prot_cis.pdbx_auth_seq_id_2     10 
_struct_mon_prot_cis.pdbx_auth_asym_id_2    A 
_struct_mon_prot_cis.pdbx_PDB_model_num     1 
_struct_mon_prot_cis.pdbx_omega_angle       0.25 
# 
loop_
_struct_sheet.id 
_struct_sheet.type 
_struct_sheet.number_strands 
_struct_sheet.details 
A ? 5 ? 
B ? 2 ? 
# 
loop_
_struct_sheet_order.sheet_id 
_struct_sheet_order.range_id_1 
_struct_sheet_order.range_id_2 
_struct_sheet_order.offset 
_struct_sheet_order.sense 
A 1 2 ? anti-parallel 
A 2 3 ? anti-parallel 
A 3 4 ? anti-parallel 
A 4 5 ? anti-parallel 
B 1 2 ? anti-parallel 
# 
loop_
_struct_sheet_range.sheet_id 
_struct_sheet_range.id 
_struct_sheet_range.beg_label_comp_id 
_struct_sheet_range.beg_label_asym_id 
_struct_sheet_range.beg_label_seq_id 
_struct_sheet_range.pdbx_beg_PDB_ins_code 
_struct_sheet_range.end_label_comp_id 
_struct_sheet_range.end_label_asym_id 
_struct_sheet_range.end_label_seq_id 
_struct_sheet_range.pdbx_end_PDB_ins_code 
_struct_sheet_range.beg_auth_comp_id 
_struct_sheet_range.beg_auth_asym_id 
_struct_sheet_range.beg_auth_seq_id 
_struct_sheet_range.end_auth_comp_id 
_struct_sheet_range.end_auth_asym_id 
_struct_sheet_range.end_auth_seq_id 
A 1 GLY A 45  ? ALA A 47  ? GLY A 46  ALA A 48  
A 2 MET A 57  ? ILE A 60  ? MET A 58  ILE A 61  
A 3 LEU A 75  ? GLY A 86  ? LEU A 76  GLY A 87  
A 4 LYS A 110 ? GLN A 116 ? LYS A 111 GLN A 117 
A 5 VAL A 122 ? SER A 128 ? VAL A 123 SER A 129 
B 1 MET A 89  ? GLU A 93  ? MET A 90  GLU A 94  
B 2 GLU A 103 ? ARG A 107 ? GLU A 104 ARG A 108 
# 
loop_
_pdbx_struct_sheet_hbond.sheet_id 
_pdbx_struct_sheet_hbond.range_id_1 
_pdbx_struct_sheet_hbond.range_id_2 
_pdbx_struct_sheet_hbond.range_1_label_atom_id 
_pdbx_struct_sheet_hbond.range_1_label_comp_id 
_pdbx_struct_sheet_hbond.range_1_label_asym_id 
_pdbx_struct_sheet_hbond.range_1_label_seq_id 
_pdbx_struct_sheet_hbond.range_1_PDB_ins_code 
_pdbx_struct_sheet_hbond.range_1_auth_atom_id 
_pdbx_struct_sheet_hbond.range_1_auth_comp_id 
_pdbx_struct_sheet_hbond.range_1_auth_asym_id 
_pdbx_struct_sheet_hbond.range_1_auth_seq_id 
_pdbx_struct_sheet_hbond.range_2_label_atom_id 
_pdbx_struct_sheet_hbond.range_2_label_comp_id 
_pdbx_struct_sheet_hbond.range_2_label_asym_id 
_pdbx_struct_sheet_hbond.range_2_label_seq_id 
_pdbx_struct_sheet_hbond.range_2_PDB_ins_code 
_pdbx_struct_sheet_hbond.range_2_auth_atom_id 
_pdbx_struct_sheet_hbond.range_2_auth_comp_id 
_pdbx_struct_sheet_hbond.range_2_auth_asym_id 
_pdbx_struct_sheet_hbond.range_2_auth_seq_id 
A 1 2 N LEU A 46  ? N LEU A 47  O ILE A 59  ? O ILE A 60  
A 2 3 N ILE A 60  ? N ILE A 61  O LEU A 75  ? O LEU A 76  
A 3 4 N ILE A 83  ? N ILE A 84  O LYS A 112 ? O LYS A 113 
A 4 5 N TYR A 115 ? N TYR A 116 O LYS A 123 ? O LYS A 124 
B 1 2 N GLU A 93  ? N GLU A 94  O GLU A 103 ? O GLU A 104 
# 
loop_
_struct_site.id 
_struct_site.pdbx_evidence_code 
_struct_site.pdbx_auth_asym_id 
_struct_site.pdbx_auth_comp_id 
_struct_site.pdbx_auth_seq_id 
_struct_site.pdbx_auth_ins_code 
_struct_site.pdbx_num_residues 
_struct_site.details 
AC1 Software A CO  300 ? 5  'BINDING SITE FOR RESIDUE CO A 300'  
AC2 Software A Y13 200 ? 17 'BINDING SITE FOR RESIDUE Y13 A 200' 
# 
loop_
_struct_site_gen.id 
_struct_site_gen.site_id 
_struct_site_gen.pdbx_num_res 
_struct_site_gen.label_comp_id 
_struct_site_gen.label_asym_id 
_struct_site_gen.label_seq_id 
_struct_site_gen.pdbx_auth_ins_code 
_struct_site_gen.auth_comp_id 
_struct_site_gen.auth_asym_id 
_struct_site_gen.auth_seq_id 
_struct_site_gen.label_atom_id 
_struct_site_gen.label_alt_id 
_struct_site_gen.symmetry 
_struct_site_gen.details 
1  AC1 5  GLN A 50  ? GLN A 51  . ? 1_555 ? 
2  AC1 5  CYS A 95  ? CYS A 96  . ? 1_555 ? 
3  AC1 5  HIS A 137 ? HIS A 138 . ? 1_555 ? 
4  AC1 5  HIS A 141 ? HIS A 142 . ? 1_555 ? 
5  AC1 5  HOH D .   ? HOH A 310 . ? 1_555 ? 
6  AC2 17 GLY A 43  ? GLY A 44  . ? 1_555 ? 
7  AC2 17 ILE A 44  ? ILE A 45  . ? 1_555 ? 
8  AC2 17 GLY A 45  ? GLY A 46  . ? 1_555 ? 
9  AC2 17 TYR A 91  ? TYR A 92  . ? 1_555 ? 
10 AC2 17 GLU A 93  ? GLU A 94  . ? 1_555 ? 
11 AC2 17 GLY A 94  ? GLY A 95  . ? 1_555 ? 
12 AC2 17 CYS A 95  ? CYS A 96  . ? 1_555 ? 
13 AC2 17 LEU A 96  ? LEU A 97  . ? 1_555 ? 
14 AC2 17 PRO A 99  ? PRO A 100 . ? 1_555 ? 
15 AC2 17 GLY A 100 ? GLY A 101 . ? 1_555 ? 
16 AC2 17 TYR A 102 ? TYR A 103 . ? 1_555 ? 
17 AC2 17 LEU A 130 ? LEU A 131 . ? 1_555 ? 
18 AC2 17 VAL A 133 ? VAL A 134 . ? 1_555 ? 
19 AC2 17 ALA A 134 ? ALA A 135 . ? 1_555 ? 
20 AC2 17 HIS A 137 ? HIS A 138 . ? 1_555 ? 
21 AC2 17 GLU A 138 ? GLU A 139 . ? 1_555 ? 
22 AC2 17 HOH D .   ? HOH A 367 . ? 1_555 ? 
# 
_atom_sites.entry_id                    2EW6 
_atom_sites.fract_transf_matrix[1][1]   -0.02249478 
_atom_sites.fract_transf_matrix[1][2]   0.00539526 
_atom_sites.fract_transf_matrix[1][3]   0.00521369 
_atom_sites.fract_transf_matrix[2][1]   0.00211890 
_atom_sites.fract_transf_matrix[2][2]   0.01684249 
_atom_sites.fract_transf_matrix[2][3]   -0.00828691 
_atom_sites.fract_transf_matrix[3][1]   -0.00322296 
_atom_sites.fract_transf_matrix[3][2]   -0.00426492 
_atom_sites.fract_transf_matrix[3][3]   -0.00949222 
_atom_sites.fract_transf_vector[1]      -1.440166 
_atom_sites.fract_transf_vector[2]      -1.697068 
_atom_sites.fract_transf_vector[3]      1.147035 
# 
loop_
_atom_type.symbol 
C  
CO 
N  
O  
S  
# 
loop_
_atom_site.group_PDB 
_atom_site.id 
_atom_site.type_symbol 
_atom_site.label_atom_id 
_atom_site.label_alt_id 
_atom_site.label_comp_id 
_atom_site.label_asym_id 
_atom_site.label_entity_id 
_atom_site.label_seq_id 
_atom_site.pdbx_PDB_ins_code 
_atom_site.Cartn_x 
_atom_site.Cartn_y 
_atom_site.Cartn_z 
_atom_site.occupancy 
_atom_site.B_iso_or_equiv 
_atom_site.pdbx_formal_charge 
_atom_site.auth_seq_id 
_atom_site.auth_comp_id 
_atom_site.auth_asym_id 
_atom_site.auth_atom_id 
_atom_site.pdbx_PDB_model_num 
ATOM   1    N  N   . ALA A 1 1   ? 18.100  -4.676  5.206   1.00 19.75 ? 2   ALA A N   1 
ATOM   2    C  CA  . ALA A 1 1   ? 18.474  -3.305  5.664   1.00 19.35 ? 2   ALA A CA  1 
ATOM   3    C  C   . ALA A 1 1   ? 17.257  -2.396  5.692   1.00 21.28 ? 2   ALA A C   1 
ATOM   4    O  O   . ALA A 1 1   ? 16.325  -2.564  4.901   1.00 20.03 ? 2   ALA A O   1 
ATOM   5    C  CB  . ALA A 1 1   ? 19.529  -2.721  4.734   1.00 20.13 ? 2   ALA A CB  1 
ATOM   6    N  N   . LEU A 1 2   ? 17.272  -1.430  6.608   1.00 22.69 ? 3   LEU A N   1 
ATOM   7    C  CA  . LEU A 1 2   ? 16.184  -0.471  6.738   1.00 22.95 ? 3   LEU A CA  1 
ATOM   8    C  C   . LEU A 1 2   ? 16.268  0.588   5.648   1.00 23.67 ? 3   LEU A C   1 
ATOM   9    O  O   . LEU A 1 2   ? 17.353  1.063   5.315   1.00 26.44 ? 3   LEU A O   1 
ATOM   10   C  CB  . LEU A 1 2   ? 16.232  0.224   8.102   1.00 22.52 ? 3   LEU A CB  1 
ATOM   11   C  CG  . LEU A 1 2   ? 15.598  -0.457  9.315   1.00 24.12 ? 3   LEU A CG  1 
ATOM   12   C  CD1 . LEU A 1 2   ? 15.876  0.371   10.565  1.00 23.49 ? 3   LEU A CD1 1 
ATOM   13   C  CD2 . LEU A 1 2   ? 14.100  -0.606  9.094   1.00 21.55 ? 3   LEU A CD2 1 
ATOM   14   N  N   . LEU A 1 3   ? 15.119  0.960   5.099   1.00 22.59 ? 4   LEU A N   1 
ATOM   15   C  CA  . LEU A 1 3   ? 15.073  1.978   4.061   1.00 21.76 ? 4   LEU A CA  1 
ATOM   16   C  C   . LEU A 1 3   ? 14.350  3.201   4.603   1.00 21.45 ? 4   LEU A C   1 
ATOM   17   O  O   . LEU A 1 3   ? 13.510  3.092   5.494   1.00 21.19 ? 4   LEU A O   1 
ATOM   18   C  CB  . LEU A 1 3   ? 14.339  1.450   2.826   1.00 21.43 ? 4   LEU A CB  1 
ATOM   19   C  CG  . LEU A 1 3   ? 14.906  0.183   2.182   1.00 22.70 ? 4   LEU A CG  1 
ATOM   20   C  CD1 . LEU A 1 3   ? 14.051  -0.212  0.977   1.00 22.37 ? 4   LEU A CD1 1 
ATOM   21   C  CD2 . LEU A 1 3   ? 16.349  0.430   1.760   1.00 20.91 ? 4   LEU A CD2 1 
ATOM   22   N  N   . GLU A 1 4   ? 14.691  4.371   4.080   1.00 21.39 ? 5   GLU A N   1 
ATOM   23   C  CA  . GLU A 1 4   ? 14.037  5.592   4.515   1.00 20.39 ? 5   GLU A CA  1 
ATOM   24   C  C   . GLU A 1 4   ? 12.646  5.638   3.909   1.00 20.88 ? 5   GLU A C   1 
ATOM   25   O  O   . GLU A 1 4   ? 12.466  5.371   2.722   1.00 17.79 ? 5   GLU A O   1 
ATOM   26   C  CB  . GLU A 1 4   ? 14.830  6.815   4.061   1.00 22.36 ? 5   GLU A CB  1 
ATOM   27   C  CG  . GLU A 1 4   ? 14.055  8.122   4.163   1.00 28.48 ? 5   GLU A CG  1 
ATOM   28   C  CD  . GLU A 1 4   ? 14.912  9.338   3.854   1.00 33.71 ? 5   GLU A CD  1 
ATOM   29   O  OE1 . GLU A 1 4   ? 15.647  9.312   2.844   1.00 34.29 ? 5   GLU A OE1 1 
ATOM   30   O  OE2 . GLU A 1 4   ? 14.842  10.322  4.621   1.00 38.77 ? 5   GLU A OE2 1 
ATOM   31   N  N   . ILE A 1 5   ? 11.655  5.967   4.726   1.00 20.78 ? 6   ILE A N   1 
ATOM   32   C  CA  . ILE A 1 5   ? 10.295  6.058   4.228   1.00 21.38 ? 6   ILE A CA  1 
ATOM   33   C  C   . ILE A 1 5   ? 10.020  7.498   3.822   1.00 19.79 ? 6   ILE A C   1 
ATOM   34   O  O   . ILE A 1 5   ? 10.385  8.434   4.536   1.00 21.41 ? 6   ILE A O   1 
ATOM   35   C  CB  . ILE A 1 5   ? 9.280   5.602   5.295   1.00 22.40 ? 6   ILE A CB  1 
ATOM   36   C  CG1 . ILE A 1 5   ? 9.515   4.121   5.612   1.00 22.53 ? 6   ILE A CG1 1 
ATOM   37   C  CG2 . ILE A 1 5   ? 7.859   5.843   4.802   1.00 22.53 ? 6   ILE A CG2 1 
ATOM   38   C  CD1 . ILE A 1 5   ? 8.544   3.525   6.616   1.00 22.56 ? 6   ILE A CD1 1 
ATOM   39   N  N   . ILE A 1 6   ? 9.390   7.668   2.662   1.00 18.37 ? 7   ILE A N   1 
ATOM   40   C  CA  . ILE A 1 6   ? 9.074   8.990   2.133   1.00 16.78 ? 7   ILE A CA  1 
ATOM   41   C  C   . ILE A 1 6   ? 7.744   9.461   2.700   1.00 17.74 ? 7   ILE A C   1 
ATOM   42   O  O   . ILE A 1 6   ? 6.766   8.713   2.712   1.00 15.55 ? 7   ILE A O   1 
ATOM   43   C  CB  . ILE A 1 6   ? 8.993   8.961   0.585   1.00 19.16 ? 7   ILE A CB  1 
ATOM   44   C  CG1 . ILE A 1 6   ? 10.250  8.292   0.012   1.00 18.66 ? 7   ILE A CG1 1 
ATOM   45   C  CG2 . ILE A 1 6   ? 8.847   10.380  0.031   1.00 15.96 ? 7   ILE A CG2 1 
ATOM   46   C  CD1 . ILE A 1 6   ? 11.540  8.934   0.453   1.00 19.73 ? 7   ILE A CD1 1 
ATOM   47   N  N   . HIS A 1 7   ? 7.714   10.706  3.165   1.00 18.50 ? 8   HIS A N   1 
ATOM   48   C  CA  . HIS A 1 7   ? 6.514   11.278  3.763   1.00 20.82 ? 8   HIS A CA  1 
ATOM   49   C  C   . HIS A 1 7   ? 5.887   12.387  2.927   1.00 19.73 ? 8   HIS A C   1 
ATOM   50   O  O   . HIS A 1 7   ? 6.573   13.092  2.182   1.00 20.79 ? 8   HIS A O   1 
ATOM   51   C  CB  . HIS A 1 7   ? 6.837   11.865  5.148   1.00 22.88 ? 8   HIS A CB  1 
ATOM   52   C  CG  . HIS A 1 7   ? 7.476   10.899  6.094   1.00 22.66 ? 8   HIS A CG  1 
ATOM   53   N  ND1 . HIS A 1 7   ? 6.787   9.859   6.680   1.00 27.13 ? 8   HIS A ND1 1 
ATOM   54   C  CD2 . HIS A 1 7   ? 8.746   10.816  6.559   1.00 27.06 ? 8   HIS A CD2 1 
ATOM   55   C  CE1 . HIS A 1 7   ? 7.604   9.178   7.464   1.00 23.99 ? 8   HIS A CE1 1 
ATOM   56   N  NE2 . HIS A 1 7   ? 8.799   9.738   7.408   1.00 25.83 ? 8   HIS A NE2 1 
ATOM   57   N  N   . TYR A 1 8   ? 4.574   12.530  3.065   1.00 19.21 ? 9   TYR A N   1 
ATOM   58   C  CA  . TYR A 1 8   ? 3.820   13.591  2.399   1.00 20.63 ? 9   TYR A CA  1 
ATOM   59   C  C   . TYR A 1 8   ? 4.445   14.877  2.952   1.00 21.53 ? 9   TYR A C   1 
ATOM   60   O  O   . TYR A 1 8   ? 4.863   14.909  4.108   1.00 20.39 ? 9   TYR A O   1 
ATOM   61   C  CB  . TYR A 1 8   ? 2.347   13.501  2.827   1.00 20.94 ? 9   TYR A CB  1 
ATOM   62   C  CG  . TYR A 1 8   ? 1.468   14.673  2.426   1.00 21.22 ? 9   TYR A CG  1 
ATOM   63   C  CD1 . TYR A 1 8   ? 0.769   14.669  1.220   1.00 23.90 ? 9   TYR A CD1 1 
ATOM   64   C  CD2 . TYR A 1 8   ? 1.320   15.775  3.265   1.00 23.65 ? 9   TYR A CD2 1 
ATOM   65   C  CE1 . TYR A 1 8   ? -0.062  15.735  0.862   1.00 22.60 ? 9   TYR A CE1 1 
ATOM   66   C  CE2 . TYR A 1 8   ? 0.495   16.847  2.917   1.00 23.15 ? 9   TYR A CE2 1 
ATOM   67   C  CZ  . TYR A 1 8   ? -0.194  16.817  1.716   1.00 24.29 ? 9   TYR A CZ  1 
ATOM   68   O  OH  . TYR A 1 8   ? -1.022  17.862  1.375   1.00 27.66 ? 9   TYR A OH  1 
ATOM   69   N  N   . PRO A 1 9   ? 4.491   15.961  2.157   1.00 23.01 ? 10  PRO A N   1 
ATOM   70   C  CA  . PRO A 1 9   ? 4.016   16.133  0.780   1.00 22.80 ? 10  PRO A CA  1 
ATOM   71   C  C   . PRO A 1 9   ? 5.079   15.926  -0.300  1.00 22.63 ? 10  PRO A C   1 
ATOM   72   O  O   . PRO A 1 9   ? 5.053   16.599  -1.331  1.00 22.58 ? 10  PRO A O   1 
ATOM   73   C  CB  . PRO A 1 9   ? 3.505   17.561  0.788   1.00 22.73 ? 10  PRO A CB  1 
ATOM   74   C  CG  . PRO A 1 9   ? 4.581   18.245  1.595   1.00 23.23 ? 10  PRO A CG  1 
ATOM   75   C  CD  . PRO A 1 9   ? 4.846   17.269  2.744   1.00 21.81 ? 10  PRO A CD  1 
ATOM   76   N  N   . SER A 1 10  ? 6.013   15.014  -0.070  1.00 22.59 ? 11  SER A N   1 
ATOM   77   C  CA  . SER A 1 10  ? 7.053   14.760  -1.061  1.00 22.23 ? 11  SER A CA  1 
ATOM   78   C  C   . SER A 1 10  ? 6.430   14.492  -2.428  1.00 23.36 ? 11  SER A C   1 
ATOM   79   O  O   . SER A 1 10  ? 5.478   13.719  -2.548  1.00 20.69 ? 11  SER A O   1 
ATOM   80   C  CB  . SER A 1 10  ? 7.905   13.562  -0.652  1.00 21.43 ? 11  SER A CB  1 
ATOM   81   O  OG  . SER A 1 10  ? 8.832   13.245  -1.674  1.00 22.44 ? 11  SER A OG  1 
ATOM   82   N  N   . LYS A 1 11  ? 6.976   15.138  -3.453  1.00 23.93 ? 12  LYS A N   1 
ATOM   83   C  CA  . LYS A 1 11  ? 6.486   14.981  -4.815  1.00 24.07 ? 12  LYS A CA  1 
ATOM   84   C  C   . LYS A 1 11  ? 6.864   13.604  -5.377  1.00 22.62 ? 12  LYS A C   1 
ATOM   85   O  O   . LYS A 1 11  ? 6.386   13.207  -6.440  1.00 22.58 ? 12  LYS A O   1 
ATOM   86   C  CB  . LYS A 1 11  ? 7.061   16.092  -5.700  1.00 28.57 ? 12  LYS A CB  1 
ATOM   87   C  CG  . LYS A 1 11  ? 6.342   16.274  -7.023  1.00 32.82 ? 12  LYS A CG  1 
ATOM   88   C  CD  . LYS A 1 11  ? 6.997   17.369  -7.860  1.00 37.98 ? 12  LYS A CD  1 
ATOM   89   C  CE  . LYS A 1 11  ? 6.822   18.754  -7.240  1.00 39.09 ? 12  LYS A CE  1 
ATOM   90   N  NZ  . LYS A 1 11  ? 5.396   19.193  -7.225  1.00 41.28 ? 12  LYS A NZ  1 
ATOM   91   N  N   . ILE A 1 12  ? 7.729   12.886  -4.663  1.00 20.30 ? 13  ILE A N   1 
ATOM   92   C  CA  . ILE A 1 12  ? 8.147   11.544  -5.072  1.00 17.70 ? 13  ILE A CA  1 
ATOM   93   C  C   . ILE A 1 12  ? 6.945   10.604  -4.999  1.00 16.37 ? 13  ILE A C   1 
ATOM   94   O  O   . ILE A 1 12  ? 6.840   9.640   -5.757  1.00 16.85 ? 13  ILE A O   1 
ATOM   95   C  CB  . ILE A 1 12  ? 9.239   10.979  -4.134  1.00 16.76 ? 13  ILE A CB  1 
ATOM   96   C  CG1 . ILE A 1 12  ? 10.540  11.766  -4.305  1.00 17.71 ? 13  ILE A CG1 1 
ATOM   97   C  CG2 . ILE A 1 12  ? 9.461   9.486   -4.419  1.00 14.53 ? 13  ILE A CG2 1 
ATOM   98   C  CD1 . ILE A 1 12  ? 11.661  11.283  -3.401  1.00 18.94 ? 13  ILE A CD1 1 
ATOM   99   N  N   . LEU A 1 13  ? 6.042   10.902  -4.075  1.00 14.56 ? 14  LEU A N   1 
ATOM   100  C  CA  . LEU A 1 13  ? 4.849   10.092  -3.875  1.00 15.72 ? 14  LEU A CA  1 
ATOM   101  C  C   . LEU A 1 13  ? 3.816   10.252  -4.994  1.00 15.84 ? 14  LEU A C   1 
ATOM   102  O  O   . LEU A 1 13  ? 2.811   9.543   -5.019  1.00 15.11 ? 14  LEU A O   1 
ATOM   103  C  CB  . LEU A 1 13  ? 4.229   10.425  -2.511  1.00 13.03 ? 14  LEU A CB  1 
ATOM   104  C  CG  . LEU A 1 13  ? 5.119   10.090  -1.302  1.00 13.49 ? 14  LEU A CG  1 
ATOM   105  C  CD1 . LEU A 1 13  ? 4.438   10.517  -0.004  1.00 12.77 ? 14  LEU A CD1 1 
ATOM   106  C  CD2 . LEU A 1 13  ? 5.409   8.598   -1.284  1.00 9.10  ? 14  LEU A CD2 1 
ATOM   107  N  N   . ARG A 1 14  ? 4.065   11.182  -5.914  1.00 14.58 ? 15  ARG A N   1 
ATOM   108  C  CA  . ARG A 1 14  ? 3.156   11.400  -7.034  1.00 14.94 ? 15  ARG A CA  1 
ATOM   109  C  C   . ARG A 1 14  ? 3.650   10.662  -8.266  1.00 15.45 ? 15  ARG A C   1 
ATOM   110  O  O   . ARG A 1 14  ? 3.035   10.713  -9.326  1.00 15.88 ? 15  ARG A O   1 
ATOM   111  C  CB  . ARG A 1 14  ? 3.034   12.890  -7.357  1.00 18.44 ? 15  ARG A CB  1 
ATOM   112  C  CG  . ARG A 1 14  ? 2.463   13.718  -6.228  1.00 20.66 ? 15  ARG A CG  1 
ATOM   113  C  CD  . ARG A 1 14  ? 1.164   13.120  -5.744  1.00 20.79 ? 15  ARG A CD  1 
ATOM   114  N  NE  . ARG A 1 14  ? 0.610   13.837  -4.599  1.00 22.05 ? 15  ARG A NE  1 
ATOM   115  C  CZ  . ARG A 1 14  ? -0.485  13.449  -3.959  1.00 19.43 ? 15  ARG A CZ  1 
ATOM   116  N  NH1 . ARG A 1 14  ? -1.113  12.361  -4.359  1.00 19.99 ? 15  ARG A NH1 1 
ATOM   117  N  NH2 . ARG A 1 14  ? -0.957  14.147  -2.936  1.00 22.10 ? 15  ARG A NH2 1 
ATOM   118  N  N   . THR A 1 15  ? 4.766   9.964   -8.114  1.00 16.85 ? 16  THR A N   1 
ATOM   119  C  CA  . THR A 1 15  ? 5.345   9.216   -9.216  1.00 18.21 ? 16  THR A CA  1 
ATOM   120  C  C   . THR A 1 15  ? 4.472   8.053   -9.656  1.00 18.71 ? 16  THR A C   1 
ATOM   121  O  O   . THR A 1 15  ? 3.768   7.446   -8.847  1.00 19.22 ? 16  THR A O   1 
ATOM   122  C  CB  . THR A 1 15  ? 6.723   8.643   -8.827  1.00 19.45 ? 16  THR A CB  1 
ATOM   123  O  OG1 . THR A 1 15  ? 7.589   9.711   -8.424  1.00 19.75 ? 16  THR A OG1 1 
ATOM   124  C  CG2 . THR A 1 15  ? 7.345   7.905   -10.004 1.00 17.55 ? 16  THR A CG2 1 
ATOM   125  N  N   . ILE A 1 16  ? 4.502   7.770   -10.953 1.00 18.43 ? 17  ILE A N   1 
ATOM   126  C  CA  . ILE A 1 16  ? 3.782   6.634   -11.507 1.00 18.39 ? 17  ILE A CA  1 
ATOM   127  C  C   . ILE A 1 16  ? 4.868   5.565   -11.630 1.00 18.09 ? 17  ILE A C   1 
ATOM   128  O  O   . ILE A 1 16  ? 5.807   5.716   -12.410 1.00 18.49 ? 17  ILE A O   1 
ATOM   129  C  CB  . ILE A 1 16  ? 3.198   6.949   -12.905 1.00 20.42 ? 17  ILE A CB  1 
ATOM   130  C  CG1 . ILE A 1 16  ? 2.018   7.919   -12.765 1.00 19.91 ? 17  ILE A CG1 1 
ATOM   131  C  CG2 . ILE A 1 16  ? 2.753   5.661   -13.587 1.00 18.45 ? 17  ILE A CG2 1 
ATOM   132  C  CD1 . ILE A 1 16  ? 1.378   8.296   -14.073 1.00 21.31 ? 17  ILE A CD1 1 
ATOM   133  N  N   . SER A 1 17  ? 4.760   4.508   -10.833 1.00 17.23 ? 18  SER A N   1 
ATOM   134  C  CA  . SER A 1 17  ? 5.752   3.433   -10.845 1.00 17.37 ? 18  SER A CA  1 
ATOM   135  C  C   . SER A 1 17  ? 5.673   2.586   -12.110 1.00 18.53 ? 18  SER A C   1 
ATOM   136  O  O   . SER A 1 17  ? 4.613   2.485   -12.738 1.00 17.43 ? 18  SER A O   1 
ATOM   137  C  CB  . SER A 1 17  ? 5.577   2.545   -9.613  1.00 16.09 ? 18  SER A CB  1 
ATOM   138  O  OG  . SER A 1 17  ? 5.779   3.297   -8.430  1.00 17.14 ? 18  SER A OG  1 
ATOM   139  N  N   . LYS A 1 18  ? 6.799   1.969   -12.466 1.00 18.08 ? 19  LYS A N   1 
ATOM   140  C  CA  . LYS A 1 18  ? 6.887   1.143   -13.667 1.00 19.89 ? 19  LYS A CA  1 
ATOM   141  C  C   . LYS A 1 18  ? 6.833   -0.355  -13.386 1.00 19.18 ? 19  LYS A C   1 
ATOM   142  O  O   . LYS A 1 18  ? 7.205   -0.817  -12.301 1.00 17.52 ? 19  LYS A O   1 
ATOM   143  C  CB  . LYS A 1 18  ? 8.187   1.450   -14.419 1.00 22.18 ? 19  LYS A CB  1 
ATOM   144  C  CG  . LYS A 1 18  ? 8.422   2.915   -14.707 1.00 23.74 ? 19  LYS A CG  1 
ATOM   145  C  CD  . LYS A 1 18  ? 7.391   3.472   -15.676 1.00 28.79 ? 19  LYS A CD  1 
ATOM   146  C  CE  . LYS A 1 18  ? 7.739   4.898   -16.064 1.00 32.05 ? 19  LYS A CE  1 
ATOM   147  N  NZ  . LYS A 1 18  ? 9.134   4.973   -16.596 1.00 33.35 ? 19  LYS A NZ  1 
ATOM   148  N  N   . GLU A 1 19  ? 6.389   -1.110  -14.384 1.00 17.68 ? 20  GLU A N   1 
ATOM   149  C  CA  . GLU A 1 19  ? 6.292   -2.560  -14.271 1.00 19.45 ? 20  GLU A CA  1 
ATOM   150  C  C   . GLU A 1 19  ? 7.638   -3.180  -13.962 1.00 19.02 ? 20  GLU A C   1 
ATOM   151  O  O   . GLU A 1 19  ? 8.678   -2.704  -14.425 1.00 17.72 ? 20  GLU A O   1 
ATOM   152  C  CB  . GLU A 1 19  ? 5.824   -3.198  -15.581 1.00 22.50 ? 20  GLU A CB  1 
ATOM   153  C  CG  . GLU A 1 19  ? 4.417   -2.907  -16.015 1.00 30.02 ? 20  GLU A CG  1 
ATOM   154  C  CD  . GLU A 1 19  ? 3.892   -4.005  -16.923 1.00 34.13 ? 20  GLU A CD  1 
ATOM   155  O  OE1 . GLU A 1 19  ? 4.619   -4.397  -17.873 1.00 29.71 ? 20  GLU A OE1 1 
ATOM   156  O  OE2 . GLU A 1 19  ? 2.756   -4.475  -16.680 1.00 35.60 ? 20  GLU A OE2 1 
ATOM   157  N  N   . VAL A 1 20  ? 7.606   -4.264  -13.201 1.00 18.38 ? 21  VAL A N   1 
ATOM   158  C  CA  . VAL A 1 20  ? 8.814   -4.998  -12.877 1.00 19.29 ? 21  VAL A CA  1 
ATOM   159  C  C   . VAL A 1 20  ? 8.986   -5.965  -14.042 1.00 21.23 ? 21  VAL A C   1 
ATOM   160  O  O   . VAL A 1 20  ? 8.023   -6.623  -14.451 1.00 20.75 ? 21  VAL A O   1 
ATOM   161  C  CB  . VAL A 1 20  ? 8.649   -5.793  -11.568 1.00 20.18 ? 21  VAL A CB  1 
ATOM   162  C  CG1 . VAL A 1 20  ? 9.816   -6.755  -11.384 1.00 19.78 ? 21  VAL A CG1 1 
ATOM   163  C  CG2 . VAL A 1 20  ? 8.555   -4.828  -10.388 1.00 17.94 ? 21  VAL A CG2 1 
ATOM   164  N  N   . VAL A 1 21  ? 10.193  -6.035  -14.597 1.00 21.50 ? 22  VAL A N   1 
ATOM   165  C  CA  . VAL A 1 21  ? 10.448  -6.929  -15.715 1.00 23.21 ? 22  VAL A CA  1 
ATOM   166  C  C   . VAL A 1 21  ? 11.463  -8.017  -15.361 1.00 23.90 ? 22  VAL A C   1 
ATOM   167  O  O   . VAL A 1 21  ? 11.432  -9.106  -15.929 1.00 25.67 ? 22  VAL A O   1 
ATOM   168  C  CB  . VAL A 1 21  ? 10.926  -6.145  -16.969 1.00 24.74 ? 22  VAL A CB  1 
ATOM   169  C  CG1 . VAL A 1 21  ? 12.316  -5.582  -16.751 1.00 26.76 ? 22  VAL A CG1 1 
ATOM   170  C  CG2 . VAL A 1 21  ? 10.907  -7.055  -18.179 1.00 28.17 ? 22  VAL A CG2 1 
ATOM   171  N  N   . SER A 1 22  ? 12.363  -7.731  -14.426 1.00 24.52 ? 23  SER A N   1 
ATOM   172  C  CA  . SER A 1 22  ? 13.342  -8.734  -14.018 1.00 25.05 ? 23  SER A CA  1 
ATOM   173  C  C   . SER A 1 22  ? 13.132  -9.121  -12.559 1.00 24.30 ? 23  SER A C   1 
ATOM   174  O  O   . SER A 1 22  ? 13.281  -8.305  -11.645 1.00 25.57 ? 23  SER A O   1 
ATOM   175  C  CB  . SER A 1 22  ? 14.773  -8.229  -14.240 1.00 25.22 ? 23  SER A CB  1 
ATOM   176  O  OG  . SER A 1 22  ? 14.997  -7.016  -13.556 1.00 32.20 ? 23  SER A OG  1 
ATOM   177  N  N   . PHE A 1 23  ? 12.758  -10.376 -12.356 1.00 23.24 ? 24  PHE A N   1 
ATOM   178  C  CA  . PHE A 1 23  ? 12.510  -10.903 -11.028 1.00 24.29 ? 24  PHE A CA  1 
ATOM   179  C  C   . PHE A 1 23  ? 13.780  -11.632 -10.595 1.00 24.21 ? 24  PHE A C   1 
ATOM   180  O  O   . PHE A 1 23  ? 13.864  -12.852 -10.653 1.00 23.40 ? 24  PHE A O   1 
ATOM   181  C  CB  . PHE A 1 23  ? 11.313  -11.860 -11.076 1.00 21.92 ? 24  PHE A CB  1 
ATOM   182  C  CG  . PHE A 1 23  ? 10.025  -11.203 -11.519 1.00 20.14 ? 24  PHE A CG  1 
ATOM   183  C  CD1 . PHE A 1 23  ? 8.997   -10.962 -10.607 1.00 18.57 ? 24  PHE A CD1 1 
ATOM   184  C  CD2 . PHE A 1 23  ? 9.844   -10.816 -12.845 1.00 17.35 ? 24  PHE A CD2 1 
ATOM   185  C  CE1 . PHE A 1 23  ? 7.806   -10.346 -11.015 1.00 15.16 ? 24  PHE A CE1 1 
ATOM   186  C  CE2 . PHE A 1 23  ? 8.664   -10.202 -13.260 1.00 13.45 ? 24  PHE A CE2 1 
ATOM   187  C  CZ  . PHE A 1 23  ? 7.643   -9.968  -12.340 1.00 15.74 ? 24  PHE A CZ  1 
ATOM   188  N  N   . ASP A 1 24  ? 14.766  -10.859 -10.159 1.00 25.05 ? 25  ASP A N   1 
ATOM   189  C  CA  . ASP A 1 24  ? 16.050  -11.404 -9.748  1.00 24.55 ? 25  ASP A CA  1 
ATOM   190  C  C   . ASP A 1 24  ? 16.352  -11.216 -8.260  1.00 24.37 ? 25  ASP A C   1 
ATOM   191  O  O   . ASP A 1 24  ? 15.484  -10.823 -7.480  1.00 24.58 ? 25  ASP A O   1 
ATOM   192  C  CB  . ASP A 1 24  ? 17.159  -10.765 -10.590 1.00 24.23 ? 25  ASP A CB  1 
ATOM   193  C  CG  . ASP A 1 24  ? 16.960  -9.265  -10.777 1.00 24.73 ? 25  ASP A CG  1 
ATOM   194  O  OD1 . ASP A 1 24  ? 16.631  -8.576  -9.789  1.00 24.14 ? 25  ASP A OD1 1 
ATOM   195  O  OD2 . ASP A 1 24  ? 17.140  -8.771  -11.909 1.00 26.61 ? 25  ASP A OD2 1 
ATOM   196  N  N   . ALA A 1 25  ? 17.594  -11.500 -7.878  1.00 23.34 ? 26  ALA A N   1 
ATOM   197  C  CA  . ALA A 1 25  ? 18.028  -11.373 -6.493  1.00 22.18 ? 26  ALA A CA  1 
ATOM   198  C  C   . ALA A 1 25  ? 17.994  -9.919  -6.032  1.00 21.82 ? 26  ALA A C   1 
ATOM   199  O  O   . ALA A 1 25  ? 17.787  -9.641  -4.854  1.00 22.30 ? 26  ALA A O   1 
ATOM   200  C  CB  . ALA A 1 25  ? 19.435  -11.941 -6.333  1.00 20.90 ? 26  ALA A CB  1 
ATOM   201  N  N   . LYS A 1 26  ? 18.208  -8.990  -6.959  1.00 21.86 ? 27  LYS A N   1 
ATOM   202  C  CA  . LYS A 1 26  ? 18.188  -7.568  -6.624  1.00 20.45 ? 27  LYS A CA  1 
ATOM   203  C  C   . LYS A 1 26  ? 16.776  -7.163  -6.208  1.00 19.07 ? 27  LYS A C   1 
ATOM   204  O  O   . LYS A 1 26  ? 16.580  -6.401  -5.262  1.00 19.10 ? 27  LYS A O   1 
ATOM   205  C  CB  . LYS A 1 26  ? 18.626  -6.737  -7.831  1.00 22.58 ? 27  LYS A CB  1 
ATOM   206  C  CG  . LYS A 1 26  ? 18.616  -5.232  -7.603  1.00 25.17 ? 27  LYS A CG  1 
ATOM   207  C  CD  . LYS A 1 26  ? 18.931  -4.480  -8.893  1.00 28.02 ? 27  LYS A CD  1 
ATOM   208  C  CE  . LYS A 1 26  ? 18.940  -2.978  -8.662  1.00 32.06 ? 27  LYS A CE  1 
ATOM   209  N  NZ  . LYS A 1 26  ? 19.223  -2.214  -9.914  1.00 36.44 ? 27  LYS A NZ  1 
ATOM   210  N  N   . LEU A 1 27  ? 15.794  -7.695  -6.928  1.00 16.69 ? 28  LEU A N   1 
ATOM   211  C  CA  . LEU A 1 27  ? 14.393  -7.416  -6.665  1.00 16.45 ? 28  LEU A CA  1 
ATOM   212  C  C   . LEU A 1 27  ? 13.965  -8.045  -5.334  1.00 16.76 ? 28  LEU A C   1 
ATOM   213  O  O   . LEU A 1 27  ? 13.190  -7.461  -4.573  1.00 14.89 ? 28  LEU A O   1 
ATOM   214  C  CB  . LEU A 1 27  ? 13.558  -7.964  -7.827  1.00 16.83 ? 28  LEU A CB  1 
ATOM   215  C  CG  . LEU A 1 27  ? 12.125  -7.494  -8.086  1.00 20.53 ? 28  LEU A CG  1 
ATOM   216  C  CD1 . LEU A 1 27  ? 11.161  -8.289  -7.246  1.00 23.52 ? 28  LEU A CD1 1 
ATOM   217  C  CD2 . LEU A 1 27  ? 12.011  -5.999  -7.835  1.00 16.63 ? 28  LEU A CD2 1 
ATOM   218  N  N   . HIS A 1 28  ? 14.491  -9.234  -5.048  1.00 17.69 ? 29  HIS A N   1 
ATOM   219  C  CA  . HIS A 1 28  ? 14.161  -9.936  -3.811  1.00 17.64 ? 29  HIS A CA  1 
ATOM   220  C  C   . HIS A 1 28  ? 14.717  -9.220  -2.579  1.00 18.33 ? 29  HIS A C   1 
ATOM   221  O  O   . HIS A 1 28  ? 14.071  -9.186  -1.530  1.00 16.69 ? 29  HIS A O   1 
ATOM   222  C  CB  . HIS A 1 28  ? 14.675  -11.377 -3.883  1.00 17.98 ? 29  HIS A CB  1 
ATOM   223  C  CG  . HIS A 1 28  ? 14.036  -12.187 -4.968  1.00 18.62 ? 29  HIS A CG  1 
ATOM   224  N  ND1 . HIS A 1 28  ? 14.456  -13.458 -5.297  1.00 21.21 ? 29  HIS A ND1 1 
ATOM   225  C  CD2 . HIS A 1 28  ? 13.013  -11.899 -5.811  1.00 20.11 ? 29  HIS A CD2 1 
ATOM   226  C  CE1 . HIS A 1 28  ? 13.725  -13.916 -6.298  1.00 21.17 ? 29  HIS A CE1 1 
ATOM   227  N  NE2 . HIS A 1 28  ? 12.842  -12.990 -6.629  1.00 21.52 ? 29  HIS A NE2 1 
ATOM   228  N  N   . GLN A 1 29  ? 15.910  -8.642  -2.703  1.00 18.22 ? 30  GLN A N   1 
ATOM   229  C  CA  . GLN A 1 29  ? 16.504  -7.928  -1.579  1.00 19.27 ? 30  GLN A CA  1 
ATOM   230  C  C   . GLN A 1 29  ? 15.711  -6.645  -1.314  1.00 18.71 ? 30  GLN A C   1 
ATOM   231  O  O   . GLN A 1 29  ? 15.577  -6.211  -0.168  1.00 18.11 ? 30  GLN A O   1 
ATOM   232  C  CB  . GLN A 1 29  ? 17.972  -7.593  -1.866  1.00 21.95 ? 30  GLN A CB  1 
ATOM   233  C  CG  . GLN A 1 29  ? 18.702  -6.894  -0.707  1.00 26.25 ? 30  GLN A CG  1 
ATOM   234  C  CD  . GLN A 1 29  ? 18.766  -7.741  0.571   1.00 29.22 ? 30  GLN A CD  1 
ATOM   235  O  OE1 . GLN A 1 29  ? 19.216  -8.891  0.548   1.00 29.40 ? 30  GLN A OE1 1 
ATOM   236  N  NE2 . GLN A 1 29  ? 18.324  -7.166  1.690   1.00 25.85 ? 30  GLN A NE2 1 
ATOM   237  N  N   . GLN A 1 30  ? 15.188  -6.038  -2.378  1.00 17.99 ? 31  GLN A N   1 
ATOM   238  C  CA  . GLN A 1 30  ? 14.399  -4.821  -2.237  1.00 17.64 ? 31  GLN A CA  1 
ATOM   239  C  C   . GLN A 1 30  ? 13.133  -5.149  -1.450  1.00 16.04 ? 31  GLN A C   1 
ATOM   240  O  O   . GLN A 1 30  ? 12.750  -4.421  -0.530  1.00 15.25 ? 31  GLN A O   1 
ATOM   241  C  CB  . GLN A 1 30  ? 14.028  -4.258  -3.608  1.00 16.61 ? 31  GLN A CB  1 
ATOM   242  C  CG  . GLN A 1 30  ? 15.218  -3.803  -4.421  1.00 19.51 ? 31  GLN A CG  1 
ATOM   243  C  CD  . GLN A 1 30  ? 14.817  -3.265  -5.776  1.00 19.47 ? 31  GLN A CD  1 
ATOM   244  O  OE1 . GLN A 1 30  ? 14.098  -3.923  -6.526  1.00 21.56 ? 31  GLN A OE1 1 
ATOM   245  N  NE2 . GLN A 1 30  ? 15.291  -2.069  -6.103  1.00 22.80 ? 31  GLN A NE2 1 
ATOM   246  N  N   . LEU A 1 31  ? 12.495  -6.250  -1.827  1.00 15.04 ? 32  LEU A N   1 
ATOM   247  C  CA  . LEU A 1 31  ? 11.289  -6.722  -1.162  1.00 15.21 ? 32  LEU A CA  1 
ATOM   248  C  C   . LEU A 1 31  ? 11.580  -7.044  0.305   1.00 17.09 ? 32  LEU A C   1 
ATOM   249  O  O   . LEU A 1 31  ? 10.752  -6.790  1.186   1.00 16.88 ? 32  LEU A O   1 
ATOM   250  C  CB  . LEU A 1 31  ? 10.762  -7.961  -1.890  1.00 14.24 ? 32  LEU A CB  1 
ATOM   251  C  CG  . LEU A 1 31  ? 10.099  -7.639  -3.232  1.00 13.90 ? 32  LEU A CG  1 
ATOM   252  C  CD1 . LEU A 1 31  ? 9.943   -8.886  -4.089  1.00 12.67 ? 32  LEU A CD1 1 
ATOM   253  C  CD2 . LEU A 1 31  ? 8.759   -6.986  -2.956  1.00 11.29 ? 32  LEU A CD2 1 
ATOM   254  N  N   . ASP A 1 32  ? 12.759  -7.602  0.567   1.00 17.32 ? 33  ASP A N   1 
ATOM   255  C  CA  . ASP A 1 32  ? 13.139  -7.928  1.935   1.00 17.42 ? 33  ASP A CA  1 
ATOM   256  C  C   . ASP A 1 32  ? 13.364  -6.660  2.742   1.00 17.41 ? 33  ASP A C   1 
ATOM   257  O  O   . ASP A 1 32  ? 12.985  -6.589  3.915   1.00 16.65 ? 33  ASP A O   1 
ATOM   258  C  CB  . ASP A 1 32  ? 14.412  -8.780  1.962   1.00 19.68 ? 33  ASP A CB  1 
ATOM   259  C  CG  . ASP A 1 32  ? 14.192  -10.167 1.399   1.00 19.65 ? 33  ASP A CG  1 
ATOM   260  O  OD1 . ASP A 1 32  ? 13.064  -10.686 1.514   1.00 20.63 ? 33  ASP A OD1 1 
ATOM   261  O  OD2 . ASP A 1 32  ? 15.152  -10.745 0.857   1.00 24.98 ? 33  ASP A OD2 1 
ATOM   262  N  N   . ASP A 1 33  ? 13.993  -5.667  2.118   1.00 16.98 ? 34  ASP A N   1 
ATOM   263  C  CA  . ASP A 1 33  ? 14.251  -4.398  2.790   1.00 16.83 ? 34  ASP A CA  1 
ATOM   264  C  C   . ASP A 1 33  ? 12.929  -3.684  3.050   1.00 16.72 ? 34  ASP A C   1 
ATOM   265  O  O   . ASP A 1 33  ? 12.788  -2.956  4.037   1.00 16.63 ? 34  ASP A O   1 
ATOM   266  C  CB  . ASP A 1 33  ? 15.153  -3.498  1.939   1.00 16.80 ? 34  ASP A CB  1 
ATOM   267  C  CG  . ASP A 1 33  ? 16.573  -4.020  1.833   1.00 18.04 ? 34  ASP A CG  1 
ATOM   268  O  OD1 . ASP A 1 33  ? 16.971  -4.881  2.648   1.00 13.89 ? 34  ASP A OD1 1 
ATOM   269  O  OD2 . ASP A 1 33  ? 17.297  -3.549  0.937   1.00 18.52 ? 34  ASP A OD2 1 
ATOM   270  N  N   . MET A 1 34  ? 11.968  -3.883  2.153   1.00 15.89 ? 35  MET A N   1 
ATOM   271  C  CA  . MET A 1 34  ? 10.652  -3.277  2.310   1.00 16.16 ? 35  MET A CA  1 
ATOM   272  C  C   . MET A 1 34  ? 9.921   -3.929  3.488   1.00 16.46 ? 35  MET A C   1 
ATOM   273  O  O   . MET A 1 34  ? 9.243   -3.245  4.255   1.00 17.52 ? 35  MET A O   1 
ATOM   274  C  CB  . MET A 1 34  ? 9.826   -3.432  1.023   1.00 14.35 ? 35  MET A CB  1 
ATOM   275  C  CG  . MET A 1 34  ? 10.141  -2.413  -0.075  1.00 9.18  ? 35  MET A CG  1 
ATOM   276  S  SD  . MET A 1 34  ? 9.271   -2.741  -1.651  1.00 15.41 ? 35  MET A SD  1 
ATOM   277  C  CE  . MET A 1 34  ? 7.523   -2.496  -1.102  1.00 10.55 ? 35  MET A CE  1 
ATOM   278  N  N   . TYR A 1 35  ? 10.062  -5.243  3.644   1.00 17.19 ? 36  TYR A N   1 
ATOM   279  C  CA  . TYR A 1 35  ? 9.388   -5.931  4.744   1.00 18.62 ? 36  TYR A CA  1 
ATOM   280  C  C   . TYR A 1 35  ? 9.986   -5.517  6.087   1.00 19.20 ? 36  TYR A C   1 
ATOM   281  O  O   . TYR A 1 35  ? 9.264   -5.292  7.056   1.00 18.04 ? 36  TYR A O   1 
ATOM   282  C  CB  . TYR A 1 35  ? 9.495   -7.455  4.597   1.00 18.90 ? 36  TYR A CB  1 
ATOM   283  C  CG  . TYR A 1 35  ? 8.648   -8.189  5.615   1.00 18.81 ? 36  TYR A CG  1 
ATOM   284  C  CD1 . TYR A 1 35  ? 7.275   -8.322  5.435   1.00 19.67 ? 36  TYR A CD1 1 
ATOM   285  C  CD2 . TYR A 1 35  ? 9.207   -8.674  6.802   1.00 20.47 ? 36  TYR A CD2 1 
ATOM   286  C  CE1 . TYR A 1 35  ? 6.467   -8.918  6.412   1.00 20.26 ? 36  TYR A CE1 1 
ATOM   287  C  CE2 . TYR A 1 35  ? 8.412   -9.268  7.788   1.00 21.20 ? 36  TYR A CE2 1 
ATOM   288  C  CZ  . TYR A 1 35  ? 7.040   -9.385  7.585   1.00 22.46 ? 36  TYR A CZ  1 
ATOM   289  O  OH  . TYR A 1 35  ? 6.240   -9.953  8.557   1.00 22.93 ? 36  TYR A OH  1 
ATOM   290  N  N   . GLU A 1 36  ? 11.312  -5.436  6.130   1.00 19.28 ? 37  GLU A N   1 
ATOM   291  C  CA  . GLU A 1 36  ? 12.036  -5.046  7.332   1.00 19.55 ? 37  GLU A CA  1 
ATOM   292  C  C   . GLU A 1 36  ? 11.656  -3.612  7.706   1.00 18.69 ? 37  GLU A C   1 
ATOM   293  O  O   . GLU A 1 36  ? 11.446  -3.291  8.874   1.00 21.14 ? 37  GLU A O   1 
ATOM   294  C  CB  . GLU A 1 36  ? 13.548  -5.149  7.073   1.00 17.90 ? 37  GLU A CB  1 
ATOM   295  C  CG  . GLU A 1 36  ? 14.435  -4.838  8.272   1.00 18.57 ? 37  GLU A CG  1 
ATOM   296  C  CD  . GLU A 1 36  ? 15.915  -5.045  7.978   1.00 21.19 ? 37  GLU A CD  1 
ATOM   297  O  OE1 . GLU A 1 36  ? 16.752  -4.604  8.793   1.00 20.98 ? 37  GLU A OE1 1 
ATOM   298  O  OE2 . GLU A 1 36  ? 16.244  -5.650  6.933   1.00 22.43 ? 37  GLU A OE2 1 
ATOM   299  N  N   . THR A 1 37  ? 11.558  -2.761  6.696   1.00 17.06 ? 38  THR A N   1 
ATOM   300  C  CA  . THR A 1 37  ? 11.206  -1.360  6.888   1.00 17.21 ? 38  THR A CA  1 
ATOM   301  C  C   . THR A 1 37  ? 9.759   -1.188  7.352   1.00 16.72 ? 38  THR A C   1 
ATOM   302  O  O   . THR A 1 37  ? 9.480   -0.377  8.237   1.00 16.23 ? 38  THR A O   1 
ATOM   303  C  CB  . THR A 1 37  ? 11.419  -0.568  5.581   1.00 15.11 ? 38  THR A CB  1 
ATOM   304  O  OG1 . THR A 1 37  ? 12.800  -0.649  5.199   1.00 16.38 ? 38  THR A OG1 1 
ATOM   305  C  CG2 . THR A 1 37  ? 11.021  0.900   5.758   1.00 15.06 ? 38  THR A CG2 1 
ATOM   306  N  N   . MET A 1 38  ? 8.848   -1.956  6.758   1.00 17.24 ? 39  MET A N   1 
ATOM   307  C  CA  . MET A 1 38  ? 7.431   -1.883  7.113   1.00 18.72 ? 39  MET A CA  1 
ATOM   308  C  C   . MET A 1 38  ? 7.188   -2.293  8.565   1.00 18.28 ? 39  MET A C   1 
ATOM   309  O  O   . MET A 1 38  ? 6.500   -1.598  9.312   1.00 18.38 ? 39  MET A O   1 
ATOM   310  C  CB  . MET A 1 38  ? 6.596   -2.777  6.183   1.00 16.72 ? 39  MET A CB  1 
ATOM   311  C  CG  . MET A 1 38  ? 5.130   -2.885  6.585   1.00 17.86 ? 39  MET A CG  1 
ATOM   312  S  SD  . MET A 1 38  ? 4.096   -3.877  5.473   1.00 18.38 ? 39  MET A SD  1 
ATOM   313  C  CE  . MET A 1 38  ? 4.584   -5.529  5.918   1.00 18.86 ? 39  MET A CE  1 
ATOM   314  N  N   . ILE A 1 39  ? 7.759   -3.429  8.948   1.00 19.04 ? 40  ILE A N   1 
ATOM   315  C  CA  . ILE A 1 39  ? 7.613   -3.952  10.296  1.00 18.65 ? 40  ILE A CA  1 
ATOM   316  C  C   . ILE A 1 39  ? 8.254   -3.017  11.312  1.00 19.70 ? 40  ILE A C   1 
ATOM   317  O  O   . ILE A 1 39  ? 7.693   -2.768  12.380  1.00 19.05 ? 40  ILE A O   1 
ATOM   318  C  CB  . ILE A 1 39  ? 8.255   -5.354  10.407  1.00 20.27 ? 40  ILE A CB  1 
ATOM   319  C  CG1 . ILE A 1 39  ? 7.517   -6.331  9.488   1.00 17.94 ? 40  ILE A CG1 1 
ATOM   320  C  CG2 . ILE A 1 39  ? 8.246   -5.831  11.853  1.00 19.72 ? 40  ILE A CG2 1 
ATOM   321  C  CD1 . ILE A 1 39  ? 6.031   -6.429  9.754   1.00 20.06 ? 40  ILE A CD1 1 
ATOM   322  N  N   . ALA A 1 40  ? 9.430   -2.496  10.975  1.00 20.44 ? 41  ALA A N   1 
ATOM   323  C  CA  . ALA A 1 40  ? 10.139  -1.580  11.861  1.00 19.84 ? 41  ALA A CA  1 
ATOM   324  C  C   . ALA A 1 40  ? 9.291   -0.347  12.179  1.00 21.44 ? 41  ALA A C   1 
ATOM   325  O  O   . ALA A 1 40  ? 9.337   0.167   13.296  1.00 20.21 ? 41  ALA A O   1 
ATOM   326  C  CB  . ALA A 1 40  ? 11.456  -1.162  11.226  1.00 20.77 ? 41  ALA A CB  1 
ATOM   327  N  N   . SER A 1 41  ? 8.526   0.138   11.200  1.00 21.10 ? 42  SER A N   1 
ATOM   328  C  CA  . SER A 1 41  ? 7.675   1.306   11.434  1.00 21.68 ? 42  SER A CA  1 
ATOM   329  C  C   . SER A 1 41  ? 6.251   0.888   11.765  1.00 22.49 ? 42  SER A C   1 
ATOM   330  O  O   . SER A 1 41  ? 5.332   1.707   11.772  1.00 21.59 ? 42  SER A O   1 
ATOM   331  C  CB  . SER A 1 41  ? 7.679   2.238   10.221  1.00 20.77 ? 42  SER A CB  1 
ATOM   332  O  OG  . SER A 1 41  ? 8.857   3.034   10.211  1.00 25.19 ? 42  SER A OG  1 
ATOM   333  N  N   . GLU A 1 42  ? 6.089   -0.406  12.026  1.00 23.11 ? 43  GLU A N   1 
ATOM   334  C  CA  . GLU A 1 42  ? 4.807   -0.993  12.392  1.00 24.65 ? 43  GLU A CA  1 
ATOM   335  C  C   . GLU A 1 42  ? 3.658   -0.742  11.421  1.00 24.38 ? 43  GLU A C   1 
ATOM   336  O  O   . GLU A 1 42  ? 2.587   -0.278  11.813  1.00 23.08 ? 43  GLU A O   1 
ATOM   337  C  CB  . GLU A 1 42  ? 4.432   -0.534  13.798  1.00 27.04 ? 43  GLU A CB  1 
ATOM   338  C  CG  . GLU A 1 42  ? 5.433   -1.015  14.844  1.00 30.39 ? 43  GLU A CG  1 
ATOM   339  C  CD  . GLU A 1 42  ? 5.265   -0.331  16.175  1.00 33.35 ? 43  GLU A CD  1 
ATOM   340  O  OE1 . GLU A 1 42  ? 4.133   -0.325  16.703  1.00 36.27 ? 43  GLU A OE1 1 
ATOM   341  O  OE2 . GLU A 1 42  ? 6.270   0.194   16.699  1.00 37.27 ? 43  GLU A OE2 1 
ATOM   342  N  N   . GLY A 1 43  ? 3.889   -1.068  10.154  1.00 22.42 ? 44  GLY A N   1 
ATOM   343  C  CA  . GLY A 1 43  ? 2.862   -0.899  9.145   1.00 20.18 ? 44  GLY A CA  1 
ATOM   344  C  C   . GLY A 1 43  ? 2.339   -2.255  8.702   1.00 18.18 ? 44  GLY A C   1 
ATOM   345  O  O   . GLY A 1 43  ? 2.947   -3.285  8.989   1.00 17.81 ? 44  GLY A O   1 
ATOM   346  N  N   . ILE A 1 44  ? 1.199   -2.267  8.023   1.00 16.27 ? 45  ILE A N   1 
ATOM   347  C  CA  . ILE A 1 44  ? 0.633   -3.514  7.535   1.00 16.46 ? 45  ILE A CA  1 
ATOM   348  C  C   . ILE A 1 44  ? 0.735   -3.554  6.011   1.00 15.83 ? 45  ILE A C   1 
ATOM   349  O  O   . ILE A 1 44  ? 0.584   -4.612  5.404   1.00 16.68 ? 45  ILE A O   1 
ATOM   350  C  CB  . ILE A 1 44  ? -0.845  -3.684  7.985   1.00 17.76 ? 45  ILE A CB  1 
ATOM   351  C  CG1 . ILE A 1 44  ? -1.706  -2.541  7.448   1.00 21.74 ? 45  ILE A CG1 1 
ATOM   352  C  CG2 . ILE A 1 44  ? -0.920  -3.703  9.507   1.00 18.04 ? 45  ILE A CG2 1 
ATOM   353  C  CD1 . ILE A 1 44  ? -3.157  -2.608  7.913   1.00 26.53 ? 45  ILE A CD1 1 
ATOM   354  N  N   . GLY A 1 45  ? 1.009   -2.397  5.406   1.00 14.21 ? 46  GLY A N   1 
ATOM   355  C  CA  . GLY A 1 45  ? 1.153   -2.313  3.962   1.00 12.00 ? 46  GLY A CA  1 
ATOM   356  C  C   . GLY A 1 45  ? 2.243   -1.330  3.550   1.00 13.36 ? 46  GLY A C   1 
ATOM   357  O  O   . GLY A 1 45  ? 2.482   -0.333  4.238   1.00 11.41 ? 46  GLY A O   1 
ATOM   358  N  N   . LEU A 1 46  ? 2.914   -1.605  2.435   1.00 12.11 ? 47  LEU A N   1 
ATOM   359  C  CA  . LEU A 1 46  ? 3.967   -0.718  1.944   1.00 13.73 ? 47  LEU A CA  1 
ATOM   360  C  C   . LEU A 1 46  ? 4.207   -0.877  0.442   1.00 13.87 ? 47  LEU A C   1 
ATOM   361  O  O   . LEU A 1 46  ? 4.360   -1.989  -0.061  1.00 15.98 ? 47  LEU A O   1 
ATOM   362  C  CB  . LEU A 1 46  ? 5.281   -0.974  2.694   1.00 12.35 ? 47  LEU A CB  1 
ATOM   363  C  CG  . LEU A 1 46  ? 6.453   -0.068  2.309   1.00 13.26 ? 47  LEU A CG  1 
ATOM   364  C  CD1 . LEU A 1 46  ? 6.166   1.350   2.784   1.00 14.67 ? 47  LEU A CD1 1 
ATOM   365  C  CD2 . LEU A 1 46  ? 7.753   -0.584  2.912   1.00 10.99 ? 47  LEU A CD2 1 
ATOM   366  N  N   . ALA A 1 47  ? 4.240   0.248   -0.266  1.00 17.13 ? 48  ALA A N   1 
ATOM   367  C  CA  . ALA A 1 47  ? 4.476   0.262   -1.707  1.00 15.97 ? 48  ALA A CA  1 
ATOM   368  C  C   . ALA A 1 47  ? 5.914   0.704   -1.960  1.00 16.72 ? 48  ALA A C   1 
ATOM   369  O  O   . ALA A 1 47  ? 6.516   1.381   -1.126  1.00 17.31 ? 48  ALA A O   1 
ATOM   370  C  CB  . ALA A 1 47  ? 3.506   1.214   -2.382  1.00 16.26 ? 48  ALA A CB  1 
ATOM   371  N  N   . ALA A 1 48  ? 6.459   0.331   -3.112  1.00 18.00 ? 49  ALA A N   1 
ATOM   372  C  CA  . ALA A 1 48  ? 7.836   0.672   -3.451  1.00 16.89 ? 49  ALA A CA  1 
ATOM   373  C  C   . ALA A 1 48  ? 8.209   2.161   -3.430  1.00 16.43 ? 49  ALA A C   1 
ATOM   374  O  O   . ALA A 1 48  ? 9.265   2.506   -2.907  1.00 14.54 ? 49  ALA A O   1 
ATOM   375  C  CB  . ALA A 1 48  ? 8.206   0.051   -4.798  1.00 15.42 ? 49  ALA A CB  1 
ATOM   376  N  N   . ILE A 1 49  ? 7.378   3.050   -3.979  1.00 16.39 ? 50  ILE A N   1 
ATOM   377  C  CA  . ILE A 1 49  ? 7.740   4.471   -3.961  1.00 16.18 ? 50  ILE A CA  1 
ATOM   378  C  C   . ILE A 1 49  ? 7.846   5.029   -2.557  1.00 15.04 ? 50  ILE A C   1 
ATOM   379  O  O   . ILE A 1 49  ? 8.510   6.043   -2.346  1.00 17.58 ? 50  ILE A O   1 
ATOM   380  C  CB  . ILE A 1 49  ? 6.746   5.391   -4.726  1.00 17.18 ? 50  ILE A CB  1 
ATOM   381  C  CG1 . ILE A 1 49  ? 5.434   4.660   -4.964  1.00 16.55 ? 50  ILE A CG1 1 
ATOM   382  C  CG2 . ILE A 1 49  ? 7.412   5.957   -5.971  1.00 17.67 ? 50  ILE A CG2 1 
ATOM   383  C  CD1 . ILE A 1 49  ? 4.588   4.535   -3.719  1.00 15.88 ? 50  ILE A CD1 1 
ATOM   384  N  N   . GLN A 1 50  ? 7.185   4.386   -1.601  1.00 13.78 ? 51  GLN A N   1 
ATOM   385  C  CA  . GLN A 1 50  ? 7.240   4.844   -0.219  1.00 14.29 ? 51  GLN A CA  1 
ATOM   386  C  C   . GLN A 1 50  ? 8.662   4.756   0.326   1.00 15.58 ? 51  GLN A C   1 
ATOM   387  O  O   . GLN A 1 50  ? 8.961   5.288   1.397   1.00 14.08 ? 51  GLN A O   1 
ATOM   388  C  CB  . GLN A 1 50  ? 6.268   4.046   0.648   1.00 13.30 ? 51  GLN A CB  1 
ATOM   389  C  CG  . GLN A 1 50  ? 4.822   4.469   0.462   1.00 11.11 ? 51  GLN A CG  1 
ATOM   390  C  CD  . GLN A 1 50  ? 3.877   3.733   1.381   1.00 13.22 ? 51  GLN A CD  1 
ATOM   391  O  OE1 . GLN A 1 50  ? 3.524   2.577   1.137   1.00 13.10 ? 51  GLN A OE1 1 
ATOM   392  N  NE2 . GLN A 1 50  ? 3.471   4.393   2.459   1.00 15.39 ? 51  GLN A NE2 1 
ATOM   393  N  N   . VAL A 1 51  ? 9.532   4.073   -0.416  1.00 14.41 ? 52  VAL A N   1 
ATOM   394  C  CA  . VAL A 1 51  ? 10.935  3.977   -0.044  1.00 16.43 ? 52  VAL A CA  1 
ATOM   395  C  C   . VAL A 1 51  ? 11.776  4.467   -1.218  1.00 16.54 ? 52  VAL A C   1 
ATOM   396  O  O   . VAL A 1 51  ? 12.975  4.220   -1.281  1.00 16.67 ? 52  VAL A O   1 
ATOM   397  C  CB  . VAL A 1 51  ? 11.364  2.539   0.336   1.00 16.21 ? 52  VAL A CB  1 
ATOM   398  C  CG1 . VAL A 1 51  ? 10.708  2.140   1.650   1.00 17.72 ? 52  VAL A CG1 1 
ATOM   399  C  CG2 . VAL A 1 51  ? 11.012  1.570   -0.775  1.00 12.92 ? 52  VAL A CG2 1 
ATOM   400  N  N   . GLY A 1 52  ? 11.131  5.152   -2.157  1.00 15.46 ? 53  GLY A N   1 
ATOM   401  C  CA  . GLY A 1 52  ? 11.850  5.702   -3.296  1.00 17.85 ? 53  GLY A CA  1 
ATOM   402  C  C   . GLY A 1 52  ? 12.102  4.828   -4.514  1.00 18.46 ? 53  GLY A C   1 
ATOM   403  O  O   . GLY A 1 52  ? 12.879  5.209   -5.396  1.00 16.22 ? 53  GLY A O   1 
ATOM   404  N  N   . LEU A 1 53  ? 11.467  3.660   -4.569  1.00 17.86 ? 54  LEU A N   1 
ATOM   405  C  CA  . LEU A 1 53  ? 11.639  2.764   -5.706  1.00 18.51 ? 54  LEU A CA  1 
ATOM   406  C  C   . LEU A 1 53  ? 10.390  2.841   -6.584  1.00 18.91 ? 54  LEU A C   1 
ATOM   407  O  O   . LEU A 1 53  ? 9.341   2.302   -6.236  1.00 16.08 ? 54  LEU A O   1 
ATOM   408  C  CB  . LEU A 1 53  ? 11.857  1.325   -5.230  1.00 21.50 ? 54  LEU A CB  1 
ATOM   409  C  CG  . LEU A 1 53  ? 13.050  1.074   -4.297  1.00 24.14 ? 54  LEU A CG  1 
ATOM   410  C  CD1 . LEU A 1 53  ? 13.063  -0.392  -3.866  1.00 23.43 ? 54  LEU A CD1 1 
ATOM   411  C  CD2 . LEU A 1 53  ? 14.355  1.436   -5.005  1.00 24.35 ? 54  LEU A CD2 1 
ATOM   412  N  N   . PRO A 1 54  ? 10.490  3.522   -7.735  1.00 18.20 ? 55  PRO A N   1 
ATOM   413  C  CA  . PRO A 1 54  ? 9.357   3.661   -8.649  1.00 18.50 ? 55  PRO A CA  1 
ATOM   414  C  C   . PRO A 1 54  ? 9.024   2.375   -9.403  1.00 18.32 ? 55  PRO A C   1 
ATOM   415  O  O   . PRO A 1 54  ? 9.009   2.351   -10.630 1.00 18.80 ? 55  PRO A O   1 
ATOM   416  C  CB  . PRO A 1 54  ? 9.803   4.793   -9.570  1.00 20.19 ? 55  PRO A CB  1 
ATOM   417  C  CG  . PRO A 1 54  ? 11.281  4.559   -9.672  1.00 20.60 ? 55  PRO A CG  1 
ATOM   418  C  CD  . PRO A 1 54  ? 11.670  4.251   -8.241  1.00 19.05 ? 55  PRO A CD  1 
ATOM   419  N  N   . LEU A 1 55  ? 8.759   1.307   -8.654  1.00 18.46 ? 56  LEU A N   1 
ATOM   420  C  CA  . LEU A 1 55  ? 8.416   0.010   -9.236  1.00 17.56 ? 56  LEU A CA  1 
ATOM   421  C  C   . LEU A 1 55  ? 7.007   -0.388  -8.795  1.00 16.78 ? 56  LEU A C   1 
ATOM   422  O  O   . LEU A 1 55  ? 6.600   -0.119  -7.660  1.00 14.59 ? 56  LEU A O   1 
ATOM   423  C  CB  . LEU A 1 55  ? 9.416   -1.062  -8.784  1.00 18.16 ? 56  LEU A CB  1 
ATOM   424  C  CG  . LEU A 1 55  ? 10.891  -0.864  -9.158  1.00 19.90 ? 56  LEU A CG  1 
ATOM   425  C  CD1 . LEU A 1 55  ? 11.741  -1.962  -8.516  1.00 18.66 ? 56  LEU A CD1 1 
ATOM   426  C  CD2 . LEU A 1 55  ? 11.041  -0.890  -10.673 1.00 21.20 ? 56  LEU A CD2 1 
ATOM   427  N  N   . ARG A 1 56  ? 6.267   -1.033  -9.690  1.00 15.93 ? 57  ARG A N   1 
ATOM   428  C  CA  . ARG A 1 56  ? 4.908   -1.448  -9.387  1.00 15.18 ? 57  ARG A CA  1 
ATOM   429  C  C   . ARG A 1 56  ? 4.868   -2.747  -8.596  1.00 16.12 ? 57  ARG A C   1 
ATOM   430  O  O   . ARG A 1 56  ? 4.568   -3.820  -9.128  1.00 15.89 ? 57  ARG A O   1 
ATOM   431  C  CB  . ARG A 1 56  ? 4.094   -1.581  -10.679 1.00 13.27 ? 57  ARG A CB  1 
ATOM   432  C  CG  . ARG A 1 56  ? 3.979   -0.278  -11.449 1.00 15.75 ? 57  ARG A CG  1 
ATOM   433  C  CD  . ARG A 1 56  ? 3.089   -0.412  -12.680 1.00 13.47 ? 57  ARG A CD  1 
ATOM   434  N  NE  . ARG A 1 56  ? 1.672   -0.308  -12.345 1.00 13.70 ? 57  ARG A NE  1 
ATOM   435  C  CZ  . ARG A 1 56  ? 1.061   0.826   -12.003 1.00 11.03 ? 57  ARG A CZ  1 
ATOM   436  N  NH1 . ARG A 1 56  ? 1.736   1.968   -11.949 1.00 6.78  ? 57  ARG A NH1 1 
ATOM   437  N  NH2 . ARG A 1 56  ? -0.227  0.816   -11.712 1.00 10.24 ? 57  ARG A NH2 1 
ATOM   438  N  N   . MET A 1 57  ? 5.194   -2.636  -7.314  1.00 17.07 ? 58  MET A N   1 
ATOM   439  C  CA  . MET A 1 57  ? 5.181   -3.771  -6.411  1.00 16.15 ? 58  MET A CA  1 
ATOM   440  C  C   . MET A 1 57  ? 4.899   -3.242  -5.016  1.00 16.30 ? 58  MET A C   1 
ATOM   441  O  O   . MET A 1 57  ? 5.265   -2.112  -4.678  1.00 14.75 ? 58  MET A O   1 
ATOM   442  C  CB  . MET A 1 57  ? 6.514   -4.531  -6.450  1.00 18.95 ? 58  MET A CB  1 
ATOM   443  C  CG  . MET A 1 57  ? 7.730   -3.794  -5.920  1.00 20.28 ? 58  MET A CG  1 
ATOM   444  S  SD  . MET A 1 57  ? 9.221   -4.843  -6.094  1.00 25.24 ? 58  MET A SD  1 
ATOM   445  C  CE  . MET A 1 57  ? 10.424  -3.936  -5.104  1.00 18.16 ? 58  MET A CE  1 
ATOM   446  N  N   . LEU A 1 58  ? 4.231   -4.061  -4.216  1.00 15.72 ? 59  LEU A N   1 
ATOM   447  C  CA  . LEU A 1 58  ? 3.859   -3.667  -2.871  1.00 16.62 ? 59  LEU A CA  1 
ATOM   448  C  C   . LEU A 1 58  ? 3.730   -4.911  -2.010  1.00 16.51 ? 59  LEU A C   1 
ATOM   449  O  O   . LEU A 1 58  ? 3.570   -6.017  -2.531  1.00 16.24 ? 59  LEU A O   1 
ATOM   450  C  CB  . LEU A 1 58  ? 2.518   -2.928  -2.923  1.00 12.92 ? 59  LEU A CB  1 
ATOM   451  C  CG  . LEU A 1 58  ? 1.361   -3.759  -3.495  1.00 15.50 ? 59  LEU A CG  1 
ATOM   452  C  CD1 . LEU A 1 58  ? 0.617   -4.465  -2.355  1.00 11.68 ? 59  LEU A CD1 1 
ATOM   453  C  CD2 . LEU A 1 58  ? 0.410   -2.861  -4.277  1.00 11.49 ? 59  LEU A CD2 1 
ATOM   454  N  N   . ILE A 1 59  ? 3.812   -4.732  -0.696  1.00 15.36 ? 60  ILE A N   1 
ATOM   455  C  CA  . ILE A 1 59  ? 3.664   -5.856  0.220   1.00 15.51 ? 60  ILE A CA  1 
ATOM   456  C  C   . ILE A 1 59  ? 2.554   -5.574  1.218   1.00 16.98 ? 60  ILE A C   1 
ATOM   457  O  O   . ILE A 1 59  ? 2.298   -4.417  1.573   1.00 13.76 ? 60  ILE A O   1 
ATOM   458  C  CB  . ILE A 1 59  ? 4.963   -6.155  1.014   1.00 13.63 ? 60  ILE A CB  1 
ATOM   459  C  CG1 . ILE A 1 59  ? 5.446   -4.902  1.743   1.00 13.75 ? 60  ILE A CG1 1 
ATOM   460  C  CG2 . ILE A 1 59  ? 6.028   -6.683  0.084   1.00 12.72 ? 60  ILE A CG2 1 
ATOM   461  C  CD1 . ILE A 1 59  ? 6.599   -5.171  2.693   1.00 13.67 ? 60  ILE A CD1 1 
ATOM   462  N  N   . ILE A 1 60  ? 1.882   -6.639  1.646   1.00 17.98 ? 61  ILE A N   1 
ATOM   463  C  CA  . ILE A 1 60  ? 0.807   -6.527  2.616   1.00 18.12 ? 61  ILE A CA  1 
ATOM   464  C  C   . ILE A 1 60  ? 0.875   -7.694  3.591   1.00 19.45 ? 61  ILE A C   1 
ATOM   465  O  O   . ILE A 1 60  ? 0.960   -8.850  3.185   1.00 19.57 ? 61  ILE A O   1 
ATOM   466  C  CB  . ILE A 1 60  ? -0.586  -6.555  1.952   1.00 16.74 ? 61  ILE A CB  1 
ATOM   467  C  CG1 . ILE A 1 60  ? -0.737  -5.402  0.965   1.00 15.45 ? 61  ILE A CG1 1 
ATOM   468  C  CG2 . ILE A 1 60  ? -1.670  -6.441  3.029   1.00 15.43 ? 61  ILE A CG2 1 
ATOM   469  C  CD1 . ILE A 1 60  ? -2.071  -5.411  0.234   1.00 13.67 ? 61  ILE A CD1 1 
ATOM   470  N  N   . ASN A 1 61  ? 0.840   -7.386  4.881   1.00 20.81 ? 62  ASN A N   1 
ATOM   471  C  CA  . ASN A 1 61  ? 0.861   -8.425  5.893   1.00 23.17 ? 62  ASN A CA  1 
ATOM   472  C  C   . ASN A 1 61  ? -0.060  -8.013  7.031   1.00 23.56 ? 62  ASN A C   1 
ATOM   473  O  O   . ASN A 1 61  ? 0.340   -7.310  7.958   1.00 22.65 ? 62  ASN A O   1 
ATOM   474  C  CB  . ASN A 1 61  ? 2.285   -8.662  6.403   1.00 25.26 ? 62  ASN A CB  1 
ATOM   475  C  CG  . ASN A 1 61  ? 2.395   -9.911  7.257   1.00 27.77 ? 62  ASN A CG  1 
ATOM   476  O  OD1 . ASN A 1 61  ? 1.578   -10.826 7.144   1.00 29.33 ? 62  ASN A OD1 1 
ATOM   477  N  ND2 . ASN A 1 61  ? 3.415   -9.963  8.101   1.00 30.11 ? 62  ASN A ND2 1 
ATOM   478  N  N   . LEU A 1 62  ? -1.312  -8.445  6.934   1.00 24.86 ? 63  LEU A N   1 
ATOM   479  C  CA  . LEU A 1 62  ? -2.311  -8.131  7.941   1.00 28.63 ? 63  LEU A CA  1 
ATOM   480  C  C   . LEU A 1 62  ? -2.096  -9.013  9.166   1.00 30.13 ? 63  LEU A C   1 
ATOM   481  O  O   . LEU A 1 62  ? -1.705  -10.173 9.042   1.00 28.79 ? 63  LEU A O   1 
ATOM   482  C  CB  . LEU A 1 62  ? -3.716  -8.366  7.379   1.00 28.75 ? 63  LEU A CB  1 
ATOM   483  C  CG  . LEU A 1 62  ? -4.080  -7.694  6.047   1.00 28.94 ? 63  LEU A CG  1 
ATOM   484  C  CD1 . LEU A 1 62  ? -5.531  -8.017  5.700   1.00 28.50 ? 63  LEU A CD1 1 
ATOM   485  C  CD2 . LEU A 1 62  ? -3.881  -6.188  6.139   1.00 28.60 ? 63  LEU A CD2 1 
ATOM   486  N  N   . PRO A 1 63  ? -2.328  -8.466  10.369  1.00 33.02 ? 64  PRO A N   1 
ATOM   487  C  CA  . PRO A 1 63  ? -2.148  -9.263  11.585  1.00 37.19 ? 64  PRO A CA  1 
ATOM   488  C  C   . PRO A 1 63  ? -3.312  -10.242 11.681  1.00 41.01 ? 64  PRO A C   1 
ATOM   489  O  O   . PRO A 1 63  ? -4.406  -9.949  11.203  1.00 41.16 ? 64  PRO A O   1 
ATOM   490  C  CB  . PRO A 1 63  ? -2.170  -8.211  12.689  1.00 35.92 ? 64  PRO A CB  1 
ATOM   491  C  CG  . PRO A 1 63  ? -3.134  -7.199  12.148  1.00 35.69 ? 64  PRO A CG  1 
ATOM   492  C  CD  . PRO A 1 63  ? -2.711  -7.081  10.697  1.00 33.60 ? 64  PRO A CD  1 
ATOM   493  N  N   . GLN A 1 64  ? -3.087  -11.401 12.288  1.00 46.36 ? 65  GLN A N   1 
ATOM   494  C  CA  . GLN A 1 64  ? -4.157  -12.382 12.395  1.00 51.56 ? 65  GLN A CA  1 
ATOM   495  C  C   . GLN A 1 64  ? -4.922  -12.340 13.713  1.00 53.90 ? 65  GLN A C   1 
ATOM   496  O  O   . GLN A 1 64  ? -4.986  -11.303 14.372  1.00 53.30 ? 65  GLN A O   1 
ATOM   497  C  CB  . GLN A 1 64  ? -3.609  -13.789 12.139  1.00 52.86 ? 65  GLN A CB  1 
ATOM   498  C  CG  . GLN A 1 64  ? -2.375  -14.151 12.934  1.00 56.22 ? 65  GLN A CG  1 
ATOM   499  C  CD  . GLN A 1 64  ? -1.929  -15.578 12.671  1.00 58.63 ? 65  GLN A CD  1 
ATOM   500  O  OE1 . GLN A 1 64  ? -1.674  -15.963 11.526  1.00 59.06 ? 65  GLN A OE1 1 
ATOM   501  N  NE2 . GLN A 1 64  ? -1.836  -16.374 13.733  1.00 59.32 ? 65  GLN A NE2 1 
ATOM   502  N  N   . GLU A 1 65  ? -5.514  -13.474 14.075  1.00 57.83 ? 66  GLU A N   1 
ATOM   503  C  CA  . GLU A 1 65  ? -6.295  -13.607 15.303  1.00 61.24 ? 66  GLU A CA  1 
ATOM   504  C  C   . GLU A 1 65  ? -5.587  -12.987 16.505  1.00 61.97 ? 66  GLU A C   1 
ATOM   505  O  O   . GLU A 1 65  ? -6.052  -11.993 17.067  1.00 61.36 ? 66  GLU A O   1 
ATOM   506  C  CB  . GLU A 1 65  ? -6.573  -15.087 15.577  1.00 63.50 ? 66  GLU A CB  1 
ATOM   507  C  CG  . GLU A 1 65  ? -7.190  -15.825 14.395  1.00 67.66 ? 66  GLU A CG  1 
ATOM   508  C  CD  . GLU A 1 65  ? -7.436  -17.296 14.681  1.00 69.37 ? 66  GLU A CD  1 
ATOM   509  O  OE1 . GLU A 1 65  ? -6.468  -18.008 15.023  1.00 70.19 ? 66  GLU A OE1 1 
ATOM   510  O  OE2 . GLU A 1 65  ? -8.597  -17.740 14.556  1.00 70.56 ? 66  GLU A OE2 1 
ATOM   511  N  N   . ASP A 1 66  ? -4.464  -13.585 16.891  1.00 62.42 ? 67  ASP A N   1 
ATOM   512  C  CA  . ASP A 1 66  ? -3.671  -13.111 18.023  1.00 62.16 ? 67  ASP A CA  1 
ATOM   513  C  C   . ASP A 1 66  ? -3.391  -11.615 17.938  1.00 60.42 ? 67  ASP A C   1 
ATOM   514  O  O   . ASP A 1 66  ? -3.077  -10.975 18.942  1.00 61.71 ? 67  ASP A O   1 
ATOM   515  C  CB  . ASP A 1 66  ? -2.348  -13.872 18.083  1.00 63.79 ? 67  ASP A CB  1 
ATOM   516  C  CG  . ASP A 1 66  ? -1.705  -14.013 16.721  1.00 66.20 ? 67  ASP A CG  1 
ATOM   517  O  OD1 . ASP A 1 66  ? -1.713  -13.021 15.962  1.00 67.02 ? 67  ASP A OD1 1 
ATOM   518  O  OD2 . ASP A 1 66  ? -1.187  -15.107 16.410  1.00 67.50 ? 67  ASP A OD2 1 
ATOM   519  N  N   . GLY A 1 67  ? -3.503  -11.062 16.736  1.00 58.31 ? 68  GLY A N   1 
ATOM   520  C  CA  . GLY A 1 67  ? -3.257  -9.645  16.553  1.00 53.82 ? 68  GLY A CA  1 
ATOM   521  C  C   . GLY A 1 67  ? -1.815  -9.367  16.187  1.00 50.98 ? 68  GLY A C   1 
ATOM   522  O  O   . GLY A 1 67  ? -1.388  -8.214  16.148  1.00 49.66 ? 68  GLY A O   1 
ATOM   523  N  N   . VAL A 1 68  ? -1.059  -10.429 15.921  1.00 48.28 ? 69  VAL A N   1 
ATOM   524  C  CA  . VAL A 1 68  ? 0.343   -10.293 15.548  1.00 46.57 ? 69  VAL A CA  1 
ATOM   525  C  C   . VAL A 1 68  ? 0.529   -10.618 14.065  1.00 45.14 ? 69  VAL A C   1 
ATOM   526  O  O   . VAL A 1 68  ? -0.315  -11.275 13.453  1.00 44.78 ? 69  VAL A O   1 
ATOM   527  C  CB  . VAL A 1 68  ? 1.245   -11.239 16.383  1.00 46.19 ? 69  VAL A CB  1 
ATOM   528  C  CG1 . VAL A 1 68  ? 0.842   -11.182 17.844  1.00 46.60 ? 69  VAL A CG1 1 
ATOM   529  C  CG2 . VAL A 1 68  ? 1.156   -12.656 15.856  1.00 46.91 ? 69  VAL A CG2 1 
ATOM   530  N  N   . GLN A 1 69  ? 1.633   -10.150 13.493  1.00 42.54 ? 70  GLN A N   1 
ATOM   531  C  CA  . GLN A 1 69  ? 1.929   -10.404 12.090  1.00 40.57 ? 70  GLN A CA  1 
ATOM   532  C  C   . GLN A 1 69  ? 2.899   -11.571 11.952  1.00 40.27 ? 70  GLN A C   1 
ATOM   533  O  O   . GLN A 1 69  ? 3.898   -11.649 12.667  1.00 39.76 ? 70  GLN A O   1 
ATOM   534  C  CB  . GLN A 1 69  ? 2.552   -9.167  11.442  1.00 39.78 ? 70  GLN A CB  1 
ATOM   535  C  CG  . GLN A 1 69  ? 1.654   -7.951  11.370  1.00 35.41 ? 70  GLN A CG  1 
ATOM   536  C  CD  . GLN A 1 69  ? 2.419   -6.715  10.954  1.00 34.11 ? 70  GLN A CD  1 
ATOM   537  O  OE1 . GLN A 1 69  ? 3.371   -6.315  11.624  1.00 32.11 ? 70  GLN A OE1 1 
ATOM   538  N  NE2 . GLN A 1 69  ? 2.011   -6.101  9.846   1.00 32.14 ? 70  GLN A NE2 1 
ATOM   539  N  N   . HIS A 1 70  ? 2.599   -12.475 11.027  1.00 40.15 ? 71  HIS A N   1 
ATOM   540  C  CA  . HIS A 1 70  ? 3.451   -13.625 10.771  1.00 40.41 ? 71  HIS A CA  1 
ATOM   541  C  C   . HIS A 1 70  ? 3.897   -13.557 9.319   1.00 40.40 ? 71  HIS A C   1 
ATOM   542  O  O   . HIS A 1 70  ? 3.090   -13.715 8.408   1.00 40.24 ? 71  HIS A O   1 
ATOM   543  C  CB  . HIS A 1 70  ? 2.687   -14.925 11.038  1.00 41.49 ? 71  HIS A CB  1 
ATOM   544  C  CG  . HIS A 1 70  ? 2.411   -15.169 12.490  1.00 42.92 ? 71  HIS A CG  1 
ATOM   545  N  ND1 . HIS A 1 70  ? 3.404   -15.489 13.392  1.00 43.58 ? 71  HIS A ND1 1 
ATOM   546  C  CD2 . HIS A 1 70  ? 1.264   -15.095 13.204  1.00 42.30 ? 71  HIS A CD2 1 
ATOM   547  C  CE1 . HIS A 1 70  ? 2.880   -15.600 14.598  1.00 43.61 ? 71  HIS A CE1 1 
ATOM   548  N  NE2 . HIS A 1 70  ? 1.583   -15.365 14.513  1.00 42.75 ? 71  HIS A NE2 1 
ATOM   549  N  N   . LYS A 1 71  ? 5.185   -13.306 9.117   1.00 40.34 ? 72  LYS A N   1 
ATOM   550  C  CA  . LYS A 1 71  ? 5.756   -13.186 7.781   1.00 40.77 ? 72  LYS A CA  1 
ATOM   551  C  C   . LYS A 1 71  ? 5.228   -14.243 6.818   1.00 41.02 ? 72  LYS A C   1 
ATOM   552  O  O   . LYS A 1 71  ? 5.247   -14.052 5.602   1.00 40.77 ? 72  LYS A O   1 
ATOM   553  C  CB  . LYS A 1 71  ? 7.282   -13.264 7.857   1.00 40.01 ? 72  LYS A CB  1 
ATOM   554  C  CG  . LYS A 1 71  ? 7.977   -12.924 6.556   1.00 38.91 ? 72  LYS A CG  1 
ATOM   555  C  CD  . LYS A 1 71  ? 9.479   -12.806 6.739   1.00 40.51 ? 72  LYS A CD  1 
ATOM   556  C  CE  . LYS A 1 71  ? 10.143  -12.330 5.458   1.00 41.53 ? 72  LYS A CE  1 
ATOM   557  N  NZ  . LYS A 1 71  ? 11.605  -12.145 5.625   1.00 42.47 ? 72  LYS A NZ  1 
ATOM   558  N  N   . GLU A 1 72  ? 4.753   -15.356 7.367   1.00 41.17 ? 73  GLU A N   1 
ATOM   559  C  CA  . GLU A 1 72  ? 4.214   -16.440 6.554   1.00 40.92 ? 73  GLU A CA  1 
ATOM   560  C  C   . GLU A 1 72  ? 3.052   -15.954 5.688   1.00 38.42 ? 73  GLU A C   1 
ATOM   561  O  O   . GLU A 1 72  ? 2.867   -16.424 4.568   1.00 37.82 ? 73  GLU A O   1 
ATOM   562  C  CB  . GLU A 1 72  ? 3.722   -17.587 7.449   1.00 43.88 ? 73  GLU A CB  1 
ATOM   563  C  CG  . GLU A 1 72  ? 4.813   -18.378 8.181   1.00 47.37 ? 73  GLU A CG  1 
ATOM   564  C  CD  . GLU A 1 72  ? 5.613   -17.538 9.166   1.00 49.53 ? 73  GLU A CD  1 
ATOM   565  O  OE1 . GLU A 1 72  ? 5.000   -16.872 10.029  1.00 48.07 ? 73  GLU A OE1 1 
ATOM   566  O  OE2 . GLU A 1 72  ? 6.860   -17.552 9.081   1.00 50.41 ? 73  GLU A OE2 1 
ATOM   567  N  N   . ASP A 1 73  ? 2.280   -15.006 6.211   1.00 35.68 ? 74  ASP A N   1 
ATOM   568  C  CA  . ASP A 1 73  ? 1.121   -14.483 5.497   1.00 33.81 ? 74  ASP A CA  1 
ATOM   569  C  C   . ASP A 1 73  ? 1.390   -13.238 4.658   1.00 31.30 ? 74  ASP A C   1 
ATOM   570  O  O   . ASP A 1 73  ? 0.470   -12.701 4.039   1.00 30.72 ? 74  ASP A O   1 
ATOM   571  C  CB  . ASP A 1 73  ? -0.010  -14.169 6.483   1.00 36.04 ? 74  ASP A CB  1 
ATOM   572  C  CG  . ASP A 1 73  ? -0.292  -15.313 7.440   1.00 37.80 ? 74  ASP A CG  1 
ATOM   573  O  OD1 . ASP A 1 73  ? -0.271  -16.481 6.999   1.00 35.82 ? 74  ASP A OD1 1 
ATOM   574  O  OD2 . ASP A 1 73  ? -0.546  -15.037 8.633   1.00 39.62 ? 74  ASP A OD2 1 
ATOM   575  N  N   . CYS A 1 74  ? 2.637   -12.777 4.630   1.00 28.57 ? 75  CYS A N   1 
ATOM   576  C  CA  . CYS A 1 74  ? 2.968   -11.582 3.861   1.00 24.81 ? 75  CYS A CA  1 
ATOM   577  C  C   . CYS A 1 74  ? 2.717   -11.764 2.374   1.00 22.40 ? 75  CYS A C   1 
ATOM   578  O  O   . CYS A 1 74  ? 3.177   -12.733 1.768   1.00 20.91 ? 75  CYS A O   1 
ATOM   579  C  CB  . CYS A 1 74  ? 4.430   -11.179 4.064   1.00 24.48 ? 75  CYS A CB  1 
ATOM   580  S  SG  . CYS A 1 74  ? 4.850   -9.591  3.270   1.00 27.33 ? 75  CYS A SG  1 
ATOM   581  N  N   . LEU A 1 75  ? 1.981   -10.821 1.795   1.00 19.10 ? 76  LEU A N   1 
ATOM   582  C  CA  . LEU A 1 75  ? 1.679   -10.840 0.370   1.00 19.30 ? 76  LEU A CA  1 
ATOM   583  C  C   . LEU A 1 75  ? 2.633   -9.915  -0.379  1.00 18.16 ? 76  LEU A C   1 
ATOM   584  O  O   . LEU A 1 75  ? 2.807   -8.755  -0.001  1.00 17.72 ? 76  LEU A O   1 
ATOM   585  C  CB  . LEU A 1 75  ? 0.245   -10.363 0.116   1.00 21.03 ? 76  LEU A CB  1 
ATOM   586  C  CG  . LEU A 1 75  ? -0.938  -11.277 0.422   1.00 25.17 ? 76  LEU A CG  1 
ATOM   587  C  CD1 . LEU A 1 75  ? -2.230  -10.481 0.293   1.00 26.56 ? 76  LEU A CD1 1 
ATOM   588  C  CD2 . LEU A 1 75  ? -0.933  -12.461 -0.536  1.00 24.36 ? 76  LEU A CD2 1 
ATOM   589  N  N   . GLU A 1 76  ? 3.249   -10.432 -1.437  1.00 16.92 ? 77  GLU A N   1 
ATOM   590  C  CA  . GLU A 1 76  ? 4.145   -9.634  -2.266  1.00 17.91 ? 77  GLU A CA  1 
ATOM   591  C  C   . GLU A 1 76  ? 3.504   -9.564  -3.639  1.00 17.68 ? 77  GLU A C   1 
ATOM   592  O  O   . GLU A 1 76  ? 3.584   -10.517 -4.402  1.00 19.01 ? 77  GLU A O   1 
ATOM   593  C  CB  . GLU A 1 76  ? 5.519   -10.292 -2.380  1.00 17.61 ? 77  GLU A CB  1 
ATOM   594  C  CG  . GLU A 1 76  ? 6.320   -10.275 -1.091  1.00 18.65 ? 77  GLU A CG  1 
ATOM   595  C  CD  . GLU A 1 76  ? 7.676   -10.930 -1.239  1.00 19.18 ? 77  GLU A CD  1 
ATOM   596  O  OE1 . GLU A 1 76  ? 8.568   -10.624 -0.421  1.00 20.37 ? 77  GLU A OE1 1 
ATOM   597  O  OE2 . GLU A 1 76  ? 7.847   -11.754 -2.164  1.00 16.54 ? 77  GLU A OE2 1 
ATOM   598  N  N   . ILE A 1 77  ? 2.842   -8.455  -3.958  1.00 19.48 ? 78  ILE A N   1 
ATOM   599  C  CA  . ILE A 1 77  ? 2.211   -8.364  -5.266  1.00 19.40 ? 78  ILE A CA  1 
ATOM   600  C  C   . ILE A 1 77  ? 2.957   -7.406  -6.184  1.00 17.76 ? 78  ILE A C   1 
ATOM   601  O  O   . ILE A 1 77  ? 3.270   -6.266  -5.824  1.00 16.34 ? 78  ILE A O   1 
ATOM   602  C  CB  . ILE A 1 77  ? 0.708   -7.983  -5.167  1.00 21.88 ? 78  ILE A CB  1 
ATOM   603  C  CG1 . ILE A 1 77  ? 0.524   -6.476  -5.233  1.00 23.71 ? 78  ILE A CG1 1 
ATOM   604  C  CG2 . ILE A 1 77  ? 0.115   -8.534  -3.872  1.00 21.26 ? 78  ILE A CG2 1 
ATOM   605  C  CD1 . ILE A 1 77  ? -0.914  -6.074  -5.427  1.00 27.96 ? 78  ILE A CD1 1 
ATOM   606  N  N   . ILE A 1 78  ? 3.240   -7.898  -7.381  1.00 17.10 ? 79  ILE A N   1 
ATOM   607  C  CA  . ILE A 1 78  ? 3.988   -7.157  -8.382  1.00 16.04 ? 79  ILE A CA  1 
ATOM   608  C  C   . ILE A 1 78  ? 3.159   -7.042  -9.653  1.00 15.33 ? 79  ILE A C   1 
ATOM   609  O  O   . ILE A 1 78  ? 2.438   -7.966  -10.009 1.00 15.06 ? 79  ILE A O   1 
ATOM   610  C  CB  . ILE A 1 78  ? 5.313   -7.900  -8.663  1.00 16.32 ? 79  ILE A CB  1 
ATOM   611  C  CG1 . ILE A 1 78  ? 6.069   -8.084  -7.341  1.00 16.74 ? 79  ILE A CG1 1 
ATOM   612  C  CG2 . ILE A 1 78  ? 6.146   -7.146  -9.681  1.00 16.98 ? 79  ILE A CG2 1 
ATOM   613  C  CD1 . ILE A 1 78  ? 7.337   -8.931  -7.445  1.00 16.51 ? 79  ILE A CD1 1 
ATOM   614  N  N   . ASN A 1 79  ? 3.268   -5.910  -10.340 1.00 16.35 ? 80  ASN A N   1 
ATOM   615  C  CA  . ASN A 1 79  ? 2.505   -5.681  -11.568 1.00 16.62 ? 80  ASN A CA  1 
ATOM   616  C  C   . ASN A 1 79  ? 1.032   -6.059  -11.390 1.00 16.53 ? 80  ASN A C   1 
ATOM   617  O  O   . ASN A 1 79  ? 0.472   -6.817  -12.188 1.00 15.80 ? 80  ASN A O   1 
ATOM   618  C  CB  . ASN A 1 79  ? 3.100   -6.483  -12.738 1.00 13.78 ? 80  ASN A CB  1 
ATOM   619  C  CG  . ASN A 1 79  ? 4.569   -6.179  -12.960 1.00 15.62 ? 80  ASN A CG  1 
ATOM   620  O  OD1 . ASN A 1 79  ? 5.046   -5.106  -12.599 1.00 13.03 ? 80  ASN A OD1 1 
ATOM   621  N  ND2 . ASN A 1 79  ? 5.293   -7.121  -13.561 1.00 14.00 ? 80  ASN A ND2 1 
ATOM   622  N  N   . PRO A 1 80  ? 0.386   -5.551  -10.327 1.00 17.58 ? 81  PRO A N   1 
ATOM   623  C  CA  . PRO A 1 80  ? -1.028  -5.872  -10.107 1.00 17.34 ? 81  PRO A CA  1 
ATOM   624  C  C   . PRO A 1 80  ? -1.956  -5.202  -11.118 1.00 18.27 ? 81  PRO A C   1 
ATOM   625  O  O   . PRO A 1 80  ? -1.626  -4.160  -11.690 1.00 18.30 ? 81  PRO A O   1 
ATOM   626  C  CB  . PRO A 1 80  ? -1.276  -5.377  -8.687  1.00 17.12 ? 81  PRO A CB  1 
ATOM   627  C  CG  . PRO A 1 80  ? -0.362  -4.199  -8.592  1.00 16.37 ? 81  PRO A CG  1 
ATOM   628  C  CD  . PRO A 1 80  ? 0.912   -4.732  -9.220  1.00 16.14 ? 81  PRO A CD  1 
ATOM   629  N  N   . LYS A 1 81  ? -3.119  -5.811  -11.321 1.00 19.82 ? 82  LYS A N   1 
ATOM   630  C  CA  . LYS A 1 81  ? -4.123  -5.306  -12.251 1.00 21.61 ? 82  LYS A CA  1 
ATOM   631  C  C   . LYS A 1 81  ? -5.485  -5.766  -11.720 1.00 21.44 ? 82  LYS A C   1 
ATOM   632  O  O   . LYS A 1 81  ? -5.626  -6.912  -11.292 1.00 21.15 ? 82  LYS A O   1 
ATOM   633  C  CB  . LYS A 1 81  ? -3.881  -5.907  -13.637 1.00 24.97 ? 82  LYS A CB  1 
ATOM   634  C  CG  . LYS A 1 81  ? -4.377  -5.083  -14.815 1.00 32.33 ? 82  LYS A CG  1 
ATOM   635  C  CD  . LYS A 1 81  ? -3.326  -4.064  -15.294 1.00 35.88 ? 82  LYS A CD  1 
ATOM   636  C  CE  . LYS A 1 81  ? -3.188  -2.864  -14.351 1.00 38.19 ? 82  LYS A CE  1 
ATOM   637  N  NZ  . LYS A 1 81  ? -2.187  -1.851  -14.833 1.00 35.84 ? 82  LYS A NZ  1 
ATOM   638  N  N   . PHE A 1 82  ? -6.477  -4.881  -11.718 1.00 20.11 ? 83  PHE A N   1 
ATOM   639  C  CA  . PHE A 1 82  ? -7.804  -5.260  -11.242 1.00 19.02 ? 83  PHE A CA  1 
ATOM   640  C  C   . PHE A 1 82  ? -8.550  -6.035  -12.323 1.00 19.19 ? 83  PHE A C   1 
ATOM   641  O  O   . PHE A 1 82  ? -8.543  -5.647  -13.490 1.00 18.45 ? 83  PHE A O   1 
ATOM   642  C  CB  . PHE A 1 82  ? -8.643  -4.031  -10.871 1.00 17.22 ? 83  PHE A CB  1 
ATOM   643  C  CG  . PHE A 1 82  ? -8.240  -3.376  -9.583  1.00 16.31 ? 83  PHE A CG  1 
ATOM   644  C  CD1 . PHE A 1 82  ? -7.398  -2.269  -9.581  1.00 15.82 ? 83  PHE A CD1 1 
ATOM   645  C  CD2 . PHE A 1 82  ? -8.714  -3.859  -8.370  1.00 16.47 ? 83  PHE A CD2 1 
ATOM   646  C  CE1 . PHE A 1 82  ? -7.038  -1.651  -8.387  1.00 17.47 ? 83  PHE A CE1 1 
ATOM   647  C  CE2 . PHE A 1 82  ? -8.357  -3.249  -7.171  1.00 15.83 ? 83  PHE A CE2 1 
ATOM   648  C  CZ  . PHE A 1 82  ? -7.518  -2.143  -7.179  1.00 15.59 ? 83  PHE A CZ  1 
ATOM   649  N  N   . ILE A 1 83  ? -9.186  -7.136  -11.938 1.00 19.79 ? 84  ILE A N   1 
ATOM   650  C  CA  . ILE A 1 83  ? -9.958  -7.921  -12.896 1.00 20.83 ? 84  ILE A CA  1 
ATOM   651  C  C   . ILE A 1 83  ? -11.420 -7.542  -12.682 1.00 21.34 ? 84  ILE A C   1 
ATOM   652  O  O   . ILE A 1 83  ? -12.218 -7.504  -13.620 1.00 20.51 ? 84  ILE A O   1 
ATOM   653  C  CB  . ILE A 1 83  ? -9.808  -9.438  -12.659 1.00 22.22 ? 84  ILE A CB  1 
ATOM   654  C  CG1 . ILE A 1 83  ? -8.351  -9.862  -12.821 1.00 23.80 ? 84  ILE A CG1 1 
ATOM   655  C  CG2 . ILE A 1 83  ? -10.669 -10.204 -13.647 1.00 23.03 ? 84  ILE A CG2 1 
ATOM   656  C  CD1 . ILE A 1 83  ? -8.124  -11.331 -12.512 1.00 25.10 ? 84  ILE A CD1 1 
ATOM   657  N  N   . GLU A 1 84  ? -11.763 -7.259  -11.432 1.00 21.76 ? 85  GLU A N   1 
ATOM   658  C  CA  . GLU A 1 84  ? -13.120 -6.873  -11.092 1.00 23.74 ? 85  GLU A CA  1 
ATOM   659  C  C   . GLU A 1 84  ? -13.195 -6.187  -9.731  1.00 24.14 ? 85  GLU A C   1 
ATOM   660  O  O   . GLU A 1 84  ? -12.402 -6.457  -8.829  1.00 22.84 ? 85  GLU A O   1 
ATOM   661  C  CB  . GLU A 1 84  ? -14.043 -8.096  -11.128 1.00 25.81 ? 85  GLU A CB  1 
ATOM   662  C  CG  . GLU A 1 84  ? -13.625 -9.222  -10.212 1.00 29.89 ? 85  GLU A CG  1 
ATOM   663  C  CD  . GLU A 1 84  ? -14.461 -10.474 -10.405 1.00 32.70 ? 85  GLU A CD  1 
ATOM   664  O  OE1 . GLU A 1 84  ? -14.472 -11.015 -11.529 1.00 32.57 ? 85  GLU A OE1 1 
ATOM   665  O  OE2 . GLU A 1 84  ? -15.104 -10.920 -9.428  1.00 35.27 ? 85  GLU A OE2 1 
ATOM   666  N  N   . THR A 1 85  ? -14.160 -5.282  -9.608  1.00 25.03 ? 86  THR A N   1 
ATOM   667  C  CA  . THR A 1 85  ? -14.376 -4.527  -8.384  1.00 25.26 ? 86  THR A CA  1 
ATOM   668  C  C   . THR A 1 85  ? -15.874 -4.420  -8.149  1.00 25.79 ? 86  THR A C   1 
ATOM   669  O  O   . THR A 1 85  ? -16.657 -4.405  -9.096  1.00 25.07 ? 86  THR A O   1 
ATOM   670  C  CB  . THR A 1 85  ? -13.798 -3.107  -8.502  1.00 25.09 ? 86  THR A CB  1 
ATOM   671  O  OG1 . THR A 1 85  ? -14.379 -2.454  -9.638  1.00 24.83 ? 86  THR A OG1 1 
ATOM   672  C  CG2 . THR A 1 85  ? -12.283 -3.157  -8.666  1.00 24.65 ? 86  THR A CG2 1 
ATOM   673  N  N   . GLY A 1 86  ? -16.275 -4.348  -6.886  1.00 25.33 ? 87  GLY A N   1 
ATOM   674  C  CA  . GLY A 1 86  ? -17.690 -4.242  -6.594  1.00 25.61 ? 87  GLY A CA  1 
ATOM   675  C  C   . GLY A 1 86  ? -17.974 -3.671  -5.223  1.00 24.91 ? 87  GLY A C   1 
ATOM   676  O  O   . GLY A 1 86  ? -17.098 -3.633  -4.355  1.00 24.68 ? 87  GLY A O   1 
ATOM   677  N  N   . GLY A 1 87  ? -19.208 -3.212  -5.036  1.00 24.33 ? 88  GLY A N   1 
ATOM   678  C  CA  . GLY A 1 87  ? -19.613 -2.660  -3.759  1.00 21.98 ? 88  GLY A CA  1 
ATOM   679  C  C   . GLY A 1 87  ? -18.983 -1.323  -3.444  1.00 21.38 ? 88  GLY A C   1 
ATOM   680  O  O   . GLY A 1 87  ? -18.334 -0.708  -4.286  1.00 22.19 ? 88  GLY A O   1 
ATOM   681  N  N   . SER A 1 88  ? -19.176 -0.882  -2.208  1.00 21.61 ? 89  SER A N   1 
ATOM   682  C  CA  . SER A 1 88  ? -18.646 0.388   -1.741  1.00 21.13 ? 89  SER A CA  1 
ATOM   683  C  C   . SER A 1 88  ? -18.765 0.432   -0.226  1.00 21.01 ? 89  SER A C   1 
ATOM   684  O  O   . SER A 1 88  ? -19.754 -0.030  0.340   1.00 21.51 ? 89  SER A O   1 
ATOM   685  C  CB  . SER A 1 88  ? -19.442 1.540   -2.358  1.00 22.84 ? 89  SER A CB  1 
ATOM   686  O  OG  . SER A 1 88  ? -19.159 2.767   -1.713  1.00 23.53 ? 89  SER A OG  1 
ATOM   687  N  N   . MET A 1 89  ? -17.751 0.978   0.429   1.00 20.85 ? 90  MET A N   1 
ATOM   688  C  CA  . MET A 1 89  ? -17.766 1.079   1.879   1.00 23.10 ? 90  MET A CA  1 
ATOM   689  C  C   . MET A 1 89  ? -16.832 2.183   2.335   1.00 23.76 ? 90  MET A C   1 
ATOM   690  O  O   . MET A 1 89  ? -15.985 2.648   1.569   1.00 23.24 ? 90  MET A O   1 
ATOM   691  C  CB  . MET A 1 89  ? -17.335 -0.246  2.508   1.00 23.44 ? 90  MET A CB  1 
ATOM   692  C  CG  . MET A 1 89  ? -15.903 -0.631  2.206   1.00 25.35 ? 90  MET A CG  1 
ATOM   693  S  SD  . MET A 1 89  ? -15.522 -2.286  2.778   1.00 27.77 ? 90  MET A SD  1 
ATOM   694  C  CE  . MET A 1 89  ? -15.192 -1.951  4.499   1.00 29.85 ? 90  MET A CE  1 
ATOM   695  N  N   . MET A 1 90  ? -17.002 2.610   3.582   1.00 24.02 ? 91  MET A N   1 
ATOM   696  C  CA  . MET A 1 90  ? -16.160 3.643   4.160   1.00 25.43 ? 91  MET A CA  1 
ATOM   697  C  C   . MET A 1 90  ? -15.214 2.927   5.103   1.00 26.80 ? 91  MET A C   1 
ATOM   698  O  O   . MET A 1 90  ? -15.645 2.097   5.900   1.00 30.20 ? 91  MET A O   1 
ATOM   699  C  CB  . MET A 1 90  ? -16.998 4.656   4.943   1.00 25.87 ? 91  MET A CB  1 
ATOM   700  C  CG  . MET A 1 90  ? -18.017 5.421   4.106   1.00 27.25 ? 91  MET A CG  1 
ATOM   701  S  SD  . MET A 1 90  ? -17.306 6.216   2.643   1.00 31.16 ? 91  MET A SD  1 
ATOM   702  C  CE  . MET A 1 90  ? -16.185 7.395   3.397   1.00 27.91 ? 91  MET A CE  1 
ATOM   703  N  N   . TYR A 1 91  ? -13.927 3.233   5.008   1.00 26.54 ? 92  TYR A N   1 
ATOM   704  C  CA  . TYR A 1 91  ? -12.940 2.596   5.869   1.00 26.92 ? 92  TYR A CA  1 
ATOM   705  C  C   . TYR A 1 91  ? -11.961 3.657   6.338   1.00 25.85 ? 92  TYR A C   1 
ATOM   706  O  O   . TYR A 1 91  ? -11.441 4.413   5.521   1.00 23.79 ? 92  TYR A O   1 
ATOM   707  C  CB  . TYR A 1 91  ? -12.177 1.521   5.086   1.00 29.44 ? 92  TYR A CB  1 
ATOM   708  C  CG  . TYR A 1 91  ? -11.793 0.310   5.906   1.00 31.23 ? 92  TYR A CG  1 
ATOM   709  C  CD1 . TYR A 1 91  ? -12.665 -0.768  6.031   1.00 32.07 ? 92  TYR A CD1 1 
ATOM   710  C  CD2 . TYR A 1 91  ? -10.562 0.243   6.564   1.00 33.09 ? 92  TYR A CD2 1 
ATOM   711  C  CE1 . TYR A 1 91  ? -12.329 -1.891  6.784   1.00 34.32 ? 92  TYR A CE1 1 
ATOM   712  C  CE2 . TYR A 1 91  ? -10.214 -0.876  7.327   1.00 34.57 ? 92  TYR A CE2 1 
ATOM   713  C  CZ  . TYR A 1 91  ? -11.105 -1.942  7.430   1.00 35.62 ? 92  TYR A CZ  1 
ATOM   714  O  OH  . TYR A 1 91  ? -10.775 -3.058  8.170   1.00 35.13 ? 92  TYR A OH  1 
ATOM   715  N  N   . LYS A 1 92  ? -11.714 3.734   7.642   1.00 25.15 ? 93  LYS A N   1 
ATOM   716  C  CA  . LYS A 1 92  ? -10.765 4.720   8.133   1.00 24.57 ? 93  LYS A CA  1 
ATOM   717  C  C   . LYS A 1 92  ? -9.382  4.184   7.812   1.00 21.87 ? 93  LYS A C   1 
ATOM   718  O  O   . LYS A 1 92  ? -9.049  3.053   8.156   1.00 24.84 ? 93  LYS A O   1 
ATOM   719  C  CB  . LYS A 1 92  ? -10.917 4.945   9.638   1.00 26.76 ? 93  LYS A CB  1 
ATOM   720  C  CG  . LYS A 1 92  ? -9.888  5.924   10.198  1.00 28.72 ? 93  LYS A CG  1 
ATOM   721  C  CD  . LYS A 1 92  ? -10.331 6.560   11.509  1.00 31.43 ? 93  LYS A CD  1 
ATOM   722  C  CE  . LYS A 1 92  ? -11.523 7.488   11.291  1.00 32.48 ? 93  LYS A CE  1 
ATOM   723  N  NZ  . LYS A 1 92  ? -11.888 8.246   12.518  1.00 31.51 ? 93  LYS A NZ  1 
ATOM   724  N  N   . GLU A 1 93  ? -8.577  4.995   7.145   1.00 20.85 ? 94  GLU A N   1 
ATOM   725  C  CA  . GLU A 1 93  ? -7.244  4.565   6.758   1.00 19.70 ? 94  GLU A CA  1 
ATOM   726  C  C   . GLU A 1 93  ? -6.097  5.382   7.336   1.00 19.10 ? 94  GLU A C   1 
ATOM   727  O  O   . GLU A 1 93  ? -6.284  6.504   7.808   1.00 15.45 ? 94  GLU A O   1 
ATOM   728  C  CB  . GLU A 1 93  ? -7.149  4.557   5.237   1.00 18.75 ? 94  GLU A CB  1 
ATOM   729  C  CG  . GLU A 1 93  ? -8.087  3.562   4.579   1.00 18.92 ? 94  GLU A CG  1 
ATOM   730  C  CD  . GLU A 1 93  ? -7.944  3.541   3.072   1.00 20.12 ? 94  GLU A CD  1 
ATOM   731  O  OE1 . GLU A 1 93  ? -6.853  3.892   2.572   1.00 19.15 ? 94  GLU A OE1 1 
ATOM   732  O  OE2 . GLU A 1 93  ? -8.916  3.159   2.389   1.00 18.63 ? 94  GLU A OE2 1 
ATOM   733  N  N   . GLY A 1 94  ? -4.910  4.780   7.296   1.00 19.39 ? 95  GLY A N   1 
ATOM   734  C  CA  . GLY A 1 94  ? -3.692  5.408   7.773   1.00 17.47 ? 95  GLY A CA  1 
ATOM   735  C  C   . GLY A 1 94  ? -2.637  5.125   6.718   1.00 19.62 ? 95  GLY A C   1 
ATOM   736  O  O   . GLY A 1 94  ? -2.916  4.404   5.761   1.00 19.52 ? 95  GLY A O   1 
ATOM   737  N  N   . CYS A 1 95  ? -1.431  5.661   6.881   1.00 19.61 ? 96  CYS A N   1 
ATOM   738  C  CA  . CYS A 1 95  ? -0.373  5.463   5.890   1.00 18.87 ? 96  CYS A CA  1 
ATOM   739  C  C   . CYS A 1 95  ? 0.989   5.820   6.482   1.00 18.84 ? 96  CYS A C   1 
ATOM   740  O  O   . CYS A 1 95  ? 1.124   6.851   7.140   1.00 17.37 ? 96  CYS A O   1 
ATOM   741  C  CB  . CYS A 1 95  ? -0.651  6.356   4.670   1.00 18.19 ? 96  CYS A CB  1 
ATOM   742  S  SG  . CYS A 1 95  ? 0.447   6.127   3.235   1.00 18.80 ? 96  CYS A SG  1 
ATOM   743  N  N   . LEU A 1 96  ? 1.993   4.974   6.254   1.00 17.88 ? 97  LEU A N   1 
ATOM   744  C  CA  . LEU A 1 96  ? 3.338   5.248   6.761   1.00 18.99 ? 97  LEU A CA  1 
ATOM   745  C  C   . LEU A 1 96  ? 3.895   6.534   6.147   1.00 17.98 ? 97  LEU A C   1 
ATOM   746  O  O   . LEU A 1 96  ? 4.787   7.170   6.716   1.00 16.99 ? 97  LEU A O   1 
ATOM   747  C  CB  . LEU A 1 96  ? 4.288   4.080   6.461   1.00 18.25 ? 97  LEU A CB  1 
ATOM   748  C  CG  . LEU A 1 96  ? 4.086   2.814   7.301   1.00 19.94 ? 97  LEU A CG  1 
ATOM   749  C  CD1 . LEU A 1 96  ? 5.048   1.735   6.845   1.00 19.74 ? 97  LEU A CD1 1 
ATOM   750  C  CD2 . LEU A 1 96  ? 4.312   3.129   8.767   1.00 18.22 ? 97  LEU A CD2 1 
ATOM   751  N  N   . SER A 1 97  ? 3.371   6.924   4.990   1.00 15.61 ? 98  SER A N   1 
ATOM   752  C  CA  . SER A 1 97  ? 3.845   8.150   4.357   1.00 16.21 ? 98  SER A CA  1 
ATOM   753  C  C   . SER A 1 97  ? 3.075   9.377   4.836   1.00 15.84 ? 98  SER A C   1 
ATOM   754  O  O   . SER A 1 97  ? 3.417   10.504  4.487   1.00 18.11 ? 98  SER A O   1 
ATOM   755  C  CB  . SER A 1 97  ? 3.763   8.042   2.835   1.00 13.18 ? 98  SER A CB  1 
ATOM   756  O  OG  . SER A 1 97  ? 4.720   7.120   2.356   1.00 11.13 ? 98  SER A OG  1 
ATOM   757  N  N   . VAL A 1 98  ? 2.045   9.149   5.647   1.00 17.28 ? 99  VAL A N   1 
ATOM   758  C  CA  . VAL A 1 98  ? 1.225   10.230  6.194   1.00 18.76 ? 99  VAL A CA  1 
ATOM   759  C  C   . VAL A 1 98  ? 0.973   9.892   7.667   1.00 20.36 ? 99  VAL A C   1 
ATOM   760  O  O   . VAL A 1 98  ? -0.169  9.767   8.105   1.00 19.47 ? 99  VAL A O   1 
ATOM   761  C  CB  . VAL A 1 98  ? -0.131  10.334  5.454   1.00 18.56 ? 99  VAL A CB  1 
ATOM   762  C  CG1 . VAL A 1 98  ? -0.815  11.653  5.797   1.00 21.98 ? 99  VAL A CG1 1 
ATOM   763  C  CG2 . VAL A 1 98  ? 0.077   10.216  3.947   1.00 19.19 ? 99  VAL A CG2 1 
ATOM   764  N  N   . PRO A 1 99  ? 2.052   9.748   8.450   1.00 21.87 ? 100 PRO A N   1 
ATOM   765  C  CA  . PRO A 1 99  ? 1.969   9.412   9.876   1.00 23.02 ? 100 PRO A CA  1 
ATOM   766  C  C   . PRO A 1 99  ? 1.171   10.370  10.765  1.00 24.37 ? 100 PRO A C   1 
ATOM   767  O  O   . PRO A 1 99  ? 1.285   11.593  10.655  1.00 22.85 ? 100 PRO A O   1 
ATOM   768  C  CB  . PRO A 1 99  ? 3.437   9.319   10.287  1.00 23.98 ? 100 PRO A CB  1 
ATOM   769  C  CG  . PRO A 1 99  ? 4.086   10.339  9.420   1.00 22.49 ? 100 PRO A CG  1 
ATOM   770  C  CD  . PRO A 1 99  ? 3.438   10.088  8.076   1.00 22.83 ? 100 PRO A CD  1 
ATOM   771  N  N   . GLY A 1 100 ? 0.359   9.797   11.649  1.00 23.99 ? 101 GLY A N   1 
ATOM   772  C  CA  . GLY A 1 100 ? -0.429  10.613  12.555  1.00 25.74 ? 101 GLY A CA  1 
ATOM   773  C  C   . GLY A 1 100 ? -1.807  11.023  12.066  1.00 26.74 ? 101 GLY A C   1 
ATOM   774  O  O   . GLY A 1 100 ? -2.591  11.585  12.833  1.00 26.55 ? 101 GLY A O   1 
ATOM   775  N  N   . PHE A 1 101 ? -2.120  10.757  10.802  1.00 26.19 ? 102 PHE A N   1 
ATOM   776  C  CA  . PHE A 1 101 ? -3.429  11.125  10.289  1.00 26.38 ? 102 PHE A CA  1 
ATOM   777  C  C   . PHE A 1 101 ? -4.226  9.918   9.814   1.00 26.24 ? 102 PHE A C   1 
ATOM   778  O  O   . PHE A 1 101 ? -3.733  9.095   9.041   1.00 25.12 ? 102 PHE A O   1 
ATOM   779  C  CB  . PHE A 1 101 ? -3.303  12.124  9.140   1.00 28.65 ? 102 PHE A CB  1 
ATOM   780  C  CG  . PHE A 1 101 ? -4.629  12.590  8.603   1.00 31.70 ? 102 PHE A CG  1 
ATOM   781  C  CD1 . PHE A 1 101 ? -5.446  13.431  9.362   1.00 32.81 ? 102 PHE A CD1 1 
ATOM   782  C  CD2 . PHE A 1 101 ? -5.075  12.173  7.348   1.00 33.62 ? 102 PHE A CD2 1 
ATOM   783  C  CE1 . PHE A 1 101 ? -6.685  13.851  8.882   1.00 31.61 ? 102 PHE A CE1 1 
ATOM   784  C  CE2 . PHE A 1 101 ? -6.317  12.586  6.855   1.00 33.78 ? 102 PHE A CE2 1 
ATOM   785  C  CZ  . PHE A 1 101 ? -7.124  13.427  7.626   1.00 34.59 ? 102 PHE A CZ  1 
ATOM   786  N  N   . TYR A 1 102 ? -5.467  9.826   10.280  1.00 24.45 ? 103 TYR A N   1 
ATOM   787  C  CA  . TYR A 1 102 ? -6.351  8.732   9.906   1.00 23.53 ? 103 TYR A CA  1 
ATOM   788  C  C   . TYR A 1 102 ? -7.711  9.289   9.504   1.00 24.26 ? 103 TYR A C   1 
ATOM   789  O  O   . TYR A 1 102 ? -8.261  10.157  10.186  1.00 24.41 ? 103 TYR A O   1 
ATOM   790  C  CB  . TYR A 1 102 ? -6.511  7.763   11.080  1.00 21.23 ? 103 TYR A CB  1 
ATOM   791  C  CG  . TYR A 1 102 ? -5.200  7.402   11.744  1.00 19.49 ? 103 TYR A CG  1 
ATOM   792  C  CD1 . TYR A 1 102 ? -4.663  8.209   12.748  1.00 18.25 ? 103 TYR A CD1 1 
ATOM   793  C  CD2 . TYR A 1 102 ? -4.472  6.283   11.332  1.00 16.86 ? 103 TYR A CD2 1 
ATOM   794  C  CE1 . TYR A 1 102 ? -3.431  7.913   13.324  1.00 19.26 ? 103 TYR A CE1 1 
ATOM   795  C  CE2 . TYR A 1 102 ? -3.239  5.978   11.900  1.00 17.53 ? 103 TYR A CE2 1 
ATOM   796  C  CZ  . TYR A 1 102 ? -2.724  6.799   12.894  1.00 18.16 ? 103 TYR A CZ  1 
ATOM   797  O  OH  . TYR A 1 102 ? -1.498  6.519   13.447  1.00 18.33 ? 103 TYR A OH  1 
ATOM   798  N  N   . GLU A 1 103 ? -8.257  8.796   8.397   1.00 23.73 ? 104 GLU A N   1 
ATOM   799  C  CA  . GLU A 1 103 ? -9.554  9.274   7.945   1.00 23.67 ? 104 GLU A CA  1 
ATOM   800  C  C   . GLU A 1 103 ? -10.270 8.229   7.098   1.00 22.99 ? 104 GLU A C   1 
ATOM   801  O  O   . GLU A 1 103 ? -9.631  7.378   6.474   1.00 20.04 ? 104 GLU A O   1 
ATOM   802  C  CB  . GLU A 1 103 ? -9.379  10.562  7.141   1.00 26.77 ? 104 GLU A CB  1 
ATOM   803  C  CG  . GLU A 1 103 ? -10.602 11.452  7.132   1.00 32.74 ? 104 GLU A CG  1 
ATOM   804  C  CD  . GLU A 1 103 ? -11.013 11.862  8.530   1.00 35.44 ? 104 GLU A CD  1 
ATOM   805  O  OE1 . GLU A 1 103 ? -12.057 11.374  9.014   1.00 37.22 ? 104 GLU A OE1 1 
ATOM   806  O  OE2 . GLU A 1 103 ? -10.278 12.662  9.148   1.00 40.03 ? 104 GLU A OE2 1 
ATOM   807  N  N   . GLU A 1 104 ? -11.598 8.292   7.094   1.00 22.29 ? 105 GLU A N   1 
ATOM   808  C  CA  . GLU A 1 104 ? -12.405 7.362   6.318   1.00 23.28 ? 105 GLU A CA  1 
ATOM   809  C  C   . GLU A 1 104 ? -12.285 7.661   4.836   1.00 22.44 ? 105 GLU A C   1 
ATOM   810  O  O   . GLU A 1 104 ? -12.295 8.817   4.427   1.00 22.01 ? 105 GLU A O   1 
ATOM   811  C  CB  . GLU A 1 104 ? -13.876 7.446   6.722   1.00 24.52 ? 105 GLU A CB  1 
ATOM   812  C  CG  . GLU A 1 104 ? -14.205 6.765   8.025   1.00 29.22 ? 105 GLU A CG  1 
ATOM   813  C  CD  . GLU A 1 104 ? -15.689 6.786   8.318   1.00 32.02 ? 105 GLU A CD  1 
ATOM   814  O  OE1 . GLU A 1 104 ? -16.117 6.116   9.282   1.00 34.82 ? 105 GLU A OE1 1 
ATOM   815  O  OE2 . GLU A 1 104 ? -16.427 7.475   7.583   1.00 32.59 ? 105 GLU A OE2 1 
ATOM   816  N  N   . VAL A 1 105 ? -12.176 6.601   4.044   1.00 22.40 ? 106 VAL A N   1 
ATOM   817  C  CA  . VAL A 1 105 ? -12.050 6.704   2.597   1.00 21.91 ? 106 VAL A CA  1 
ATOM   818  C  C   . VAL A 1 105 ? -13.030 5.720   1.978   1.00 19.66 ? 106 VAL A C   1 
ATOM   819  O  O   . VAL A 1 105 ? -13.273 4.655   2.539   1.00 20.18 ? 106 VAL A O   1 
ATOM   820  C  CB  . VAL A 1 105 ? -10.617 6.337   2.143   1.00 22.98 ? 106 VAL A CB  1 
ATOM   821  C  CG1 . VAL A 1 105 ? -10.510 6.400   0.627   1.00 21.08 ? 106 VAL A CG1 1 
ATOM   822  C  CG2 . VAL A 1 105 ? -9.614  7.279   2.790   1.00 25.22 ? 106 VAL A CG2 1 
ATOM   823  N  N   . GLU A 1 106 ? -13.601 6.070   0.830   1.00 18.96 ? 107 GLU A N   1 
ATOM   824  C  CA  . GLU A 1 106 ? -14.539 5.165   0.175   1.00 18.73 ? 107 GLU A CA  1 
ATOM   825  C  C   . GLU A 1 106 ? -13.779 4.160   -0.684  1.00 18.42 ? 107 GLU A C   1 
ATOM   826  O  O   . GLU A 1 106 ? -12.954 4.534   -1.516  1.00 16.54 ? 107 GLU A O   1 
ATOM   827  C  CB  . GLU A 1 106 ? -15.538 5.947   -0.684  1.00 21.21 ? 107 GLU A CB  1 
ATOM   828  C  CG  . GLU A 1 106 ? -16.605 5.064   -1.335  1.00 24.73 ? 107 GLU A CG  1 
ATOM   829  C  CD  . GLU A 1 106 ? -17.775 5.862   -1.888  1.00 27.56 ? 107 GLU A CD  1 
ATOM   830  O  OE1 . GLU A 1 106 ? -18.699 5.247   -2.465  1.00 28.11 ? 107 GLU A OE1 1 
ATOM   831  O  OE2 . GLU A 1 106 ? -17.775 7.104   -1.740  1.00 28.56 ? 107 GLU A OE2 1 
ATOM   832  N  N   . ARG A 1 107 ? -14.066 2.879   -0.478  1.00 17.72 ? 108 ARG A N   1 
ATOM   833  C  CA  . ARG A 1 107 ? -13.396 1.819   -1.217  1.00 16.71 ? 108 ARG A CA  1 
ATOM   834  C  C   . ARG A 1 107 ? -14.384 0.784   -1.718  1.00 17.67 ? 108 ARG A C   1 
ATOM   835  O  O   . ARG A 1 107 ? -15.503 0.684   -1.208  1.00 16.03 ? 108 ARG A O   1 
ATOM   836  C  CB  . ARG A 1 107 ? -12.394 1.103   -0.308  1.00 13.52 ? 108 ARG A CB  1 
ATOM   837  C  CG  . ARG A 1 107 ? -11.288 1.982   0.252   1.00 16.48 ? 108 ARG A CG  1 
ATOM   838  C  CD  . ARG A 1 107 ? -10.313 2.398   -0.836  1.00 11.72 ? 108 ARG A CD  1 
ATOM   839  N  NE  . ARG A 1 107 ? -9.161  3.100   -0.289  1.00 10.31 ? 108 ARG A NE  1 
ATOM   840  C  CZ  . ARG A 1 107 ? -8.170  3.594   -1.024  1.00 11.12 ? 108 ARG A CZ  1 
ATOM   841  N  NH1 . ARG A 1 107 ? -8.190  3.461   -2.345  1.00 10.89 ? 108 ARG A NH1 1 
ATOM   842  N  NH2 . ARG A 1 107 ? -7.164  4.231   -0.438  1.00 10.90 ? 108 ARG A NH2 1 
ATOM   843  N  N   . PHE A 1 108 ? -13.970 0.015   -2.724  1.00 17.69 ? 109 PHE A N   1 
ATOM   844  C  CA  . PHE A 1 108 ? -14.807 -1.067  -3.218  1.00 19.06 ? 109 PHE A CA  1 
ATOM   845  C  C   . PHE A 1 108 ? -14.750 -2.052  -2.058  1.00 18.87 ? 109 PHE A C   1 
ATOM   846  O  O   . PHE A 1 108 ? -13.699 -2.206  -1.430  1.00 16.49 ? 109 PHE A O   1 
ATOM   847  C  CB  . PHE A 1 108 ? -14.194 -1.727  -4.457  1.00 21.35 ? 109 PHE A CB  1 
ATOM   848  C  CG  . PHE A 1 108 ? -14.230 -0.872  -5.687  1.00 21.12 ? 109 PHE A CG  1 
ATOM   849  C  CD1 . PHE A 1 108 ? -13.051 -0.387  -6.245  1.00 21.50 ? 109 PHE A CD1 1 
ATOM   850  C  CD2 . PHE A 1 108 ? -15.441 -0.574  -6.307  1.00 22.72 ? 109 PHE A CD2 1 
ATOM   851  C  CE1 . PHE A 1 108 ? -13.075 0.379   -7.406  1.00 22.92 ? 109 PHE A CE1 1 
ATOM   852  C  CE2 . PHE A 1 108 ? -15.479 0.191   -7.468  1.00 22.57 ? 109 PHE A CE2 1 
ATOM   853  C  CZ  . PHE A 1 108 ? -14.292 0.670   -8.020  1.00 24.06 ? 109 PHE A CZ  1 
ATOM   854  N  N   . GLU A 1 109 ? -15.856 -2.716  -1.750  1.00 19.07 ? 110 GLU A N   1 
ATOM   855  C  CA  . GLU A 1 109 ? -15.812 -3.657  -0.644  1.00 20.66 ? 110 GLU A CA  1 
ATOM   856  C  C   . GLU A 1 109 ? -15.250 -5.011  -1.062  1.00 20.95 ? 110 GLU A C   1 
ATOM   857  O  O   . GLU A 1 109 ? -14.872 -5.823  -0.211  1.00 20.59 ? 110 GLU A O   1 
ATOM   858  C  CB  . GLU A 1 109 ? -17.201 -3.805  0.003   1.00 22.90 ? 110 GLU A CB  1 
ATOM   859  C  CG  . GLU A 1 109 ? -18.353 -4.093  -0.936  1.00 24.36 ? 110 GLU A CG  1 
ATOM   860  C  CD  . GLU A 1 109 ? -19.709 -3.998  -0.236  1.00 25.03 ? 110 GLU A CD  1 
ATOM   861  O  OE1 . GLU A 1 109 ? -19.942 -4.748  0.735   1.00 25.10 ? 110 GLU A OE1 1 
ATOM   862  O  OE2 . GLU A 1 109 ? -20.543 -3.172  -0.655  1.00 25.18 ? 110 GLU A OE2 1 
ATOM   863  N  N   . LYS A 1 110 ? -15.160 -5.237  -2.371  1.00 20.00 ? 111 LYS A N   1 
ATOM   864  C  CA  . LYS A 1 110 ? -14.650 -6.501  -2.889  1.00 20.15 ? 111 LYS A CA  1 
ATOM   865  C  C   . LYS A 1 110 ? -13.882 -6.306  -4.197  1.00 19.55 ? 111 LYS A C   1 
ATOM   866  O  O   . LYS A 1 110 ? -14.322 -5.580  -5.088  1.00 18.66 ? 111 LYS A O   1 
ATOM   867  C  CB  . LYS A 1 110 ? -15.819 -7.466  -3.099  1.00 23.17 ? 111 LYS A CB  1 
ATOM   868  C  CG  . LYS A 1 110 ? -15.436 -8.865  -3.551  1.00 27.16 ? 111 LYS A CG  1 
ATOM   869  C  CD  . LYS A 1 110 ? -16.691 -9.718  -3.669  1.00 33.27 ? 111 LYS A CD  1 
ATOM   870  C  CE  . LYS A 1 110 ? -16.437 -11.013 -4.410  1.00 35.95 ? 111 LYS A CE  1 
ATOM   871  N  NZ  . LYS A 1 110 ? -17.713 -11.769 -4.605  1.00 38.39 ? 111 LYS A NZ  1 
ATOM   872  N  N   . VAL A 1 111 ? -12.727 -6.956  -4.311  1.00 17.74 ? 112 VAL A N   1 
ATOM   873  C  CA  . VAL A 1 111 ? -11.915 -6.825  -5.516  1.00 17.78 ? 112 VAL A CA  1 
ATOM   874  C  C   . VAL A 1 111 ? -11.215 -8.120  -5.886  1.00 17.00 ? 112 VAL A C   1 
ATOM   875  O  O   . VAL A 1 111 ? -10.887 -8.931  -5.025  1.00 17.21 ? 112 VAL A O   1 
ATOM   876  C  CB  . VAL A 1 111 ? -10.810 -5.741  -5.355  1.00 14.79 ? 112 VAL A CB  1 
ATOM   877  C  CG1 . VAL A 1 111 ? -11.419 -4.430  -4.911  1.00 15.48 ? 112 VAL A CG1 1 
ATOM   878  C  CG2 . VAL A 1 111 ? -9.760  -6.205  -4.352  1.00 10.98 ? 112 VAL A CG2 1 
ATOM   879  N  N   . LYS A 1 112 ? -11.003 -8.310  -7.180  1.00 17.83 ? 113 LYS A N   1 
ATOM   880  C  CA  . LYS A 1 112 ? -10.283 -9.469  -7.668  1.00 17.41 ? 113 LYS A CA  1 
ATOM   881  C  C   . LYS A 1 112 ? -9.139  -8.868  -8.461  1.00 17.34 ? 113 LYS A C   1 
ATOM   882  O  O   . LYS A 1 112 ? -9.343  -8.061  -9.370  1.00 18.17 ? 113 LYS A O   1 
ATOM   883  C  CB  . LYS A 1 112 ? -11.150 -10.355 -8.556  1.00 18.68 ? 113 LYS A CB  1 
ATOM   884  C  CG  . LYS A 1 112 ? -10.381 -11.545 -9.120  1.00 22.15 ? 113 LYS A CG  1 
ATOM   885  C  CD  . LYS A 1 112 ? -11.190 -12.833 -9.097  1.00 27.55 ? 113 LYS A CD  1 
ATOM   886  C  CE  . LYS A 1 112 ? -12.380 -12.792 -10.026 1.00 30.35 ? 113 LYS A CE  1 
ATOM   887  N  NZ  . LYS A 1 112 ? -13.210 -14.026 -9.886  1.00 30.09 ? 113 LYS A NZ  1 
ATOM   888  N  N   . ILE A 1 113 ? -7.930  -9.266  -8.104  1.00 17.08 ? 114 ILE A N   1 
ATOM   889  C  CA  . ILE A 1 113 ? -6.732  -8.735  -8.719  1.00 19.86 ? 114 ILE A CA  1 
ATOM   890  C  C   . ILE A 1 113 ? -5.872  -9.837  -9.349  1.00 19.81 ? 114 ILE A C   1 
ATOM   891  O  O   . ILE A 1 113 ? -5.998  -11.008 -9.006  1.00 17.72 ? 114 ILE A O   1 
ATOM   892  C  CB  . ILE A 1 113 ? -5.918  -7.971  -7.633  1.00 23.36 ? 114 ILE A CB  1 
ATOM   893  C  CG1 . ILE A 1 113 ? -5.101  -6.859  -8.268  1.00 26.79 ? 114 ILE A CG1 1 
ATOM   894  C  CG2 . ILE A 1 113 ? -5.049  -8.935  -6.831  1.00 23.15 ? 114 ILE A CG2 1 
ATOM   895  C  CD1 . ILE A 1 113 ? -5.918  -5.625  -8.523  1.00 30.05 ? 114 ILE A CD1 1 
ATOM   896  N  N   . GLU A 1 114 ? -5.017  -9.451  -10.292 1.00 21.07 ? 115 GLU A N   1 
ATOM   897  C  CA  . GLU A 1 114 ? -4.102  -10.382 -10.949 1.00 19.33 ? 115 GLU A CA  1 
ATOM   898  C  C   . GLU A 1 114 ? -2.711  -9.763  -10.801 1.00 20.21 ? 115 GLU A C   1 
ATOM   899  O  O   . GLU A 1 114 ? -2.540  -8.560  -11.005 1.00 18.15 ? 115 GLU A O   1 
ATOM   900  C  CB  . GLU A 1 114 ? -4.449  -10.529 -12.429 1.00 23.02 ? 115 GLU A CB  1 
ATOM   901  C  CG  . GLU A 1 114 ? -3.687  -11.636 -13.127 1.00 27.35 ? 115 GLU A CG  1 
ATOM   902  C  CD  . GLU A 1 114 ? -3.960  -11.671 -14.619 1.00 32.60 ? 115 GLU A CD  1 
ATOM   903  O  OE1 . GLU A 1 114 ? -5.149  -11.661 -15.006 1.00 34.50 ? 115 GLU A OE1 1 
ATOM   904  O  OE2 . GLU A 1 114 ? -2.986  -11.717 -15.401 1.00 33.69 ? 115 GLU A OE2 1 
ATOM   905  N  N   . TYR A 1 115 ? -1.725  -10.580 -10.445 1.00 18.74 ? 116 TYR A N   1 
ATOM   906  C  CA  . TYR A 1 115 ? -0.368  -10.088 -10.245 1.00 18.82 ? 116 TYR A CA  1 
ATOM   907  C  C   . TYR A 1 115 ? 0.648   -11.230 -10.317 1.00 18.96 ? 116 TYR A C   1 
ATOM   908  O  O   . TYR A 1 115 ? 0.320   -12.350 -10.708 1.00 19.98 ? 116 TYR A O   1 
ATOM   909  C  CB  . TYR A 1 115 ? -0.277  -9.403  -8.875  1.00 16.40 ? 116 TYR A CB  1 
ATOM   910  C  CG  . TYR A 1 115 ? -0.504  -10.349 -7.709  1.00 18.81 ? 116 TYR A CG  1 
ATOM   911  C  CD1 . TYR A 1 115 ? 0.572   -10.957 -7.057  1.00 18.39 ? 116 TYR A CD1 1 
ATOM   912  C  CD2 . TYR A 1 115 ? -1.796  -10.658 -7.275  1.00 18.41 ? 116 TYR A CD2 1 
ATOM   913  C  CE1 . TYR A 1 115 ? 0.369   -11.848 -6.003  1.00 17.05 ? 116 TYR A CE1 1 
ATOM   914  C  CE2 . TYR A 1 115 ? -2.009  -11.551 -6.220  1.00 19.29 ? 116 TYR A CE2 1 
ATOM   915  C  CZ  . TYR A 1 115 ? -0.924  -12.140 -5.590  1.00 18.34 ? 116 TYR A CZ  1 
ATOM   916  O  OH  . TYR A 1 115 ? -1.128  -13.013 -4.543  1.00 17.46 ? 116 TYR A OH  1 
ATOM   917  N  N   . GLN A 1 116 ? 1.884   -10.940 -9.939  1.00 19.15 ? 117 GLN A N   1 
ATOM   918  C  CA  . GLN A 1 116 ? 2.935   -11.948 -9.946  1.00 19.62 ? 117 GLN A CA  1 
ATOM   919  C  C   . GLN A 1 116 ? 3.659   -11.898 -8.611  1.00 19.99 ? 117 GLN A C   1 
ATOM   920  O  O   . GLN A 1 116 ? 3.758   -10.834 -7.997  1.00 18.46 ? 117 GLN A O   1 
ATOM   921  C  CB  . GLN A 1 116 ? 3.934   -11.670 -11.077 1.00 20.95 ? 117 GLN A CB  1 
ATOM   922  C  CG  . GLN A 1 116 ? 3.333   -11.680 -12.477 1.00 20.72 ? 117 GLN A CG  1 
ATOM   923  C  CD  . GLN A 1 116 ? 4.326   -11.250 -13.547 1.00 25.01 ? 117 GLN A CD  1 
ATOM   924  O  OE1 . GLN A 1 116 ? 5.251   -11.987 -13.891 1.00 24.36 ? 117 GLN A OE1 1 
ATOM   925  N  NE2 . GLN A 1 116 ? 4.140   -10.044 -14.072 1.00 25.82 ? 117 GLN A NE2 1 
ATOM   926  N  N   . ASN A 1 117 ? 4.146   -13.047 -8.145  1.00 21.08 ? 118 ASN A N   1 
ATOM   927  C  CA  . ASN A 1 117 ? 4.891   -13.072 -6.894  1.00 19.53 ? 118 ASN A CA  1 
ATOM   928  C  C   . ASN A 1 117 ? 6.344   -12.756 -7.240  1.00 19.86 ? 118 ASN A C   1 
ATOM   929  O  O   . ASN A 1 117 ? 6.638   -12.407 -8.385  1.00 18.00 ? 118 ASN A O   1 
ATOM   930  C  CB  . ASN A 1 117 ? 4.778   -14.430 -6.189  1.00 20.19 ? 118 ASN A CB  1 
ATOM   931  C  CG  . ASN A 1 117 ? 5.182   -15.594 -7.071  1.00 20.05 ? 118 ASN A CG  1 
ATOM   932  O  OD1 . ASN A 1 117 ? 5.966   -15.448 -8.006  1.00 21.62 ? 118 ASN A OD1 1 
ATOM   933  N  ND2 . ASN A 1 117 ? 4.656   -16.772 -6.756  1.00 21.44 ? 118 ASN A ND2 1 
ATOM   934  N  N   . ARG A 1 118 ? 7.247   -12.870 -6.272  1.00 18.07 ? 119 ARG A N   1 
ATOM   935  C  CA  . ARG A 1 118 ? 8.648   -12.545 -6.525  1.00 19.53 ? 119 ARG A CA  1 
ATOM   936  C  C   . ARG A 1 118 ? 9.336   -13.473 -7.525  1.00 21.86 ? 119 ARG A C   1 
ATOM   937  O  O   . ARG A 1 118 ? 10.438  -13.178 -8.002  1.00 20.24 ? 119 ARG A O   1 
ATOM   938  C  CB  . ARG A 1 118 ? 9.443   -12.540 -5.215  1.00 19.94 ? 119 ARG A CB  1 
ATOM   939  C  CG  . ARG A 1 118 ? 9.598   -13.903 -4.565  1.00 18.43 ? 119 ARG A CG  1 
ATOM   940  C  CD  . ARG A 1 118 ? 10.758  -13.890 -3.581  1.00 20.71 ? 119 ARG A CD  1 
ATOM   941  N  NE  . ARG A 1 118 ? 10.554  -12.927 -2.506  1.00 20.66 ? 119 ARG A NE  1 
ATOM   942  C  CZ  . ARG A 1 118 ? 11.485  -12.584 -1.623  1.00 20.48 ? 119 ARG A CZ  1 
ATOM   943  N  NH1 . ARG A 1 118 ? 11.205  -11.702 -0.676  1.00 21.50 ? 119 ARG A NH1 1 
ATOM   944  N  NH2 . ARG A 1 118 ? 12.701  -13.113 -1.691  1.00 19.73 ? 119 ARG A NH2 1 
ATOM   945  N  N   . PHE A 1 119 ? 8.694   -14.592 -7.846  1.00 22.10 ? 120 PHE A N   1 
ATOM   946  C  CA  . PHE A 1 119 ? 9.282   -15.535 -8.792  1.00 24.56 ? 120 PHE A CA  1 
ATOM   947  C  C   . PHE A 1 119 ? 8.629   -15.407 -10.160 1.00 24.82 ? 120 PHE A C   1 
ATOM   948  O  O   . PHE A 1 119 ? 8.803   -16.261 -11.025 1.00 26.82 ? 120 PHE A O   1 
ATOM   949  C  CB  . PHE A 1 119 ? 9.144   -16.966 -8.261  1.00 23.67 ? 120 PHE A CB  1 
ATOM   950  C  CG  . PHE A 1 119 ? 9.751   -17.160 -6.901  1.00 22.62 ? 120 PHE A CG  1 
ATOM   951  C  CD1 . PHE A 1 119 ? 8.958   -17.493 -5.812  1.00 23.19 ? 120 PHE A CD1 1 
ATOM   952  C  CD2 . PHE A 1 119 ? 11.116  -16.955 -6.699  1.00 23.17 ? 120 PHE A CD2 1 
ATOM   953  C  CE1 . PHE A 1 119 ? 9.510   -17.618 -4.534  1.00 23.54 ? 120 PHE A CE1 1 
ATOM   954  C  CE2 . PHE A 1 119 ? 11.680  -17.079 -5.427  1.00 23.54 ? 120 PHE A CE2 1 
ATOM   955  C  CZ  . PHE A 1 119 ? 10.874  -17.409 -4.342  1.00 25.24 ? 120 PHE A CZ  1 
ATOM   956  N  N   . ALA A 1 120 ? 7.883   -14.319 -10.339 1.00 24.65 ? 121 ALA A N   1 
ATOM   957  C  CA  . ALA A 1 120 ? 7.185   -14.025 -11.588 1.00 23.26 ? 121 ALA A CA  1 
ATOM   958  C  C   . ALA A 1 120 ? 5.987   -14.933 -11.839 1.00 23.79 ? 121 ALA A C   1 
ATOM   959  O  O   . ALA A 1 120 ? 5.445   -14.951 -12.944 1.00 21.99 ? 121 ALA A O   1 
ATOM   960  C  CB  . ALA A 1 120 ? 8.156   -14.108 -12.760 1.00 23.45 ? 121 ALA A CB  1 
ATOM   961  N  N   . GLU A 1 121 ? 5.568   -15.686 -10.824 1.00 24.17 ? 122 GLU A N   1 
ATOM   962  C  CA  . GLU A 1 121 ? 4.425   -16.582 -10.984 1.00 26.09 ? 122 GLU A CA  1 
ATOM   963  C  C   . GLU A 1 121 ? 3.133   -15.774 -10.947 1.00 24.34 ? 122 GLU A C   1 
ATOM   964  O  O   . GLU A 1 121 ? 2.942   -14.944 -10.061 1.00 23.72 ? 122 GLU A O   1 
ATOM   965  C  CB  . GLU A 1 121 ? 4.400   -17.638 -9.876  1.00 28.83 ? 122 GLU A CB  1 
ATOM   966  C  CG  . GLU A 1 121 ? 5.703   -18.415 -9.718  1.00 32.82 ? 122 GLU A CG  1 
ATOM   967  C  CD  . GLU A 1 121 ? 5.609   -19.505 -8.666  1.00 34.38 ? 122 GLU A CD  1 
ATOM   968  O  OE1 . GLU A 1 121 ? 4.917   -19.299 -7.644  1.00 34.80 ? 122 GLU A OE1 1 
ATOM   969  O  OE2 . GLU A 1 121 ? 6.238   -20.567 -8.857  1.00 39.16 ? 122 GLU A OE2 1 
ATOM   970  N  N   . VAL A 1 122 ? 2.255   -16.025 -11.913 1.00 23.86 ? 123 VAL A N   1 
ATOM   971  C  CA  . VAL A 1 122 ? 0.982   -15.322 -12.004 1.00 22.02 ? 123 VAL A CA  1 
ATOM   972  C  C   . VAL A 1 122 ? 0.001   -15.811 -10.952 1.00 20.75 ? 123 VAL A C   1 
ATOM   973  O  O   . VAL A 1 122 ? -0.162  -17.014 -10.741 1.00 20.06 ? 123 VAL A O   1 
ATOM   974  C  CB  . VAL A 1 122 ? 0.349   -15.489 -13.399 1.00 22.07 ? 123 VAL A CB  1 
ATOM   975  C  CG1 . VAL A 1 122 ? -0.971  -14.723 -13.472 1.00 21.88 ? 123 VAL A CG1 1 
ATOM   976  C  CG2 . VAL A 1 122 ? 1.306   -14.975 -14.456 1.00 23.79 ? 123 VAL A CG2 1 
ATOM   977  N  N   . LYS A 1 123 ? -0.652  -14.862 -10.294 1.00 19.15 ? 124 LYS A N   1 
ATOM   978  C  CA  . LYS A 1 123 ? -1.609  -15.186 -9.250  1.00 18.87 ? 124 LYS A CA  1 
ATOM   979  C  C   . LYS A 1 123 ? -2.887  -14.392 -9.415  1.00 18.70 ? 124 LYS A C   1 
ATOM   980  O  O   . LYS A 1 123 ? -2.878  -13.280 -9.941  1.00 18.23 ? 124 LYS A O   1 
ATOM   981  C  CB  . LYS A 1 123 ? -1.015  -14.863 -7.878  1.00 18.16 ? 124 LYS A CB  1 
ATOM   982  C  CG  . LYS A 1 123 ? 0.343   -15.481 -7.616  1.00 18.64 ? 124 LYS A CG  1 
ATOM   983  C  CD  . LYS A 1 123 ? 0.260   -16.989 -7.453  1.00 16.61 ? 124 LYS A CD  1 
ATOM   984  C  CE  . LYS A 1 123 ? 1.645   -17.565 -7.214  1.00 17.57 ? 124 LYS A CE  1 
ATOM   985  N  NZ  . LYS A 1 123 ? 1.626   -19.037 -7.103  1.00 19.38 ? 124 LYS A NZ  1 
ATOM   986  N  N   . VAL A 1 124 ? -3.991  -14.972 -8.967  1.00 19.33 ? 125 VAL A N   1 
ATOM   987  C  CA  . VAL A 1 124 ? -5.268  -14.281 -9.014  1.00 17.67 ? 125 VAL A CA  1 
ATOM   988  C  C   . VAL A 1 124 ? -5.760  -14.292 -7.575  1.00 18.03 ? 125 VAL A C   1 
ATOM   989  O  O   . VAL A 1 124 ? -5.746  -15.334 -6.916  1.00 17.18 ? 125 VAL A O   1 
ATOM   990  C  CB  . VAL A 1 124 ? -6.286  -14.988 -9.928  1.00 16.35 ? 125 VAL A CB  1 
ATOM   991  C  CG1 . VAL A 1 124 ? -7.656  -14.311 -9.794  1.00 16.80 ? 125 VAL A CG1 1 
ATOM   992  C  CG2 . VAL A 1 124 ? -5.815  -14.928 -11.376 1.00 15.11 ? 125 VAL A CG2 1 
ATOM   993  N  N   . LEU A 1 125 ? -6.177  -13.131 -7.082  1.00 18.09 ? 126 LEU A N   1 
ATOM   994  C  CA  . LEU A 1 125 ? -6.635  -13.031 -5.702  1.00 18.16 ? 126 LEU A CA  1 
ATOM   995  C  C   . LEU A 1 125 ? -7.894  -12.198 -5.534  1.00 18.02 ? 126 LEU A C   1 
ATOM   996  O  O   . LEU A 1 125 ? -7.986  -11.078 -6.035  1.00 15.84 ? 126 LEU A O   1 
ATOM   997  C  CB  . LEU A 1 125 ? -5.522  -12.440 -4.827  1.00 16.42 ? 126 LEU A CB  1 
ATOM   998  C  CG  . LEU A 1 125 ? -5.874  -12.211 -3.353  1.00 19.42 ? 126 LEU A CG  1 
ATOM   999  C  CD1 . LEU A 1 125 ? -6.065  -13.551 -2.650  1.00 16.31 ? 126 LEU A CD1 1 
ATOM   1000 C  CD2 . LEU A 1 125 ? -4.773  -11.415 -2.683  1.00 18.43 ? 126 LEU A CD2 1 
ATOM   1001 N  N   . GLU A 1 126 ? -8.865  -12.761 -4.825  1.00 18.58 ? 127 GLU A N   1 
ATOM   1002 C  CA  . GLU A 1 126 ? -10.114 -12.069 -4.549  1.00 19.43 ? 127 GLU A CA  1 
ATOM   1003 C  C   . GLU A 1 126 ? -10.028 -11.648 -3.090  1.00 16.98 ? 127 GLU A C   1 
ATOM   1004 O  O   . GLU A 1 126 ? -9.525  -12.396 -2.258  1.00 17.09 ? 127 GLU A O   1 
ATOM   1005 C  CB  . GLU A 1 126 ? -11.309 -13.004 -4.773  1.00 20.66 ? 127 GLU A CB  1 
ATOM   1006 C  CG  . GLU A 1 126 ? -12.635 -12.454 -4.261  1.00 28.47 ? 127 GLU A CG  1 
ATOM   1007 C  CD  . GLU A 1 126 ? -13.844 -13.160 -4.861  1.00 30.92 ? 127 GLU A CD  1 
ATOM   1008 O  OE1 . GLU A 1 126 ? -14.300 -12.747 -5.950  1.00 30.41 ? 127 GLU A OE1 1 
ATOM   1009 O  OE2 . GLU A 1 126 ? -14.333 -14.133 -4.249  1.00 34.68 ? 127 GLU A OE2 1 
ATOM   1010 N  N   . ALA A 1 127 ? -10.498 -10.448 -2.778  1.00 15.58 ? 128 ALA A N   1 
ATOM   1011 C  CA  . ALA A 1 127 ? -10.432 -9.979  -1.401  1.00 15.67 ? 128 ALA A CA  1 
ATOM   1012 C  C   . ALA A 1 127 ? -11.578 -9.066  -1.007  1.00 14.87 ? 128 ALA A C   1 
ATOM   1013 O  O   . ALA A 1 127 ? -12.227 -8.448  -1.854  1.00 14.96 ? 128 ALA A O   1 
ATOM   1014 C  CB  . ALA A 1 127 ? -9.106  -9.266  -1.167  1.00 15.93 ? 128 ALA A CB  1 
ATOM   1015 N  N   . SER A 1 128 ? -11.817 -8.989  0.296   1.00 15.91 ? 129 SER A N   1 
ATOM   1016 C  CA  . SER A 1 128 ? -12.862 -8.135  0.843   1.00 17.39 ? 129 SER A CA  1 
ATOM   1017 C  C   . SER A 1 128 ? -12.370 -7.553  2.166   1.00 17.92 ? 129 SER A C   1 
ATOM   1018 O  O   . SER A 1 128 ? -11.303 -7.920  2.659   1.00 19.46 ? 129 SER A O   1 
ATOM   1019 C  CB  . SER A 1 128 ? -14.140 -8.945  1.073   1.00 17.59 ? 129 SER A CB  1 
ATOM   1020 O  OG  . SER A 1 128 ? -13.907 -9.989  2.003   1.00 21.50 ? 129 SER A OG  1 
ATOM   1021 N  N   . GLU A 1 129 ? -13.151 -6.645  2.733   1.00 18.68 ? 130 GLU A N   1 
ATOM   1022 C  CA  . GLU A 1 129 ? -12.813 -6.021  4.002   1.00 21.70 ? 130 GLU A CA  1 
ATOM   1023 C  C   . GLU A 1 129 ? -11.401 -5.438  4.048   1.00 21.63 ? 130 GLU A C   1 
ATOM   1024 O  O   . GLU A 1 129 ? -10.946 -4.831  3.084   1.00 22.62 ? 130 GLU A O   1 
ATOM   1025 C  CB  . GLU A 1 129 ? -13.016 -7.022  5.144   1.00 25.00 ? 130 GLU A CB  1 
ATOM   1026 C  CG  . GLU A 1 129 ? -14.473 -7.421  5.355   1.00 30.71 ? 130 GLU A CG  1 
ATOM   1027 C  CD  . GLU A 1 129 ? -14.647 -8.445  6.467   1.00 36.30 ? 130 GLU A CD  1 
ATOM   1028 O  OE1 . GLU A 1 129 ? -14.236 -9.611  6.277   1.00 37.80 ? 130 GLU A OE1 1 
ATOM   1029 O  OE2 . GLU A 1 129 ? -15.190 -8.083  7.535   1.00 38.92 ? 130 GLU A OE2 1 
ATOM   1030 N  N   . LEU A 1 130 ? -10.715 -5.625  5.170   1.00 21.81 ? 131 LEU A N   1 
ATOM   1031 C  CA  . LEU A 1 130 ? -9.373  -5.079  5.346   1.00 22.05 ? 131 LEU A CA  1 
ATOM   1032 C  C   . LEU A 1 130 ? -8.381  -5.402  4.224   1.00 20.99 ? 131 LEU A C   1 
ATOM   1033 O  O   . LEU A 1 130 ? -7.642  -4.523  3.776   1.00 21.20 ? 131 LEU A O   1 
ATOM   1034 C  CB  . LEU A 1 130 ? -8.794  -5.522  6.697   1.00 22.41 ? 131 LEU A CB  1 
ATOM   1035 C  CG  . LEU A 1 130 ? -7.454  -4.875  7.077   1.00 26.97 ? 131 LEU A CG  1 
ATOM   1036 C  CD1 . LEU A 1 130 ? -7.593  -3.361  7.000   1.00 25.16 ? 131 LEU A CD1 1 
ATOM   1037 C  CD2 . LEU A 1 130 ? -7.027  -5.306  8.482   1.00 25.95 ? 131 LEU A CD2 1 
ATOM   1038 N  N   . LEU A 1 131 ? -8.355  -6.649  3.767   1.00 21.77 ? 132 LEU A N   1 
ATOM   1039 C  CA  . LEU A 1 131 ? -7.428  -7.020  2.702   1.00 19.94 ? 132 LEU A CA  1 
ATOM   1040 C  C   . LEU A 1 131 ? -7.752  -6.293  1.401   1.00 19.47 ? 132 LEU A C   1 
ATOM   1041 O  O   . LEU A 1 131 ? -6.846  -5.863  0.689   1.00 20.39 ? 132 LEU A O   1 
ATOM   1042 C  CB  . LEU A 1 131 ? -7.444  -8.532  2.467   1.00 18.05 ? 132 LEU A CB  1 
ATOM   1043 C  CG  . LEU A 1 131 ? -6.438  -9.043  1.428   1.00 18.36 ? 132 LEU A CG  1 
ATOM   1044 C  CD1 . LEU A 1 131 ? -5.021  -8.636  1.821   1.00 17.26 ? 132 LEU A CD1 1 
ATOM   1045 C  CD2 . LEU A 1 131 ? -6.546  -10.556 1.318   1.00 17.09 ? 132 LEU A CD2 1 
ATOM   1046 N  N   . ALA A 1 132 ? -9.039  -6.149  1.089   1.00 18.81 ? 133 ALA A N   1 
ATOM   1047 C  CA  . ALA A 1 132 ? -9.436  -5.458  -0.140  1.00 18.36 ? 133 ALA A CA  1 
ATOM   1048 C  C   . ALA A 1 132 ? -9.049  -3.988  -0.065  1.00 17.68 ? 133 ALA A C   1 
ATOM   1049 O  O   . ALA A 1 132 ? -8.679  -3.379  -1.070  1.00 18.63 ? 133 ALA A O   1 
ATOM   1050 C  CB  . ALA A 1 132 ? -10.938 -5.594  -0.371  1.00 16.29 ? 133 ALA A CB  1 
ATOM   1051 N  N   . VAL A 1 133 ? -9.142  -3.422  1.131   1.00 17.07 ? 134 VAL A N   1 
ATOM   1052 C  CA  . VAL A 1 133 ? -8.797  -2.022  1.348   1.00 14.98 ? 134 VAL A CA  1 
ATOM   1053 C  C   . VAL A 1 133 ? -7.291  -1.799  1.172   1.00 15.16 ? 134 VAL A C   1 
ATOM   1054 O  O   . VAL A 1 133 ? -6.870  -0.883  0.461   1.00 15.85 ? 134 VAL A O   1 
ATOM   1055 C  CB  . VAL A 1 133 ? -9.231  -1.564  2.774   1.00 15.29 ? 134 VAL A CB  1 
ATOM   1056 C  CG1 . VAL A 1 133 ? -8.593  -0.236  3.126   1.00 12.69 ? 134 VAL A CG1 1 
ATOM   1057 C  CG2 . VAL A 1 133 ? -10.752 -1.438  2.838   1.00 13.96 ? 134 VAL A CG2 1 
ATOM   1058 N  N   . ALA A 1 134 ? -6.487  -2.641  1.813   1.00 14.59 ? 135 ALA A N   1 
ATOM   1059 C  CA  . ALA A 1 134 ? -5.034  -2.522  1.733   1.00 13.22 ? 135 ALA A CA  1 
ATOM   1060 C  C   . ALA A 1 134 ? -4.569  -2.625  0.287   1.00 14.57 ? 135 ALA A C   1 
ATOM   1061 O  O   . ALA A 1 134 ? -3.684  -1.883  -0.149  1.00 14.75 ? 135 ALA A O   1 
ATOM   1062 C  CB  . ALA A 1 134 ? -4.368  -3.607  2.579   1.00 10.67 ? 135 ALA A CB  1 
ATOM   1063 N  N   . ILE A 1 135 ? -5.174  -3.544  -0.458  1.00 14.77 ? 136 ILE A N   1 
ATOM   1064 C  CA  . ILE A 1 135 ? -4.825  -3.732  -1.859  1.00 14.39 ? 136 ILE A CA  1 
ATOM   1065 C  C   . ILE A 1 135 ? -5.111  -2.453  -2.646  1.00 15.06 ? 136 ILE A C   1 
ATOM   1066 O  O   . ILE A 1 135 ? -4.256  -1.967  -3.384  1.00 15.69 ? 136 ILE A O   1 
ATOM   1067 C  CB  . ILE A 1 135 ? -5.610  -4.924  -2.471  1.00 14.79 ? 136 ILE A CB  1 
ATOM   1068 C  CG1 . ILE A 1 135 ? -5.096  -6.239  -1.879  1.00 13.12 ? 136 ILE A CG1 1 
ATOM   1069 C  CG2 . ILE A 1 135 ? -5.460  -4.942  -3.994  1.00 14.84 ? 136 ILE A CG2 1 
ATOM   1070 C  CD1 . ILE A 1 135 ? -5.868  -7.467  -2.338  1.00 10.80 ? 136 ILE A CD1 1 
ATOM   1071 N  N   . GLN A 1 136 ? -6.308  -1.899  -2.469  1.00 13.30 ? 137 GLN A N   1 
ATOM   1072 C  CA  . GLN A 1 136 ? -6.689  -0.674  -3.167  1.00 13.32 ? 137 GLN A CA  1 
ATOM   1073 C  C   . GLN A 1 136 ? -5.800  0.499   -2.774  1.00 13.75 ? 137 GLN A C   1 
ATOM   1074 O  O   . GLN A 1 136 ? -5.396  1.291   -3.619  1.00 14.20 ? 137 GLN A O   1 
ATOM   1075 C  CB  . GLN A 1 136 ? -8.154  -0.335  -2.878  1.00 10.83 ? 137 GLN A CB  1 
ATOM   1076 C  CG  . GLN A 1 136 ? -9.136  -1.325  -3.485  1.00 12.77 ? 137 GLN A CG  1 
ATOM   1077 C  CD  . GLN A 1 136 ? -10.574 -1.063  -3.050  1.00 13.31 ? 137 GLN A CD  1 
ATOM   1078 O  OE1 . GLN A 1 136 ? -11.194 -0.087  -3.469  1.00 11.69 ? 137 GLN A OE1 1 
ATOM   1079 N  NE2 . GLN A 1 136 ? -11.099 -1.932  -2.196  1.00 11.44 ? 137 GLN A NE2 1 
ATOM   1080 N  N   . HIS A 1 137 ? -5.508  0.603   -1.481  1.00 13.76 ? 138 HIS A N   1 
ATOM   1081 C  CA  . HIS A 1 137 ? -4.660  1.663   -0.945  1.00 13.12 ? 138 HIS A CA  1 
ATOM   1082 C  C   . HIS A 1 137 ? -3.248  1.563   -1.527  1.00 13.33 ? 138 HIS A C   1 
ATOM   1083 O  O   . HIS A 1 137 ? -2.718  2.532   -2.071  1.00 16.36 ? 138 HIS A O   1 
ATOM   1084 C  CB  . HIS A 1 137 ? -4.608  1.539   0.582   1.00 15.00 ? 138 HIS A CB  1 
ATOM   1085 C  CG  . HIS A 1 137 ? -3.707  2.528   1.253   1.00 16.03 ? 138 HIS A CG  1 
ATOM   1086 N  ND1 . HIS A 1 137 ? -4.177  3.675   1.855   1.00 16.65 ? 138 HIS A ND1 1 
ATOM   1087 C  CD2 . HIS A 1 137 ? -2.370  2.509   1.475   1.00 17.65 ? 138 HIS A CD2 1 
ATOM   1088 C  CE1 . HIS A 1 137 ? -3.172  4.317   2.425   1.00 15.54 ? 138 HIS A CE1 1 
ATOM   1089 N  NE2 . HIS A 1 137 ? -2.066  3.629   2.210   1.00 17.69 ? 138 HIS A NE2 1 
ATOM   1090 N  N   . GLU A 1 138 ? -2.643  0.388   -1.419  1.00 13.26 ? 139 GLU A N   1 
ATOM   1091 C  CA  . GLU A 1 138 ? -1.292  0.198   -1.930  1.00 12.67 ? 139 GLU A CA  1 
ATOM   1092 C  C   . GLU A 1 138 ? -1.203  0.407   -3.442  1.00 13.00 ? 139 GLU A C   1 
ATOM   1093 O  O   . GLU A 1 138 ? -0.264  1.032   -3.927  1.00 12.19 ? 139 GLU A O   1 
ATOM   1094 C  CB  . GLU A 1 138 ? -0.766  -1.194  -1.558  1.00 11.80 ? 139 GLU A CB  1 
ATOM   1095 C  CG  . GLU A 1 138 ? -0.530  -1.392  -0.069  1.00 10.32 ? 139 GLU A CG  1 
ATOM   1096 C  CD  . GLU A 1 138 ? 0.175   -0.214  0.586   1.00 12.23 ? 139 GLU A CD  1 
ATOM   1097 O  OE1 . GLU A 1 138 ? 1.099   0.352   -0.028  1.00 14.29 ? 139 GLU A OE1 1 
ATOM   1098 O  OE2 . GLU A 1 138 ? -0.188  0.140   1.725   1.00 10.96 ? 139 GLU A OE2 1 
ATOM   1099 N  N   . ILE A 1 139 ? -2.170  -0.117  -4.185  1.00 14.09 ? 140 ILE A N   1 
ATOM   1100 C  CA  . ILE A 1 139 ? -2.165  0.062   -5.629  1.00 15.56 ? 140 ILE A CA  1 
ATOM   1101 C  C   . ILE A 1 139 ? -2.278  1.547   -5.982  1.00 16.38 ? 140 ILE A C   1 
ATOM   1102 O  O   . ILE A 1 139 ? -1.708  1.993   -6.981  1.00 18.33 ? 140 ILE A O   1 
ATOM   1103 C  CB  . ILE A 1 139 ? -3.297  -0.768  -6.307  1.00 14.21 ? 140 ILE A CB  1 
ATOM   1104 C  CG1 . ILE A 1 139 ? -2.862  -2.236  -6.381  1.00 14.23 ? 140 ILE A CG1 1 
ATOM   1105 C  CG2 . ILE A 1 139 ? -3.579  -0.247  -7.708  1.00 12.36 ? 140 ILE A CG2 1 
ATOM   1106 C  CD1 . ILE A 1 139 ? -3.900  -3.178  -6.969  1.00 15.34 ? 140 ILE A CD1 1 
ATOM   1107 N  N   . ASP A 1 140 ? -2.996  2.319   -5.169  1.00 15.89 ? 141 ASP A N   1 
ATOM   1108 C  CA  . ASP A 1 140 ? -3.099  3.753   -5.433  1.00 14.85 ? 141 ASP A CA  1 
ATOM   1109 C  C   . ASP A 1 140 ? -1.695  4.372   -5.406  1.00 15.41 ? 141 ASP A C   1 
ATOM   1110 O  O   . ASP A 1 140 ? -1.392  5.283   -6.177  1.00 15.25 ? 141 ASP A O   1 
ATOM   1111 C  CB  . ASP A 1 140 ? -3.982  4.453   -4.393  1.00 14.99 ? 141 ASP A CB  1 
ATOM   1112 C  CG  . ASP A 1 140 ? -5.460  4.432   -4.762  1.00 16.15 ? 141 ASP A CG  1 
ATOM   1113 O  OD1 . ASP A 1 140 ? -5.787  4.256   -5.957  1.00 15.52 ? 141 ASP A OD1 1 
ATOM   1114 O  OD2 . ASP A 1 140 ? -6.299  4.615   -3.858  1.00 16.32 ? 141 ASP A OD2 1 
ATOM   1115 N  N   . HIS A 1 141 ? -0.840  3.878   -4.516  1.00 14.00 ? 142 HIS A N   1 
ATOM   1116 C  CA  . HIS A 1 141 ? 0.525   4.392   -4.430  1.00 13.59 ? 142 HIS A CA  1 
ATOM   1117 C  C   . HIS A 1 141 ? 1.263   4.219   -5.746  1.00 12.82 ? 142 HIS A C   1 
ATOM   1118 O  O   . HIS A 1 141 ? 2.026   5.094   -6.152  1.00 13.79 ? 142 HIS A O   1 
ATOM   1119 C  CB  . HIS A 1 141 ? 1.307   3.675   -3.328  1.00 13.74 ? 142 HIS A CB  1 
ATOM   1120 C  CG  . HIS A 1 141 ? 1.096   4.251   -1.965  1.00 12.24 ? 142 HIS A CG  1 
ATOM   1121 N  ND1 . HIS A 1 141 ? 1.350   5.573   -1.671  1.00 14.27 ? 142 HIS A ND1 1 
ATOM   1122 C  CD2 . HIS A 1 141 ? 0.679   3.682   -0.810  1.00 13.00 ? 142 HIS A CD2 1 
ATOM   1123 C  CE1 . HIS A 1 141 ? 1.101   5.794   -0.392  1.00 13.10 ? 142 HIS A CE1 1 
ATOM   1124 N  NE2 . HIS A 1 141 ? 0.694   4.662   0.153   1.00 12.81 ? 142 HIS A NE2 1 
ATOM   1125 N  N   . LEU A 1 142 ? 1.037   3.083   -6.407  1.00 11.23 ? 143 LEU A N   1 
ATOM   1126 C  CA  . LEU A 1 142 ? 1.685   2.787   -7.683  1.00 13.43 ? 143 LEU A CA  1 
ATOM   1127 C  C   . LEU A 1 142 ? 1.347   3.808   -8.767  1.00 15.20 ? 143 LEU A C   1 
ATOM   1128 O  O   . LEU A 1 142 ? 2.102   3.979   -9.731  1.00 14.04 ? 143 LEU A O   1 
ATOM   1129 C  CB  . LEU A 1 142 ? 1.281   1.393   -8.180  1.00 15.30 ? 143 LEU A CB  1 
ATOM   1130 C  CG  . LEU A 1 142 ? 1.458   0.197   -7.241  1.00 17.48 ? 143 LEU A CG  1 
ATOM   1131 C  CD1 . LEU A 1 142 ? 1.375   -1.092  -8.059  1.00 15.03 ? 143 LEU A CD1 1 
ATOM   1132 C  CD2 . LEU A 1 142 ? 2.792   0.288   -6.520  1.00 11.79 ? 143 LEU A CD2 1 
ATOM   1133 N  N   . ASN A 1 143 ? 0.210   4.477   -8.601  1.00 13.67 ? 144 ASN A N   1 
ATOM   1134 C  CA  . ASN A 1 143 ? -0.263  5.467   -9.559  1.00 14.04 ? 144 ASN A CA  1 
ATOM   1135 C  C   . ASN A 1 143 ? -0.098  6.882   -9.022  1.00 14.57 ? 144 ASN A C   1 
ATOM   1136 O  O   . ASN A 1 143 ? -0.680  7.824   -9.558  1.00 13.85 ? 144 ASN A O   1 
ATOM   1137 C  CB  . ASN A 1 143 ? -1.741  5.212   -9.870  1.00 14.23 ? 144 ASN A CB  1 
ATOM   1138 C  CG  . ASN A 1 143 ? -1.978  3.840   -10.470 1.00 14.65 ? 144 ASN A CG  1 
ATOM   1139 O  OD1 . ASN A 1 143 ? -3.034  3.235   -10.272 1.00 17.74 ? 144 ASN A OD1 1 
ATOM   1140 N  ND2 . ASN A 1 143 ? -1.001  3.348   -11.215 1.00 13.94 ? 144 ASN A ND2 1 
ATOM   1141 N  N   . GLY A 1 144 ? 0.679   7.015   -7.948  1.00 13.37 ? 145 GLY A N   1 
ATOM   1142 C  CA  . GLY A 1 144 ? 0.923   8.315   -7.346  1.00 13.85 ? 145 GLY A CA  1 
ATOM   1143 C  C   . GLY A 1 144 ? -0.257  8.890   -6.583  1.00 16.63 ? 145 GLY A C   1 
ATOM   1144 O  O   . GLY A 1 144 ? -0.395  10.111  -6.485  1.00 15.04 ? 145 GLY A O   1 
ATOM   1145 N  N   . VAL A 1 145 ? -1.099  8.015   -6.034  1.00 14.71 ? 146 VAL A N   1 
ATOM   1146 C  CA  . VAL A 1 145 ? -2.281  8.436   -5.285  1.00 15.51 ? 146 VAL A CA  1 
ATOM   1147 C  C   . VAL A 1 145 ? -2.192  8.138   -3.783  1.00 16.98 ? 146 VAL A C   1 
ATOM   1148 O  O   . VAL A 1 145 ? -1.873  7.019   -3.377  1.00 17.43 ? 146 VAL A O   1 
ATOM   1149 C  CB  . VAL A 1 145 ? -3.554  7.758   -5.845  1.00 13.18 ? 146 VAL A CB  1 
ATOM   1150 C  CG1 . VAL A 1 145 ? -4.764  8.106   -4.994  1.00 13.05 ? 146 VAL A CG1 1 
ATOM   1151 C  CG2 . VAL A 1 145 ? -3.778  8.201   -7.285  1.00 14.81 ? 146 VAL A CG2 1 
ATOM   1152 N  N   . LEU A 1 146 ? -2.479  9.153   -2.969  1.00 18.26 ? 147 LEU A N   1 
ATOM   1153 C  CA  . LEU A 1 146 ? -2.460  9.027   -1.512  1.00 17.67 ? 147 LEU A CA  1 
ATOM   1154 C  C   . LEU A 1 146 ? -3.909  9.018   -1.043  1.00 17.79 ? 147 LEU A C   1 
ATOM   1155 O  O   . LEU A 1 146 ? -4.771  9.587   -1.707  1.00 17.97 ? 147 LEU A O   1 
ATOM   1156 C  CB  . LEU A 1 146 ? -1.712  10.210  -0.891  1.00 17.15 ? 147 LEU A CB  1 
ATOM   1157 C  CG  . LEU A 1 146 ? -0.251  10.369  -1.326  1.00 17.30 ? 147 LEU A CG  1 
ATOM   1158 C  CD1 . LEU A 1 146 ? 0.359   11.597  -0.668  1.00 12.35 ? 147 LEU A CD1 1 
ATOM   1159 C  CD2 . LEU A 1 146 ? 0.527   9.109   -0.948  1.00 16.10 ? 147 LEU A CD2 1 
ATOM   1160 N  N   . PHE A 1 147 ? -4.192  8.385   0.094   1.00 18.60 ? 148 PHE A N   1 
ATOM   1161 C  CA  . PHE A 1 147 ? -5.573  8.333   0.557   1.00 17.90 ? 148 PHE A CA  1 
ATOM   1162 C  C   . PHE A 1 147 ? -6.139  9.710   0.906   1.00 20.17 ? 148 PHE A C   1 
ATOM   1163 O  O   . PHE A 1 147 ? -7.357  9.908   0.867   1.00 19.36 ? 148 PHE A O   1 
ATOM   1164 C  CB  . PHE A 1 147 ? -5.731  7.369   1.746   1.00 18.52 ? 148 PHE A CB  1 
ATOM   1165 C  CG  . PHE A 1 147 ? -5.268  7.924   3.064   1.00 19.07 ? 148 PHE A CG  1 
ATOM   1166 C  CD1 . PHE A 1 147 ? -3.918  7.959   3.389   1.00 20.54 ? 148 PHE A CD1 1 
ATOM   1167 C  CD2 . PHE A 1 147 ? -6.193  8.380   3.996   1.00 18.76 ? 148 PHE A CD2 1 
ATOM   1168 C  CE1 . PHE A 1 147 ? -3.492  8.440   4.631   1.00 22.36 ? 148 PHE A CE1 1 
ATOM   1169 C  CE2 . PHE A 1 147 ? -5.784  8.861   5.237   1.00 21.42 ? 148 PHE A CE2 1 
ATOM   1170 C  CZ  . PHE A 1 147 ? -4.427  8.890   5.557   1.00 20.44 ? 148 PHE A CZ  1 
ATOM   1171 N  N   . VAL A 1 148 ? -5.269  10.668  1.229   1.00 19.70 ? 149 VAL A N   1 
ATOM   1172 C  CA  . VAL A 1 148 ? -5.750  12.005  1.557   1.00 20.08 ? 149 VAL A CA  1 
ATOM   1173 C  C   . VAL A 1 148 ? -6.259  12.689  0.292   1.00 22.93 ? 149 VAL A C   1 
ATOM   1174 O  O   . VAL A 1 148 ? -6.911  13.726  0.362   1.00 25.26 ? 149 VAL A O   1 
ATOM   1175 C  CB  . VAL A 1 148 ? -4.648  12.888  2.214   1.00 19.89 ? 149 VAL A CB  1 
ATOM   1176 C  CG1 . VAL A 1 148 ? -4.192  12.265  3.520   1.00 17.75 ? 149 VAL A CG1 1 
ATOM   1177 C  CG2 . VAL A 1 148 ? -3.475  13.071  1.267   1.00 19.34 ? 149 VAL A CG2 1 
ATOM   1178 N  N   . ASP A 1 149 ? -5.960  12.099  -0.864  1.00 24.23 ? 150 ASP A N   1 
ATOM   1179 C  CA  . ASP A 1 149 ? -6.402  12.642  -2.144  1.00 27.23 ? 150 ASP A CA  1 
ATOM   1180 C  C   . ASP A 1 149 ? -7.884  12.337  -2.341  1.00 29.60 ? 150 ASP A C   1 
ATOM   1181 O  O   . ASP A 1 149 ? -8.589  13.050  -3.050  1.00 31.37 ? 150 ASP A O   1 
ATOM   1182 C  CB  . ASP A 1 149 ? -5.634  11.997  -3.306  1.00 24.11 ? 150 ASP A CB  1 
ATOM   1183 C  CG  . ASP A 1 149 ? -4.157  12.336  -3.310  1.00 23.76 ? 150 ASP A CG  1 
ATOM   1184 O  OD1 . ASP A 1 149 ? -3.414  11.648  -4.039  1.00 21.37 ? 150 ASP A OD1 1 
ATOM   1185 O  OD2 . ASP A 1 149 ? -3.739  13.276  -2.606  1.00 19.93 ? 150 ASP A OD2 1 
ATOM   1186 N  N   . LYS A 1 150 ? -8.348  11.266  -1.709  1.00 32.99 ? 151 LYS A N   1 
ATOM   1187 C  CA  . LYS A 1 150 ? -9.729  10.827  -1.845  1.00 34.70 ? 151 LYS A CA  1 
ATOM   1188 C  C   . LYS A 1 150 ? -10.670 11.344  -0.757  1.00 35.56 ? 151 LYS A C   1 
ATOM   1189 O  O   . LYS A 1 150 ? -11.839 10.967  -0.713  1.00 36.11 ? 151 LYS A O   1 
ATOM   1190 C  CB  . LYS A 1 150 ? -9.759  9.295   -1.872  1.00 35.64 ? 151 LYS A CB  1 
ATOM   1191 C  CG  . LYS A 1 150 ? -8.558  8.683   -2.591  1.00 36.94 ? 151 LYS A CG  1 
ATOM   1192 C  CD  . LYS A 1 150 ? -8.654  7.169   -2.670  1.00 37.62 ? 151 LYS A CD  1 
ATOM   1193 C  CE  . LYS A 1 150 ? -9.511  6.722   -3.847  1.00 39.38 ? 151 LYS A CE  1 
ATOM   1194 N  NZ  . LYS A 1 150 ? -8.839  6.993   -5.153  1.00 39.23 ? 151 LYS A NZ  1 
ATOM   1195 N  N   . LEU A 1 151 ? -10.169 12.212  0.113   1.00 37.64 ? 152 LEU A N   1 
ATOM   1196 C  CA  . LEU A 1 151 ? -10.988 12.748  1.197   1.00 39.77 ? 152 LEU A CA  1 
ATOM   1197 C  C   . LEU A 1 151 ? -12.098 13.681  0.726   1.00 41.47 ? 152 LEU A C   1 
ATOM   1198 O  O   . LEU A 1 151 ? -11.922 14.454  -0.215  1.00 40.68 ? 152 LEU A O   1 
ATOM   1199 C  CB  . LEU A 1 151 ? -10.111 13.486  2.211   1.00 38.91 ? 152 LEU A CB  1 
ATOM   1200 C  CG  . LEU A 1 151 ? -9.063  12.653  2.947   1.00 38.58 ? 152 LEU A CG  1 
ATOM   1201 C  CD1 . LEU A 1 151 ? -8.268  13.562  3.876   1.00 37.90 ? 152 LEU A CD1 1 
ATOM   1202 C  CD2 . LEU A 1 151 ? -9.741  11.535  3.725   1.00 37.78 ? 152 LEU A CD2 1 
ATOM   1203 N  N   . SER A 1 152 ? -13.243 13.600  1.396   1.00 42.82 ? 153 SER A N   1 
ATOM   1204 C  CA  . SER A 1 152 ? -14.382 14.441  1.066   1.00 45.12 ? 153 SER A CA  1 
ATOM   1205 C  C   . SER A 1 152 ? -13.995 15.887  1.342   1.00 47.37 ? 153 SER A C   1 
ATOM   1206 O  O   . SER A 1 152 ? -12.980 16.156  1.988   1.00 46.94 ? 153 SER A O   1 
ATOM   1207 C  CB  . SER A 1 152 ? -15.593 14.060  1.921   1.00 45.46 ? 153 SER A CB  1 
ATOM   1208 O  OG  . SER A 1 152 ? -15.353 14.329  3.292   1.00 45.05 ? 153 SER A OG  1 
ATOM   1209 N  N   . ILE A 1 153 ? -14.813 16.813  0.854   1.00 49.11 ? 154 ILE A N   1 
ATOM   1210 C  CA  . ILE A 1 153 ? -14.556 18.235  1.035   1.00 51.48 ? 154 ILE A CA  1 
ATOM   1211 C  C   . ILE A 1 153 ? -14.355 18.609  2.502   1.00 52.07 ? 154 ILE A C   1 
ATOM   1212 O  O   . ILE A 1 153 ? -13.464 19.394  2.830   1.00 51.45 ? 154 ILE A O   1 
ATOM   1213 C  CB  . ILE A 1 153 ? -15.712 19.073  0.459   1.00 53.39 ? 154 ILE A CB  1 
ATOM   1214 C  CG1 . ILE A 1 153 ? -15.916 18.718  -1.017  1.00 54.60 ? 154 ILE A CG1 1 
ATOM   1215 C  CG2 . ILE A 1 153 ? -15.409 20.558  0.621   1.00 55.06 ? 154 ILE A CG2 1 
ATOM   1216 C  CD1 . ILE A 1 153 ? -17.115 19.386  -1.660  1.00 55.92 ? 154 ILE A CD1 1 
ATOM   1217 N  N   . LEU A 1 154 ? -15.178 18.040  3.378   1.00 52.98 ? 155 LEU A N   1 
ATOM   1218 C  CA  . LEU A 1 154 ? -15.096 18.326  4.809   1.00 54.05 ? 155 LEU A CA  1 
ATOM   1219 C  C   . LEU A 1 154 ? -13.875 17.704  5.476   1.00 53.30 ? 155 LEU A C   1 
ATOM   1220 O  O   . LEU A 1 154 ? -13.107 18.394  6.151   1.00 52.81 ? 155 LEU A O   1 
ATOM   1221 C  CB  . LEU A 1 154 ? -16.363 17.839  5.520   1.00 54.94 ? 155 LEU A CB  1 
ATOM   1222 C  CG  . LEU A 1 154 ? -16.365 17.963  7.048   1.00 56.03 ? 155 LEU A CG  1 
ATOM   1223 C  CD1 . LEU A 1 154 ? -16.079 19.403  7.459   1.00 56.51 ? 155 LEU A CD1 1 
ATOM   1224 C  CD2 . LEU A 1 154 ? -17.710 17.504  7.594   1.00 57.29 ? 155 LEU A CD2 1 
ATOM   1225 N  N   . LYS A 1 155 ? -13.706 16.399  5.290   1.00 53.12 ? 156 LYS A N   1 
ATOM   1226 C  CA  . LYS A 1 155 ? -12.583 15.679  5.877   1.00 52.30 ? 156 LYS A CA  1 
ATOM   1227 C  C   . LYS A 1 155 ? -11.251 16.165  5.320   1.00 52.12 ? 156 LYS A C   1 
ATOM   1228 O  O   . LYS A 1 155 ? -10.190 15.913  5.896   1.00 51.39 ? 156 LYS A O   1 
ATOM   1229 C  CB  . LYS A 1 155 ? -12.745 14.176  5.636   1.00 51.35 ? 156 LYS A CB  1 
ATOM   1230 C  CG  . LYS A 1 155 ? -13.951 13.578  6.347   1.00 49.48 ? 156 LYS A CG  1 
ATOM   1231 C  CD  . LYS A 1 155 ? -13.878 13.841  7.844   1.00 48.50 ? 156 LYS A CD  1 
ATOM   1232 C  CE  . LYS A 1 155 ? -15.077 13.273  8.579   1.00 48.75 ? 156 LYS A CE  1 
ATOM   1233 N  NZ  . LYS A 1 155 ? -14.961 13.511  10.046  1.00 49.04 ? 156 LYS A NZ  1 
ATOM   1234 N  N   . ARG A 1 156 ? -11.320 16.868  4.196   1.00 52.07 ? 157 ARG A N   1 
ATOM   1235 C  CA  . ARG A 1 156 ? -10.139 17.416  3.543   1.00 51.78 ? 157 ARG A CA  1 
ATOM   1236 C  C   . ARG A 1 156 ? -9.655  18.604  4.373   1.00 49.98 ? 157 ARG A C   1 
ATOM   1237 O  O   . ARG A 1 156 ? -8.452  18.832  4.514   1.00 48.78 ? 157 ARG A O   1 
ATOM   1238 C  CB  . ARG A 1 156 ? -10.510 17.852  2.122   1.00 54.01 ? 157 ARG A CB  1 
ATOM   1239 C  CG  . ARG A 1 156 ? -9.360  18.254  1.209   1.00 57.93 ? 157 ARG A CG  1 
ATOM   1240 C  CD  . ARG A 1 156 ? -9.860  18.271  -0.238  1.00 61.63 ? 157 ARG A CD  1 
ATOM   1241 N  NE  . ARG A 1 156 ? -8.897  18.807  -1.199  1.00 64.12 ? 157 ARG A NE  1 
ATOM   1242 C  CZ  . ARG A 1 156 ? -8.548  20.088  -1.283  1.00 65.34 ? 157 ARG A CZ  1 
ATOM   1243 N  NH1 . ARG A 1 156 ? -9.080  20.982  -0.459  1.00 65.22 ? 157 ARG A NH1 1 
ATOM   1244 N  NH2 . ARG A 1 156 ? -7.678  20.480  -2.205  1.00 64.93 ? 157 ARG A NH2 1 
ATOM   1245 N  N   . LYS A 1 157 ? -10.606 19.346  4.935   1.00 49.13 ? 158 LYS A N   1 
ATOM   1246 C  CA  . LYS A 1 157 ? -10.294 20.508  5.763   1.00 47.70 ? 158 LYS A CA  1 
ATOM   1247 C  C   . LYS A 1 157 ? -9.706  20.023  7.087   1.00 45.68 ? 158 LYS A C   1 
ATOM   1248 O  O   . LYS A 1 157 ? -8.796  20.638  7.640   1.00 44.04 ? 158 LYS A O   1 
ATOM   1249 C  CB  . LYS A 1 157 ? -11.562 21.319  6.039   1.00 50.29 ? 158 LYS A CB  1 
ATOM   1250 C  CG  . LYS A 1 157 ? -12.531 21.448  4.864   1.00 53.09 ? 158 LYS A CG  1 
ATOM   1251 C  CD  . LYS A 1 157 ? -11.945 22.202  3.675   1.00 55.98 ? 158 LYS A CD  1 
ATOM   1252 C  CE  . LYS A 1 157 ? -11.092 21.310  2.786   1.00 56.03 ? 158 LYS A CE  1 
ATOM   1253 N  NZ  . LYS A 1 157 ? -10.576 22.050  1.602   1.00 56.66 ? 158 LYS A NZ  1 
ATOM   1254 N  N   . LYS A 1 158 ? -10.249 18.913  7.582   1.00 44.46 ? 159 LYS A N   1 
ATOM   1255 C  CA  . LYS A 1 158 ? -9.812  18.296  8.833   1.00 43.00 ? 159 LYS A CA  1 
ATOM   1256 C  C   . LYS A 1 158 ? -8.330  17.924  8.740   1.00 42.07 ? 159 LYS A C   1 
ATOM   1257 O  O   . LYS A 1 158 ? -7.589  18.033  9.722   1.00 39.93 ? 159 LYS A O   1 
ATOM   1258 C  CB  . LYS A 1 158 ? -10.661 17.046  9.105   1.00 42.30 ? 159 LYS A CB  1 
ATOM   1259 C  CG  . LYS A 1 158 ? -10.448 16.380  10.458  1.00 42.11 ? 159 LYS A CG  1 
ATOM   1260 C  CD  . LYS A 1 158 ? -11.451 15.237  10.654  1.00 39.86 ? 159 LYS A CD  1 
ATOM   1261 C  CE  . LYS A 1 158 ? -11.289 14.541  12.003  1.00 38.34 ? 159 LYS A CE  1 
ATOM   1262 N  NZ  . LYS A 1 158 ? -10.005 13.794  12.120  1.00 37.46 ? 159 LYS A NZ  1 
ATOM   1263 N  N   . PHE A 1 159 ? -7.912  17.491  7.552   1.00 41.16 ? 160 PHE A N   1 
ATOM   1264 C  CA  . PHE A 1 159 ? -6.522  17.110  7.301   1.00 41.05 ? 160 PHE A CA  1 
ATOM   1265 C  C   . PHE A 1 159 ? -5.615  18.335  7.371   1.00 42.12 ? 160 PHE A C   1 
ATOM   1266 O  O   . PHE A 1 159 ? -4.572  18.317  8.024   1.00 42.51 ? 160 PHE A O   1 
ATOM   1267 C  CB  . PHE A 1 159 ? -6.384  16.470  5.913   1.00 37.14 ? 160 PHE A CB  1 
ATOM   1268 C  CG  . PHE A 1 159 ? -4.975  16.069  5.568   1.00 34.29 ? 160 PHE A CG  1 
ATOM   1269 C  CD1 . PHE A 1 159 ? -4.424  16.409  4.340   1.00 33.34 ? 160 PHE A CD1 1 
ATOM   1270 C  CD2 . PHE A 1 159 ? -4.197  15.351  6.472   1.00 34.91 ? 160 PHE A CD2 1 
ATOM   1271 C  CE1 . PHE A 1 159 ? -3.117  16.043  4.016   1.00 32.05 ? 160 PHE A CE1 1 
ATOM   1272 C  CE2 . PHE A 1 159 ? -2.889  14.978  6.158   1.00 33.42 ? 160 PHE A CE2 1 
ATOM   1273 C  CZ  . PHE A 1 159 ? -2.350  15.326  4.926   1.00 31.06 ? 160 PHE A CZ  1 
ATOM   1274 N  N   . GLU A 1 160 ? -6.021  19.397  6.685   1.00 44.13 ? 161 GLU A N   1 
ATOM   1275 C  CA  . GLU A 1 160 ? -5.255  20.633  6.660   1.00 47.37 ? 161 GLU A CA  1 
ATOM   1276 C  C   . GLU A 1 160 ? -5.124  21.229  8.066   1.00 47.64 ? 161 GLU A C   1 
ATOM   1277 O  O   . GLU A 1 160 ? -4.107  21.839  8.400   1.00 47.09 ? 161 GLU A O   1 
ATOM   1278 C  CB  . GLU A 1 160 ? -5.930  21.628  5.714   1.00 49.74 ? 161 GLU A CB  1 
ATOM   1279 C  CG  . GLU A 1 160 ? -6.212  21.040  4.337   1.00 54.20 ? 161 GLU A CG  1 
ATOM   1280 C  CD  . GLU A 1 160 ? -6.886  22.020  3.396   1.00 57.45 ? 161 GLU A CD  1 
ATOM   1281 O  OE1 . GLU A 1 160 ? -7.950  22.569  3.762   1.00 58.61 ? 161 GLU A OE1 1 
ATOM   1282 O  OE2 . GLU A 1 160 ? -6.357  22.237  2.284   1.00 58.28 ? 161 GLU A OE2 1 
ATOM   1283 N  N   . LYS A 1 161 ? -6.154  21.041  8.889   1.00 48.07 ? 162 LYS A N   1 
ATOM   1284 C  CA  . LYS A 1 161 ? -6.143  21.547  10.258  1.00 48.69 ? 162 LYS A CA  1 
ATOM   1285 C  C   . LYS A 1 161 ? -5.138  20.763  11.093  1.00 49.44 ? 162 LYS A C   1 
ATOM   1286 O  O   . LYS A 1 161 ? -4.249  21.337  11.724  1.00 48.83 ? 162 LYS A O   1 
ATOM   1287 C  CB  . LYS A 1 161 ? -7.529  21.408  10.893  1.00 48.26 ? 162 LYS A CB  1 
ATOM   1288 C  CG  . LYS A 1 161 ? -7.594  21.915  12.330  1.00 48.41 ? 162 LYS A CG  1 
ATOM   1289 C  CD  . LYS A 1 161 ? -8.817  21.381  13.064  1.00 48.25 ? 162 LYS A CD  1 
ATOM   1290 C  CE  . LYS A 1 161 ? -8.730  19.872  13.257  1.00 48.32 ? 162 LYS A CE  1 
ATOM   1291 N  NZ  . LYS A 1 161 ? -9.913  19.320  13.972  1.00 47.30 ? 162 LYS A NZ  1 
ATOM   1292 N  N   . GLU A 1 162 ? -5.297  19.444  11.094  1.00 50.59 ? 163 GLU A N   1 
ATOM   1293 C  CA  . GLU A 1 162 ? -4.418  18.556  11.843  1.00 52.30 ? 163 GLU A CA  1 
ATOM   1294 C  C   . GLU A 1 162 ? -2.995  18.581  11.296  1.00 53.91 ? 163 GLU A C   1 
ATOM   1295 O  O   . GLU A 1 162 ? -2.050  18.195  11.984  1.00 54.60 ? 163 GLU A O   1 
ATOM   1296 C  CB  . GLU A 1 162 ? -4.972  17.128  11.813  1.00 50.77 ? 163 GLU A CB  1 
ATOM   1297 C  CG  . GLU A 1 162 ? -6.221  16.934  12.667  1.00 49.43 ? 163 GLU A CG  1 
ATOM   1298 C  CD  . GLU A 1 162 ? -6.810  15.540  12.546  1.00 48.22 ? 163 GLU A CD  1 
ATOM   1299 O  OE1 . GLU A 1 162 ? -6.043  14.559  12.628  1.00 47.85 ? 163 GLU A OE1 1 
ATOM   1300 O  OE2 . GLU A 1 162 ? -8.042  15.423  12.375  1.00 47.44 ? 163 GLU A OE2 1 
ATOM   1301 N  N   . LEU A 1 163 ? -2.846  19.038  10.056  1.00 56.58 ? 164 LEU A N   1 
ATOM   1302 C  CA  . LEU A 1 163 ? -1.533  19.119  9.428   1.00 59.07 ? 164 LEU A CA  1 
ATOM   1303 C  C   . LEU A 1 163 ? -0.799  20.335  9.988   1.00 60.98 ? 164 LEU A C   1 
ATOM   1304 O  O   . LEU A 1 163 ? 0.354   20.235  10.407  1.00 60.41 ? 164 LEU A O   1 
ATOM   1305 C  CB  . LEU A 1 163 ? -1.680  19.233  7.905   1.00 58.69 ? 164 LEU A CB  1 
ATOM   1306 C  CG  . LEU A 1 163 ? -0.431  19.037  7.039   1.00 58.70 ? 164 LEU A CG  1 
ATOM   1307 C  CD1 . LEU A 1 163 ? -0.845  18.923  5.579   1.00 58.20 ? 164 LEU A CD1 1 
ATOM   1308 C  CD2 . LEU A 1 163 ? 0.540   20.195  7.235   1.00 59.46 ? 164 LEU A CD2 1 
ATOM   1309 N  N   . LYS A 1 164 ? -1.470  21.483  9.994   1.00 63.83 ? 165 LYS A N   1 
ATOM   1310 C  CA  . LYS A 1 164 ? -0.881  22.708  10.525  1.00 66.88 ? 165 LYS A CA  1 
ATOM   1311 C  C   . LYS A 1 164 ? -0.757  22.552  12.035  1.00 68.86 ? 165 LYS A C   1 
ATOM   1312 O  O   . LYS A 1 164 ? -0.039  23.302  12.697  1.00 69.15 ? 165 LYS A O   1 
ATOM   1313 C  CB  . LYS A 1 164 ? -1.769  23.914  10.212  1.00 66.88 ? 165 LYS A CB  1 
ATOM   1314 C  CG  . LYS A 1 164 ? -1.972  24.178  8.733   1.00 67.99 ? 165 LYS A CG  1 
ATOM   1315 C  CD  . LYS A 1 164 ? -2.872  25.383  8.516   1.00 68.45 ? 165 LYS A CD  1 
ATOM   1316 C  CE  . LYS A 1 164 ? -3.087  25.657  7.037   1.00 68.57 ? 165 LYS A CE  1 
ATOM   1317 N  NZ  . LYS A 1 164 ? -3.974  26.831  6.820   1.00 68.38 ? 165 LYS A NZ  1 
ATOM   1318 N  N   . GLU A 1 165 ? -1.476  21.570  12.568  1.00 71.26 ? 166 GLU A N   1 
ATOM   1319 C  CA  . GLU A 1 165 ? -1.472  21.284  13.995  1.00 73.27 ? 166 GLU A CA  1 
ATOM   1320 C  C   . GLU A 1 165 ? -0.114  20.722  14.404  1.00 73.72 ? 166 GLU A C   1 
ATOM   1321 O  O   . GLU A 1 165 ? 0.397   21.029  15.482  1.00 73.85 ? 166 GLU A O   1 
ATOM   1322 C  CB  . GLU A 1 165 ? -2.577  20.278  14.326  1.00 75.26 ? 166 GLU A CB  1 
ATOM   1323 C  CG  . GLU A 1 165 ? -2.795  20.063  15.811  1.00 78.62 ? 166 GLU A CG  1 
ATOM   1324 C  CD  . GLU A 1 165 ? -3.146  21.348  16.535  1.00 80.64 ? 166 GLU A CD  1 
ATOM   1325 O  OE1 . GLU A 1 165 ? -4.155  21.984  16.163  1.00 81.46 ? 166 GLU A OE1 1 
ATOM   1326 O  OE2 . GLU A 1 165 ? -2.411  21.722  17.477  1.00 81.54 ? 166 GLU A OE2 1 
ATOM   1327 N  N   . LEU A 1 166 ? 0.465   19.899  13.536  1.00 73.92 ? 167 LEU A N   1 
ATOM   1328 C  CA  . LEU A 1 166 ? 1.768   19.305  13.804  1.00 74.34 ? 167 LEU A CA  1 
ATOM   1329 C  C   . LEU A 1 166 ? 2.853   20.337  13.500  1.00 74.53 ? 167 LEU A C   1 
ATOM   1330 O  O   . LEU A 1 166 ? 3.673   20.614  14.400  1.00 74.72 ? 167 LEU A O   1 
ATOM   1331 C  CB  . LEU A 1 166 ? 1.968   18.059  12.935  1.00 74.58 ? 167 LEU A CB  1 
ATOM   1332 C  CG  . LEU A 1 166 ? 3.146   17.130  13.256  1.00 75.08 ? 167 LEU A CG  1 
ATOM   1333 C  CD1 . LEU A 1 166 ? 3.043   15.883  12.395  1.00 75.95 ? 167 LEU A CD1 1 
ATOM   1334 C  CD2 . LEU A 1 166 ? 4.472   17.833  13.016  1.00 75.74 ? 167 LEU A CD2 1 
HETATM 1335 CO CO  . CO  B 2 .   ? 0.029   4.060   2.137   1.00 20.16 ? 300 CO  A CO  1 
HETATM 1336 C  C2  . Y13 C 3 .   ? -6.129  0.188   5.964   1.00 62.95 ? 200 Y13 A C2  1 
HETATM 1337 O  O16 . Y13 C 3 .   ? -7.407  0.055   6.508   1.00 64.66 ? 200 Y13 A O16 1 
HETATM 1338 C  C1  . Y13 C 3 .   ? -5.495  1.458   5.866   1.00 62.39 ? 200 Y13 A C1  1 
HETATM 1339 C  C6  . Y13 C 3 .   ? -4.193  1.565   5.310   1.00 62.90 ? 200 Y13 A C6  1 
HETATM 1340 C  C5  . Y13 C 3 .   ? -3.509  0.406   4.843   1.00 62.14 ? 200 Y13 A C5  1 
HETATM 1341 C  C7  . Y13 C 3 .   ? -2.102  0.530   4.247   1.00 61.29 ? 200 Y13 A C7  1 
HETATM 1342 C  C8  . Y13 C 3 .   ? -1.047  0.226   5.334   1.00 60.39 ? 200 Y13 A C8  1 
HETATM 1343 N  N9  . Y13 C 3 .   ? -0.969  1.376   6.238   1.00 58.85 ? 200 Y13 A N9  1 
HETATM 1344 C  C10 . Y13 C 3 .   ? -0.122  1.259   7.212   1.00 57.93 ? 200 Y13 A C10 1 
HETATM 1345 C  C11 . Y13 C 3 .   ? -0.010  2.412   8.153   1.00 58.58 ? 200 Y13 A C11 1 
HETATM 1346 C  C12 . Y13 C 3 .   ? 0.827   2.443   9.220   1.00 58.36 ? 200 Y13 A C12 1 
HETATM 1347 C  C13 . Y13 C 3 .   ? 1.003   3.594   10.213  1.00 58.43 ? 200 Y13 A C13 1 
HETATM 1348 C  C14 . Y13 C 3 .   ? 1.872   3.379   11.329  1.00 58.35 ? 200 Y13 A C14 1 
HETATM 1349 C  C15 . Y13 C 3 .   ? 2.092   4.402   12.294  1.00 58.88 ? 200 Y13 A C15 1 
HETATM 1350 C  C16 . Y13 C 3 .   ? 1.447   5.670   12.165  1.00 59.04 ? 200 Y13 A C16 1 
HETATM 1351 O  O19 . Y13 C 3 .   ? 1.657   6.691   13.116  1.00 58.66 ? 200 Y13 A O19 1 
HETATM 1352 C  C17 . Y13 C 3 .   ? 0.573   5.903   11.052  1.00 57.58 ? 200 Y13 A C17 1 
HETATM 1353 O  O23 . Y13 C 3 .   ? -0.059  7.142   10.928  1.00 55.09 ? 200 Y13 A O23 1 
HETATM 1354 C  C18 . Y13 C 3 .   ? 0.356   4.869   10.086  1.00 58.15 ? 200 Y13 A C18 1 
HETATM 1355 O  O27 . Y13 C 3 .   ? 0.582   0.262   7.392   1.00 55.14 ? 200 Y13 A O27 1 
HETATM 1356 C  C4  . Y13 C 3 .   ? -4.145  -0.866  4.939   1.00 62.75 ? 200 Y13 A C4  1 
HETATM 1357 C  C3  . Y13 C 3 .   ? -5.449  -0.971  5.497   1.00 62.97 ? 200 Y13 A C3  1 
HETATM 1358 O  O   . HOH D 4 .   ? 4.456   5.234   -7.604  1.00 8.58  ? 301 HOH A O   1 
HETATM 1359 O  O   . HOH D 4 .   ? 5.428   1.787   -6.049  1.00 10.83 ? 302 HOH A O   1 
HETATM 1360 O  O   . HOH D 4 .   ? -5.869  -2.321  -12.822 1.00 20.16 ? 303 HOH A O   1 
HETATM 1361 O  O   . HOH D 4 .   ? 0.696   -3.120  -12.402 1.00 17.61 ? 304 HOH A O   1 
HETATM 1362 O  O   . HOH D 4 .   ? 2.248   7.114   -3.676  1.00 13.00 ? 305 HOH A O   1 
HETATM 1363 O  O   . HOH D 4 .   ? -4.253  0.473   -11.430 1.00 23.16 ? 306 HOH A O   1 
HETATM 1364 O  O   . HOH D 4 .   ? -2.575  5.402   -1.488  1.00 10.26 ? 307 HOH A O   1 
HETATM 1365 O  O   . HOH D 4 .   ? -8.777  -15.621 -4.144  1.00 13.09 ? 308 HOH A O   1 
HETATM 1366 O  O   . HOH D 4 .   ? -5.206  5.911   -1.616  1.00 11.82 ? 309 HOH A O   1 
HETATM 1367 O  O   . HOH D 4 .   ? 1.120   2.193   2.428   1.00 11.93 ? 310 HOH A O   1 
HETATM 1368 O  O   . HOH D 4 .   ? -2.046  6.866   0.868   1.00 16.34 ? 311 HOH A O   1 
HETATM 1369 O  O   . HOH D 4 .   ? -10.053 2.487   -4.412  1.00 18.47 ? 312 HOH A O   1 
HETATM 1370 O  O   . HOH D 4 .   ? 12.415  -4.603  -13.364 1.00 23.03 ? 313 HOH A O   1 
HETATM 1371 O  O   . HOH D 4 .   ? 9.147   -8.864  1.314   1.00 18.53 ? 314 HOH A O   1 
HETATM 1372 O  O   . HOH D 4 .   ? 6.206   -13.398 -3.534  1.00 22.43 ? 315 HOH A O   1 
HETATM 1373 O  O   . HOH D 4 .   ? 12.782  -11.671 7.939   1.00 34.62 ? 316 HOH A O   1 
HETATM 1374 O  O   . HOH D 4 .   ? 10.863  1.778   9.259   1.00 25.46 ? 317 HOH A O   1 
HETATM 1375 O  O   . HOH D 4 .   ? -1.639  -10.626 5.127   1.00 29.88 ? 318 HOH A O   1 
HETATM 1376 O  O   . HOH D 4 .   ? 1.914   2.384   4.856   1.00 17.32 ? 319 HOH A O   1 
HETATM 1377 O  O   . HOH D 4 .   ? -8.361  4.746   -6.520  1.00 32.91 ? 320 HOH A O   1 
HETATM 1378 O  O   . HOH D 4 .   ? -1.727  11.715  -8.112  1.00 17.82 ? 321 HOH A O   1 
HETATM 1379 O  O   . HOH D 4 .   ? 12.095  -4.799  11.184  1.00 15.19 ? 322 HOH A O   1 
HETATM 1380 O  O   . HOH D 4 .   ? -19.331 1.910   5.208   1.00 18.30 ? 323 HOH A O   1 
HETATM 1381 O  O   . HOH D 4 .   ? -9.465  -9.024  5.160   1.00 32.24 ? 324 HOH A O   1 
HETATM 1382 O  O   . HOH D 4 .   ? 14.877  -13.426 0.106   1.00 28.54 ? 325 HOH A O   1 
HETATM 1383 O  O   . HOH D 4 .   ? -16.120 -5.305  -11.715 1.00 30.76 ? 326 HOH A O   1 
HETATM 1384 O  O   . HOH D 4 .   ? -5.868  20.213  15.829  1.00 26.77 ? 327 HOH A O   1 
HETATM 1385 O  O   . HOH D 4 .   ? 18.273  -11.700 -2.614  1.00 31.02 ? 328 HOH A O   1 
HETATM 1386 O  O   . HOH D 4 .   ? 8.767   17.216  -3.176  1.00 27.75 ? 329 HOH A O   1 
HETATM 1387 O  O   . HOH D 4 .   ? -13.676 8.752   0.184   1.00 34.89 ? 330 HOH A O   1 
HETATM 1388 O  O   . HOH D 4 .   ? -22.176 -4.412  -2.203  1.00 28.02 ? 331 HOH A O   1 
HETATM 1389 O  O   . HOH D 4 .   ? 3.309   -12.990 -2.638  1.00 27.84 ? 332 HOH A O   1 
HETATM 1390 O  O   . HOH D 4 .   ? 4.455   -3.843  11.665  1.00 26.37 ? 333 HOH A O   1 
HETATM 1391 O  O   . HOH D 4 .   ? 10.089  12.349  2.947   1.00 23.94 ? 334 HOH A O   1 
HETATM 1392 O  O   . HOH D 4 .   ? 1.146   -14.497 -3.692  1.00 19.96 ? 335 HOH A O   1 
HETATM 1393 O  O   . HOH D 4 .   ? -14.616 -9.922  -7.064  1.00 34.31 ? 336 HOH A O   1 
HETATM 1394 O  O   . HOH D 4 .   ? 16.918  -14.740 -5.145  1.00 32.11 ? 337 HOH A O   1 
HETATM 1395 O  O   . HOH D 4 .   ? 14.933  -4.205  -9.037  1.00 19.49 ? 338 HOH A O   1 
HETATM 1396 O  O   . HOH D 4 .   ? 13.707  -15.319 -2.645  1.00 27.48 ? 339 HOH A O   1 
HETATM 1397 O  O   . HOH D 4 .   ? -11.752 -15.275 -11.761 1.00 48.48 ? 340 HOH A O   1 
HETATM 1398 O  O   . HOH D 4 .   ? 15.454  -6.448  -10.554 1.00 16.84 ? 341 HOH A O   1 
HETATM 1399 O  O   . HOH D 4 .   ? 2.841   13.826  -1.232  1.00 35.42 ? 342 HOH A O   1 
HETATM 1400 O  O   . HOH D 4 .   ? -15.575 -5.829  2.287   1.00 20.95 ? 343 HOH A O   1 
HETATM 1401 O  O   . HOH D 4 .   ? 14.566  4.811   0.944   1.00 25.11 ? 344 HOH A O   1 
HETATM 1402 O  O   . HOH D 4 .   ? 5.048   -16.107 -15.476 1.00 45.62 ? 345 HOH A O   1 
HETATM 1403 O  O   . HOH D 4 .   ? 10.914  -10.755 2.954   1.00 31.08 ? 346 HOH A O   1 
HETATM 1404 O  O   . HOH D 4 .   ? 5.249   0.412   -16.527 1.00 31.00 ? 347 HOH A O   1 
HETATM 1405 O  O   . HOH D 4 .   ? 2.832   -18.407 -13.533 1.00 28.06 ? 348 HOH A O   1 
HETATM 1406 O  O   . HOH D 4 .   ? 21.008  -5.859  4.929   1.00 39.26 ? 349 HOH A O   1 
HETATM 1407 O  O   . HOH D 4 .   ? -2.065  -1.248  -11.933 1.00 40.50 ? 350 HOH A O   1 
HETATM 1408 O  O   . HOH D 4 .   ? -6.816  11.480  12.840  1.00 31.15 ? 351 HOH A O   1 
HETATM 1409 O  O   . HOH D 4 .   ? -8.973  16.667  14.767  1.00 27.59 ? 352 HOH A O   1 
HETATM 1410 O  O   . HOH D 4 .   ? 12.910  -9.117  5.186   1.00 28.86 ? 353 HOH A O   1 
HETATM 1411 O  O   . HOH D 4 .   ? 1.101   -3.549  -14.972 1.00 43.29 ? 354 HOH A O   1 
HETATM 1412 O  O   . HOH D 4 .   ? -3.650  12.512  -6.503  1.00 21.96 ? 355 HOH A O   1 
HETATM 1413 O  O   . HOH D 4 .   ? -9.558  10.915  12.797  1.00 27.56 ? 356 HOH A O   1 
HETATM 1414 O  O   . HOH D 4 .   ? 7.347   -10.185 10.922  1.00 20.01 ? 357 HOH A O   1 
HETATM 1415 O  O   . HOH D 4 .   ? 6.900   -7.565  -16.802 1.00 35.12 ? 358 HOH A O   1 
HETATM 1416 O  O   . HOH D 4 .   ? 0.271   -11.952 9.185   1.00 42.26 ? 359 HOH A O   1 
HETATM 1417 O  O   . HOH D 4 .   ? 13.551  -12.246 -14.291 1.00 38.27 ? 360 HOH A O   1 
HETATM 1418 O  O   . HOH D 4 .   ? 17.467  6.992   1.888   1.00 52.07 ? 361 HOH A O   1 
HETATM 1419 O  O   . HOH D 4 .   ? 12.018  6.067   7.564   1.00 40.04 ? 362 HOH A O   1 
HETATM 1420 O  O   . HOH D 4 .   ? -11.795 -8.332  -16.376 1.00 44.21 ? 363 HOH A O   1 
HETATM 1421 O  O   . HOH D 4 .   ? 9.707   -1.438  -16.925 1.00 39.02 ? 364 HOH A O   1 
HETATM 1422 O  O   . HOH D 4 .   ? -0.313  -10.203 -15.306 1.00 47.61 ? 365 HOH A O   1 
HETATM 1423 O  O   . HOH D 4 .   ? -18.597 -6.072  2.809   1.00 32.59 ? 366 HOH A O   1 
HETATM 1424 O  O   . HOH D 4 .   ? -1.593  7.593   8.815   1.00 14.46 ? 367 HOH A O   1 
HETATM 1425 O  O   . HOH D 4 .   ? 3.197   -8.408  15.312  1.00 26.09 ? 368 HOH A O   1 
HETATM 1426 O  O   . HOH D 4 .   ? -5.042  4.050   -8.530  1.00 20.87 ? 369 HOH A O   1 
HETATM 1427 O  O   . HOH D 4 .   ? 4.940   -7.012  13.597  1.00 28.14 ? 370 HOH A O   1 
HETATM 1428 O  O   . HOH D 4 .   ? 16.879  4.371   2.134   1.00 29.38 ? 371 HOH A O   1 
HETATM 1429 O  O   . HOH D 4 .   ? -1.162  0.432   -15.457 1.00 44.39 ? 372 HOH A O   1 
HETATM 1430 O  O   . HOH D 4 .   ? 16.244  -7.107  4.437   1.00 20.92 ? 373 HOH A O   1 
HETATM 1431 O  O   . HOH D 4 .   ? -2.612  22.412  6.483   1.00 28.70 ? 374 HOH A O   1 
HETATM 1432 O  O   . HOH D 4 .   ? 5.860   -4.610  14.027  1.00 32.33 ? 375 HOH A O   1 
HETATM 1433 O  O   . HOH D 4 .   ? -11.145 -14.128 -14.196 1.00 35.13 ? 376 HOH A O   1 
HETATM 1434 O  O   . HOH D 4 .   ? 15.962  -13.325 -13.873 1.00 41.64 ? 377 HOH A O   1 
HETATM 1435 O  O   . HOH D 4 .   ? 17.729  -15.405 -7.485  1.00 29.23 ? 378 HOH A O   1 
HETATM 1436 O  O   . HOH D 4 .   ? 2.191   16.425  -2.730  1.00 35.39 ? 379 HOH A O   1 
HETATM 1437 O  O   . HOH D 4 .   ? 10.900  13.408  0.087   1.00 41.70 ? 380 HOH A O   1 
HETATM 1438 O  O   . HOH D 4 .   ? -3.618  -12.188 5.562   1.00 44.39 ? 381 HOH A O   1 
HETATM 1439 O  O   . HOH D 4 .   ? 3.360   22.807  15.736  1.00 42.28 ? 382 HOH A O   1 
HETATM 1440 O  O   . HOH D 4 .   ? -12.929 1.761   9.105   1.00 36.71 ? 383 HOH A O   1 
HETATM 1441 O  O   . HOH D 4 .   ? 5.776   -16.070 12.440  1.00 35.92 ? 384 HOH A O   1 
HETATM 1442 O  O   . HOH D 4 .   ? 17.475  -5.496  -12.434 1.00 41.41 ? 385 HOH A O   1 
HETATM 1443 O  O   . HOH D 4 .   ? 3.227   2.634   -16.512 1.00 43.12 ? 386 HOH A O   1 
HETATM 1444 O  O   . HOH D 4 .   ? -6.134  1.905   -8.983  1.00 30.25 ? 387 HOH A O   1 
HETATM 1445 O  O   . HOH D 4 .   ? 3.861   -19.956 -5.357  1.00 52.17 ? 388 HOH A O   1 
HETATM 1446 O  O   . HOH D 4 .   ? -12.476 -16.076 -5.665  1.00 40.68 ? 389 HOH A O   1 
HETATM 1447 O  O   . HOH D 4 .   ? -11.715 19.098  11.906  1.00 37.82 ? 390 HOH A O   1 
HETATM 1448 O  O   . HOH D 4 .   ? 12.828  3.554   7.989   1.00 29.84 ? 391 HOH A O   1 
HETATM 1449 O  O   . HOH D 4 .   ? 8.674   15.208  3.114   1.00 32.09 ? 392 HOH A O   1 
HETATM 1450 O  O   . HOH D 4 .   ? 5.790   4.790   13.233  1.00 31.61 ? 393 HOH A O   1 
HETATM 1451 O  O   . HOH D 4 .   ? 3.166   -16.698 -3.733  1.00 32.91 ? 394 HOH A O   1 
HETATM 1452 O  O   . HOH D 4 .   ? 11.110  2.409   -12.374 1.00 37.43 ? 395 HOH A O   1 
HETATM 1453 O  O   . HOH D 4 .   ? 17.445  -2.927  -1.463  1.00 34.91 ? 396 HOH A O   1 
HETATM 1454 O  O   . HOH D 4 .   ? 4.566   -22.190 -3.651  1.00 45.68 ? 397 HOH A O   1 
HETATM 1455 O  O   . HOH D 4 .   ? -17.686 -3.105  -12.239 1.00 42.67 ? 398 HOH A O   1 
HETATM 1456 O  O   . HOH D 4 .   ? -17.565 -9.805  10.931  1.00 39.70 ? 399 HOH A O   1 
HETATM 1457 O  O   . HOH D 4 .   ? 17.466  -0.395  -4.898  1.00 33.14 ? 400 HOH A O   1 
HETATM 1458 O  O   . HOH D 4 .   ? 13.364  -15.592 -8.967  1.00 46.24 ? 401 HOH A O   1 
HETATM 1459 O  O   . HOH D 4 .   ? 12.128  -16.367 -11.309 1.00 49.30 ? 402 HOH A O   1 
HETATM 1460 O  O   . HOH D 4 .   ? -20.776 -2.698  -7.650  1.00 46.96 ? 403 HOH A O   1 
HETATM 1461 O  O   . HOH D 4 .   ? -8.052  -11.224 4.998   1.00 33.75 ? 404 HOH A O   1 
HETATM 1462 O  O   . HOH D 4 .   ? -16.911 9.129   -0.377  1.00 38.57 ? 405 HOH A O   1 
HETATM 1463 O  O   . HOH D 4 .   ? 7.458   15.601  5.400   1.00 44.67 ? 406 HOH A O   1 
HETATM 1464 O  O   . HOH D 4 .   ? 14.992  4.840   9.108   1.00 33.08 ? 407 HOH A O   1 
HETATM 1465 O  O   . HOH D 4 .   ? 18.909  -3.633  -3.759  1.00 32.19 ? 408 HOH A O   1 
HETATM 1466 O  O   . HOH D 4 .   ? 16.599  -0.478  -2.422  1.00 36.00 ? 409 HOH A O   1 
HETATM 1467 O  O   . HOH D 4 .   ? 1.802   -18.761 -4.114  1.00 29.85 ? 410 HOH A O   1 
HETATM 1468 O  O   . HOH D 4 .   ? -17.053 15.665  -1.143  1.00 32.53 ? 411 HOH A O   1 
HETATM 1469 O  O   . HOH D 4 .   ? 13.613  1.830   -11.529 1.00 32.55 ? 412 HOH A O   1 
HETATM 1470 O  O   . HOH D 4 .   ? 12.818  -13.627 2.136   1.00 37.84 ? 413 HOH A O   1 
HETATM 1471 O  O   . HOH D 4 .   ? -13.156 -15.351 -2.024  1.00 35.99 ? 414 HOH A O   1 
HETATM 1472 O  O   . HOH D 4 .   ? -2.843  24.520  14.601  1.00 39.90 ? 415 HOH A O   1 
HETATM 1473 O  O   . HOH D 4 .   ? 11.461  -2.456  -14.445 1.00 48.50 ? 416 HOH A O   1 
HETATM 1474 O  O   . HOH D 4 .   ? 7.797   -17.239 13.930  1.00 36.60 ? 417 HOH A O   1 
HETATM 1475 O  O   . HOH D 4 .   ? 3.608   4.232   -18.621 1.00 56.23 ? 418 HOH A O   1 
HETATM 1476 O  O   . HOH D 4 .   ? -12.702 -16.277 -14.911 1.00 37.87 ? 419 HOH A O   1 
HETATM 1477 O  O   . HOH D 4 .   ? 19.129  0.606   -0.566  1.00 43.04 ? 420 HOH A O   1 
HETATM 1478 O  O   . HOH D 4 .   ? 15.547  -1.013  -9.379  1.00 40.61 ? 421 HOH A O   1 
HETATM 1479 O  O   . HOH D 4 .   ? 17.491  -10.616 -14.646 1.00 51.55 ? 422 HOH A O   1 
HETATM 1480 O  O   . HOH D 4 .   ? -15.792 -7.539  10.048  1.00 45.63 ? 423 HOH A O   1 
HETATM 1481 O  O   . HOH D 4 .   ? 19.343  2.755   1.635   1.00 31.75 ? 424 HOH A O   1 
HETATM 1482 O  O   . HOH D 4 .   ? 6.445   6.843   8.715   1.00 31.26 ? 425 HOH A O   1 
HETATM 1483 O  O   . HOH D 4 .   ? -6.778  0.883   -6.264  1.00 40.60 ? 426 HOH A O   1 
HETATM 1484 O  O   . HOH D 4 .   ? -12.184 21.126  10.059  1.00 43.99 ? 427 HOH A O   1 
HETATM 1485 O  O   . HOH D 4 .   ? 7.090   -12.172 -16.375 1.00 47.67 ? 428 HOH A O   1 
# 
loop_
_pdbx_poly_seq_scheme.asym_id 
_pdbx_poly_seq_scheme.entity_id 
_pdbx_poly_seq_scheme.seq_id 
_pdbx_poly_seq_scheme.mon_id 
_pdbx_poly_seq_scheme.ndb_seq_num 
_pdbx_poly_seq_scheme.pdb_seq_num 
_pdbx_poly_seq_scheme.auth_seq_num 
_pdbx_poly_seq_scheme.pdb_mon_id 
_pdbx_poly_seq_scheme.auth_mon_id 
_pdbx_poly_seq_scheme.pdb_strand_id 
_pdbx_poly_seq_scheme.pdb_ins_code 
_pdbx_poly_seq_scheme.hetero 
A 1 1   ALA 1   2   2   ALA ALA A . n 
A 1 2   LEU 2   3   3   LEU LEU A . n 
A 1 3   LEU 3   4   4   LEU LEU A . n 
A 1 4   GLU 4   5   5   GLU GLU A . n 
A 1 5   ILE 5   6   6   ILE ILE A . n 
A 1 6   ILE 6   7   7   ILE ILE A . n 
A 1 7   HIS 7   8   8   HIS HIS A . n 
A 1 8   TYR 8   9   9   TYR TYR A . n 
A 1 9   PRO 9   10  10  PRO PRO A . n 
A 1 10  SER 10  11  11  SER SER A . n 
A 1 11  LYS 11  12  12  LYS LYS A . n 
A 1 12  ILE 12  13  13  ILE ILE A . n 
A 1 13  LEU 13  14  14  LEU LEU A . n 
A 1 14  ARG 14  15  15  ARG ARG A . n 
A 1 15  THR 15  16  16  THR THR A . n 
A 1 16  ILE 16  17  17  ILE ILE A . n 
A 1 17  SER 17  18  18  SER SER A . n 
A 1 18  LYS 18  19  19  LYS LYS A . n 
A 1 19  GLU 19  20  20  GLU GLU A . n 
A 1 20  VAL 20  21  21  VAL VAL A . n 
A 1 21  VAL 21  22  22  VAL VAL A . n 
A 1 22  SER 22  23  23  SER SER A . n 
A 1 23  PHE 23  24  24  PHE PHE A . n 
A 1 24  ASP 24  25  25  ASP ASP A . n 
A 1 25  ALA 25  26  26  ALA ALA A . n 
A 1 26  LYS 26  27  27  LYS LYS A . n 
A 1 27  LEU 27  28  28  LEU LEU A . n 
A 1 28  HIS 28  29  29  HIS HIS A . n 
A 1 29  GLN 29  30  30  GLN GLN A . n 
A 1 30  GLN 30  31  31  GLN GLN A . n 
A 1 31  LEU 31  32  32  LEU LEU A . n 
A 1 32  ASP 32  33  33  ASP ASP A . n 
A 1 33  ASP 33  34  34  ASP ASP A . n 
A 1 34  MET 34  35  35  MET MET A . n 
A 1 35  TYR 35  36  36  TYR TYR A . n 
A 1 36  GLU 36  37  37  GLU GLU A . n 
A 1 37  THR 37  38  38  THR THR A . n 
A 1 38  MET 38  39  39  MET MET A . n 
A 1 39  ILE 39  40  40  ILE ILE A . n 
A 1 40  ALA 40  41  41  ALA ALA A . n 
A 1 41  SER 41  42  42  SER SER A . n 
A 1 42  GLU 42  43  43  GLU GLU A . n 
A 1 43  GLY 43  44  44  GLY GLY A . n 
A 1 44  ILE 44  45  45  ILE ILE A . n 
A 1 45  GLY 45  46  46  GLY GLY A . n 
A 1 46  LEU 46  47  47  LEU LEU A . n 
A 1 47  ALA 47  48  48  ALA ALA A . n 
A 1 48  ALA 48  49  49  ALA ALA A . n 
A 1 49  ILE 49  50  50  ILE ILE A . n 
A 1 50  GLN 50  51  51  GLN GLN A . n 
A 1 51  VAL 51  52  52  VAL VAL A . n 
A 1 52  GLY 52  53  53  GLY GLY A . n 
A 1 53  LEU 53  54  54  LEU LEU A . n 
A 1 54  PRO 54  55  55  PRO PRO A . n 
A 1 55  LEU 55  56  56  LEU LEU A . n 
A 1 56  ARG 56  57  57  ARG ARG A . n 
A 1 57  MET 57  58  58  MET MET A . n 
A 1 58  LEU 58  59  59  LEU LEU A . n 
A 1 59  ILE 59  60  60  ILE ILE A . n 
A 1 60  ILE 60  61  61  ILE ILE A . n 
A 1 61  ASN 61  62  62  ASN ASN A . n 
A 1 62  LEU 62  63  63  LEU LEU A . n 
A 1 63  PRO 63  64  64  PRO PRO A . n 
A 1 64  GLN 64  65  65  GLN GLN A . n 
A 1 65  GLU 65  66  66  GLU GLU A . n 
A 1 66  ASP 66  67  67  ASP ASP A . n 
A 1 67  GLY 67  68  68  GLY GLY A . n 
A 1 68  VAL 68  69  69  VAL VAL A . n 
A 1 69  GLN 69  70  70  GLN GLN A . n 
A 1 70  HIS 70  71  71  HIS HIS A . n 
A 1 71  LYS 71  72  72  LYS LYS A . n 
A 1 72  GLU 72  73  73  GLU GLU A . n 
A 1 73  ASP 73  74  74  ASP ASP A . n 
A 1 74  CYS 74  75  75  CYS CYS A . n 
A 1 75  LEU 75  76  76  LEU LEU A . n 
A 1 76  GLU 76  77  77  GLU GLU A . n 
A 1 77  ILE 77  78  78  ILE ILE A . n 
A 1 78  ILE 78  79  79  ILE ILE A . n 
A 1 79  ASN 79  80  80  ASN ASN A . n 
A 1 80  PRO 80  81  81  PRO PRO A . n 
A 1 81  LYS 81  82  82  LYS LYS A . n 
A 1 82  PHE 82  83  83  PHE PHE A . n 
A 1 83  ILE 83  84  84  ILE ILE A . n 
A 1 84  GLU 84  85  85  GLU GLU A . n 
A 1 85  THR 85  86  86  THR THR A . n 
A 1 86  GLY 86  87  87  GLY GLY A . n 
A 1 87  GLY 87  88  88  GLY GLY A . n 
A 1 88  SER 88  89  89  SER SER A . n 
A 1 89  MET 89  90  90  MET MET A . n 
A 1 90  MET 90  91  91  MET MET A . n 
A 1 91  TYR 91  92  92  TYR TYR A . n 
A 1 92  LYS 92  93  93  LYS LYS A . n 
A 1 93  GLU 93  94  94  GLU GLU A . n 
A 1 94  GLY 94  95  95  GLY GLY A . n 
A 1 95  CYS 95  96  96  CYS CYS A . n 
A 1 96  LEU 96  97  97  LEU LEU A . n 
A 1 97  SER 97  98  98  SER SER A . n 
A 1 98  VAL 98  99  99  VAL VAL A . n 
A 1 99  PRO 99  100 100 PRO PRO A . n 
A 1 100 GLY 100 101 101 GLY GLY A . n 
A 1 101 PHE 101 102 102 PHE PHE A . n 
A 1 102 TYR 102 103 103 TYR TYR A . n 
A 1 103 GLU 103 104 104 GLU GLU A . n 
A 1 104 GLU 104 105 105 GLU GLU A . n 
A 1 105 VAL 105 106 106 VAL VAL A . n 
A 1 106 GLU 106 107 107 GLU GLU A . n 
A 1 107 ARG 107 108 108 ARG ARG A . n 
A 1 108 PHE 108 109 109 PHE PHE A . n 
A 1 109 GLU 109 110 110 GLU GLU A . n 
A 1 110 LYS 110 111 111 LYS LYS A . n 
A 1 111 VAL 111 112 112 VAL VAL A . n 
A 1 112 LYS 112 113 113 LYS LYS A . n 
A 1 113 ILE 113 114 114 ILE ILE A . n 
A 1 114 GLU 114 115 115 GLU GLU A . n 
A 1 115 TYR 115 116 116 TYR TYR A . n 
A 1 116 GLN 116 117 117 GLN GLN A . n 
A 1 117 ASN 117 118 118 ASN ASN A . n 
A 1 118 ARG 118 119 119 ARG ARG A . n 
A 1 119 PHE 119 120 120 PHE PHE A . n 
A 1 120 ALA 120 121 121 ALA ALA A . n 
A 1 121 GLU 121 122 122 GLU GLU A . n 
A 1 122 VAL 122 123 123 VAL VAL A . n 
A 1 123 LYS 123 124 124 LYS LYS A . n 
A 1 124 VAL 124 125 125 VAL VAL A . n 
A 1 125 LEU 125 126 126 LEU LEU A . n 
A 1 126 GLU 126 127 127 GLU GLU A . n 
A 1 127 ALA 127 128 128 ALA ALA A . n 
A 1 128 SER 128 129 129 SER SER A . n 
A 1 129 GLU 129 130 130 GLU GLU A . n 
A 1 130 LEU 130 131 131 LEU LEU A . n 
A 1 131 LEU 131 132 132 LEU LEU A . n 
A 1 132 ALA 132 133 133 ALA ALA A . n 
A 1 133 VAL 133 134 134 VAL VAL A . n 
A 1 134 ALA 134 135 135 ALA ALA A . n 
A 1 135 ILE 135 136 136 ILE ILE A . n 
A 1 136 GLN 136 137 137 GLN GLN A . n 
A 1 137 HIS 137 138 138 HIS HIS A . n 
A 1 138 GLU 138 139 139 GLU GLU A . n 
A 1 139 ILE 139 140 140 ILE ILE A . n 
A 1 140 ASP 140 141 141 ASP ASP A . n 
A 1 141 HIS 141 142 142 HIS HIS A . n 
A 1 142 LEU 142 143 143 LEU LEU A . n 
A 1 143 ASN 143 144 144 ASN ASN A . n 
A 1 144 GLY 144 145 145 GLY GLY A . n 
A 1 145 VAL 145 146 146 VAL VAL A . n 
A 1 146 LEU 146 147 147 LEU LEU A . n 
A 1 147 PHE 147 148 148 PHE PHE A . n 
A 1 148 VAL 148 149 149 VAL VAL A . n 
A 1 149 ASP 149 150 150 ASP ASP A . n 
A 1 150 LYS 150 151 151 LYS LYS A . n 
A 1 151 LEU 151 152 152 LEU LEU A . n 
A 1 152 SER 152 153 153 SER SER A . n 
A 1 153 ILE 153 154 154 ILE ILE A . n 
A 1 154 LEU 154 155 155 LEU LEU A . n 
A 1 155 LYS 155 156 156 LYS LYS A . n 
A 1 156 ARG 156 157 157 ARG ARG A . n 
A 1 157 LYS 157 158 158 LYS LYS A . n 
A 1 158 LYS 158 159 159 LYS LYS A . n 
A 1 159 PHE 159 160 160 PHE PHE A . n 
A 1 160 GLU 160 161 161 GLU GLU A . n 
A 1 161 LYS 161 162 162 LYS LYS A . n 
A 1 162 GLU 162 163 163 GLU GLU A . n 
A 1 163 LEU 163 164 164 LEU LEU A . n 
A 1 164 LYS 164 165 165 LYS LYS A . n 
A 1 165 GLU 165 166 166 GLU GLU A . n 
A 1 166 LEU 166 167 167 LEU LEU A . n 
A 1 167 GLN 167 168 ?   ?   ?   A . n 
A 1 168 LYS 168 169 ?   ?   ?   A . n 
A 1 169 LYS 169 170 ?   ?   ?   A . n 
A 1 170 GLN 170 171 ?   ?   ?   A . n 
A 1 171 LYS 171 172 ?   ?   ?   A . n 
A 1 172 HIS 172 173 ?   ?   ?   A . n 
A 1 173 LYS 173 174 ?   ?   ?   A . n 
A 1 174 LEU 174 175 ?   ?   ?   A . n 
A 1 175 GLU 175 176 ?   ?   ?   A . n 
A 1 176 HIS 176 177 ?   ?   ?   A . n 
A 1 177 HIS 177 178 ?   ?   ?   A . n 
A 1 178 HIS 178 179 ?   ?   ?   A . n 
A 1 179 HIS 179 180 ?   ?   ?   A . n 
A 1 180 HIS 180 181 ?   ?   ?   A . n 
A 1 181 HIS 181 182 ?   ?   ?   A . n 
# 
loop_
_pdbx_nonpoly_scheme.asym_id 
_pdbx_nonpoly_scheme.entity_id 
_pdbx_nonpoly_scheme.mon_id 
_pdbx_nonpoly_scheme.ndb_seq_num 
_pdbx_nonpoly_scheme.pdb_seq_num 
_pdbx_nonpoly_scheme.auth_seq_num 
_pdbx_nonpoly_scheme.pdb_mon_id 
_pdbx_nonpoly_scheme.auth_mon_id 
_pdbx_nonpoly_scheme.pdb_strand_id 
_pdbx_nonpoly_scheme.pdb_ins_code 
B 2 CO  1   300 300 CO  CO  A . 
C 3 Y13 1   200 200 Y13 Y13 A . 
D 4 HOH 1   301 1   HOH HOH A . 
D 4 HOH 2   302 2   HOH HOH A . 
D 4 HOH 3   303 3   HOH HOH A . 
D 4 HOH 4   304 4   HOH HOH A . 
D 4 HOH 5   305 5   HOH HOH A . 
D 4 HOH 6   306 6   HOH HOH A . 
D 4 HOH 7   307 7   HOH HOH A . 
D 4 HOH 8   308 8   HOH HOH A . 
D 4 HOH 9   309 9   HOH HOH A . 
D 4 HOH 10  310 10  HOH HOH A . 
D 4 HOH 11  311 11  HOH HOH A . 
D 4 HOH 12  312 12  HOH HOH A . 
D 4 HOH 13  313 13  HOH HOH A . 
D 4 HOH 14  314 14  HOH HOH A . 
D 4 HOH 15  315 15  HOH HOH A . 
D 4 HOH 16  316 16  HOH HOH A . 
D 4 HOH 17  317 17  HOH HOH A . 
D 4 HOH 18  318 18  HOH HOH A . 
D 4 HOH 19  319 19  HOH HOH A . 
D 4 HOH 20  320 20  HOH HOH A . 
D 4 HOH 21  321 21  HOH HOH A . 
D 4 HOH 22  322 22  HOH HOH A . 
D 4 HOH 23  323 23  HOH HOH A . 
D 4 HOH 24  324 24  HOH HOH A . 
D 4 HOH 25  325 25  HOH HOH A . 
D 4 HOH 26  326 26  HOH HOH A . 
D 4 HOH 27  327 27  HOH HOH A . 
D 4 HOH 28  328 28  HOH HOH A . 
D 4 HOH 29  329 29  HOH HOH A . 
D 4 HOH 30  330 30  HOH HOH A . 
D 4 HOH 31  331 31  HOH HOH A . 
D 4 HOH 32  332 32  HOH HOH A . 
D 4 HOH 33  333 33  HOH HOH A . 
D 4 HOH 34  334 34  HOH HOH A . 
D 4 HOH 35  335 35  HOH HOH A . 
D 4 HOH 36  336 36  HOH HOH A . 
D 4 HOH 37  337 37  HOH HOH A . 
D 4 HOH 38  338 38  HOH HOH A . 
D 4 HOH 39  339 39  HOH HOH A . 
D 4 HOH 40  340 40  HOH HOH A . 
D 4 HOH 41  341 41  HOH HOH A . 
D 4 HOH 42  342 42  HOH HOH A . 
D 4 HOH 43  343 43  HOH HOH A . 
D 4 HOH 44  344 44  HOH HOH A . 
D 4 HOH 45  345 45  HOH HOH A . 
D 4 HOH 46  346 46  HOH HOH A . 
D 4 HOH 47  347 47  HOH HOH A . 
D 4 HOH 48  348 48  HOH HOH A . 
D 4 HOH 49  349 49  HOH HOH A . 
D 4 HOH 50  350 50  HOH HOH A . 
D 4 HOH 51  351 51  HOH HOH A . 
D 4 HOH 52  352 52  HOH HOH A . 
D 4 HOH 53  353 53  HOH HOH A . 
D 4 HOH 54  354 54  HOH HOH A . 
D 4 HOH 55  355 55  HOH HOH A . 
D 4 HOH 56  356 56  HOH HOH A . 
D 4 HOH 57  357 57  HOH HOH A . 
D 4 HOH 58  358 58  HOH HOH A . 
D 4 HOH 59  359 59  HOH HOH A . 
D 4 HOH 60  360 60  HOH HOH A . 
D 4 HOH 61  361 61  HOH HOH A . 
D 4 HOH 62  362 62  HOH HOH A . 
D 4 HOH 63  363 63  HOH HOH A . 
D 4 HOH 64  364 64  HOH HOH A . 
D 4 HOH 65  365 65  HOH HOH A . 
D 4 HOH 66  366 66  HOH HOH A . 
D 4 HOH 67  367 67  HOH HOH A . 
D 4 HOH 68  368 68  HOH HOH A . 
D 4 HOH 69  369 69  HOH HOH A . 
D 4 HOH 70  370 70  HOH HOH A . 
D 4 HOH 71  371 71  HOH HOH A . 
D 4 HOH 72  372 72  HOH HOH A . 
D 4 HOH 73  373 73  HOH HOH A . 
D 4 HOH 74  374 74  HOH HOH A . 
D 4 HOH 75  375 75  HOH HOH A . 
D 4 HOH 76  376 76  HOH HOH A . 
D 4 HOH 77  377 77  HOH HOH A . 
D 4 HOH 78  378 78  HOH HOH A . 
D 4 HOH 79  379 79  HOH HOH A . 
D 4 HOH 80  380 80  HOH HOH A . 
D 4 HOH 81  381 81  HOH HOH A . 
D 4 HOH 82  382 82  HOH HOH A . 
D 4 HOH 83  383 83  HOH HOH A . 
D 4 HOH 84  384 84  HOH HOH A . 
D 4 HOH 85  385 85  HOH HOH A . 
D 4 HOH 86  386 86  HOH HOH A . 
D 4 HOH 87  387 87  HOH HOH A . 
D 4 HOH 88  388 88  HOH HOH A . 
D 4 HOH 89  389 89  HOH HOH A . 
D 4 HOH 90  390 90  HOH HOH A . 
D 4 HOH 91  391 91  HOH HOH A . 
D 4 HOH 92  392 92  HOH HOH A . 
D 4 HOH 93  393 93  HOH HOH A . 
D 4 HOH 94  394 94  HOH HOH A . 
D 4 HOH 95  395 95  HOH HOH A . 
D 4 HOH 96  396 96  HOH HOH A . 
D 4 HOH 97  397 97  HOH HOH A . 
D 4 HOH 98  398 98  HOH HOH A . 
D 4 HOH 99  399 99  HOH HOH A . 
D 4 HOH 100 400 100 HOH HOH A . 
D 4 HOH 101 401 101 HOH HOH A . 
D 4 HOH 102 402 102 HOH HOH A . 
D 4 HOH 103 403 103 HOH HOH A . 
D 4 HOH 104 404 104 HOH HOH A . 
D 4 HOH 105 405 105 HOH HOH A . 
D 4 HOH 106 406 106 HOH HOH A . 
D 4 HOH 107 407 107 HOH HOH A . 
D 4 HOH 108 408 108 HOH HOH A . 
D 4 HOH 109 409 109 HOH HOH A . 
D 4 HOH 110 410 110 HOH HOH A . 
D 4 HOH 111 411 111 HOH HOH A . 
D 4 HOH 112 412 112 HOH HOH A . 
D 4 HOH 113 413 113 HOH HOH A . 
D 4 HOH 114 414 114 HOH HOH A . 
D 4 HOH 115 415 115 HOH HOH A . 
D 4 HOH 116 416 116 HOH HOH A . 
D 4 HOH 117 417 117 HOH HOH A . 
D 4 HOH 118 418 118 HOH HOH A . 
D 4 HOH 119 419 119 HOH HOH A . 
D 4 HOH 120 420 120 HOH HOH A . 
D 4 HOH 121 421 121 HOH HOH A . 
D 4 HOH 122 422 122 HOH HOH A . 
D 4 HOH 123 423 123 HOH HOH A . 
D 4 HOH 124 424 124 HOH HOH A . 
D 4 HOH 125 425 125 HOH HOH A . 
D 4 HOH 126 426 126 HOH HOH A . 
D 4 HOH 127 427 127 HOH HOH A . 
D 4 HOH 128 428 128 HOH HOH A . 
# 
_pdbx_struct_assembly.id                   1 
_pdbx_struct_assembly.details              author_defined_assembly 
_pdbx_struct_assembly.method_details       ? 
_pdbx_struct_assembly.oligomeric_details   monomeric 
_pdbx_struct_assembly.oligomeric_count     1 
# 
_pdbx_struct_assembly_gen.assembly_id       1 
_pdbx_struct_assembly_gen.oper_expression   1 
_pdbx_struct_assembly_gen.asym_id_list      A,B,C,D 
# 
_pdbx_struct_oper_list.id                   1 
_pdbx_struct_oper_list.type                 'identity operation' 
_pdbx_struct_oper_list.name                 1_555 
_pdbx_struct_oper_list.symmetry_operation   x,y,z 
_pdbx_struct_oper_list.matrix[1][1]         1.0000000000 
_pdbx_struct_oper_list.matrix[1][2]         0.0000000000 
_pdbx_struct_oper_list.matrix[1][3]         0.0000000000 
_pdbx_struct_oper_list.vector[1]            0.0000000000 
_pdbx_struct_oper_list.matrix[2][1]         0.0000000000 
_pdbx_struct_oper_list.matrix[2][2]         1.0000000000 
_pdbx_struct_oper_list.matrix[2][3]         0.0000000000 
_pdbx_struct_oper_list.vector[2]            0.0000000000 
_pdbx_struct_oper_list.matrix[3][1]         0.0000000000 
_pdbx_struct_oper_list.matrix[3][2]         0.0000000000 
_pdbx_struct_oper_list.matrix[3][3]         1.0000000000 
_pdbx_struct_oper_list.vector[3]            0.0000000000 
# 
loop_
_pdbx_struct_conn_angle.id 
_pdbx_struct_conn_angle.ptnr1_label_atom_id 
_pdbx_struct_conn_angle.ptnr1_label_alt_id 
_pdbx_struct_conn_angle.ptnr1_label_asym_id 
_pdbx_struct_conn_angle.ptnr1_label_comp_id 
_pdbx_struct_conn_angle.ptnr1_label_seq_id 
_pdbx_struct_conn_angle.ptnr1_auth_atom_id 
_pdbx_struct_conn_angle.ptnr1_auth_asym_id 
_pdbx_struct_conn_angle.ptnr1_auth_comp_id 
_pdbx_struct_conn_angle.ptnr1_auth_seq_id 
_pdbx_struct_conn_angle.ptnr1_PDB_ins_code 
_pdbx_struct_conn_angle.ptnr1_symmetry 
_pdbx_struct_conn_angle.ptnr2_label_atom_id 
_pdbx_struct_conn_angle.ptnr2_label_alt_id 
_pdbx_struct_conn_angle.ptnr2_label_asym_id 
_pdbx_struct_conn_angle.ptnr2_label_comp_id 
_pdbx_struct_conn_angle.ptnr2_label_seq_id 
_pdbx_struct_conn_angle.ptnr2_auth_atom_id 
_pdbx_struct_conn_angle.ptnr2_auth_asym_id 
_pdbx_struct_conn_angle.ptnr2_auth_comp_id 
_pdbx_struct_conn_angle.ptnr2_auth_seq_id 
_pdbx_struct_conn_angle.ptnr2_PDB_ins_code 
_pdbx_struct_conn_angle.ptnr2_symmetry 
_pdbx_struct_conn_angle.ptnr3_label_atom_id 
_pdbx_struct_conn_angle.ptnr3_label_alt_id 
_pdbx_struct_conn_angle.ptnr3_label_asym_id 
_pdbx_struct_conn_angle.ptnr3_label_comp_id 
_pdbx_struct_conn_angle.ptnr3_label_seq_id 
_pdbx_struct_conn_angle.ptnr3_auth_atom_id 
_pdbx_struct_conn_angle.ptnr3_auth_asym_id 
_pdbx_struct_conn_angle.ptnr3_auth_comp_id 
_pdbx_struct_conn_angle.ptnr3_auth_seq_id 
_pdbx_struct_conn_angle.ptnr3_PDB_ins_code 
_pdbx_struct_conn_angle.ptnr3_symmetry 
_pdbx_struct_conn_angle.value 
_pdbx_struct_conn_angle.value_esd 
1 SG  ? A CYS 95  ? A CYS 96  ? 1_555 CO ? B CO . ? A CO 300 ? 1_555 NE2 ? A HIS 137 ? A HIS 138 ? 1_555 109.4 ? 
2 SG  ? A CYS 95  ? A CYS 96  ? 1_555 CO ? B CO . ? A CO 300 ? 1_555 NE2 ? A HIS 141 ? A HIS 142 ? 1_555 97.3  ? 
3 NE2 ? A HIS 137 ? A HIS 138 ? 1_555 CO ? B CO . ? A CO 300 ? 1_555 NE2 ? A HIS 141 ? A HIS 142 ? 1_555 112.7 ? 
4 SG  ? A CYS 95  ? A CYS 96  ? 1_555 CO ? B CO . ? A CO 300 ? 1_555 O   ? D HOH .   ? A HOH 310 ? 1_555 126.5 ? 
5 NE2 ? A HIS 137 ? A HIS 138 ? 1_555 CO ? B CO . ? A CO 300 ? 1_555 O   ? D HOH .   ? A HOH 310 ? 1_555 108.2 ? 
6 NE2 ? A HIS 141 ? A HIS 142 ? 1_555 CO ? B CO . ? A CO 300 ? 1_555 O   ? D HOH .   ? A HOH 310 ? 1_555 101.8 ? 
# 
loop_
_pdbx_audit_revision_history.ordinal 
_pdbx_audit_revision_history.data_content_type 
_pdbx_audit_revision_history.major_revision 
_pdbx_audit_revision_history.minor_revision 
_pdbx_audit_revision_history.revision_date 
1 'Structure model' 1 0 2006-10-24 
2 'Structure model' 1 1 2008-05-01 
3 'Structure model' 1 2 2011-07-13 
4 'Structure model' 1 3 2017-10-18 
5 'Structure model' 1 4 2023-10-25 
# 
_pdbx_audit_revision_details.ordinal             1 
_pdbx_audit_revision_details.revision_ordinal    1 
_pdbx_audit_revision_details.data_content_type   'Structure model' 
_pdbx_audit_revision_details.provider            repository 
_pdbx_audit_revision_details.type                'Initial release' 
_pdbx_audit_revision_details.description         ? 
_pdbx_audit_revision_details.details             ? 
# 
loop_
_pdbx_audit_revision_group.ordinal 
_pdbx_audit_revision_group.revision_ordinal 
_pdbx_audit_revision_group.data_content_type 
_pdbx_audit_revision_group.group 
1 2 'Structure model' 'Version format compliance' 
2 3 'Structure model' 'Version format compliance' 
3 4 'Structure model' 'Refinement description'    
4 5 'Structure model' 'Data collection'           
5 5 'Structure model' 'Database references'       
6 5 'Structure model' 'Derived calculations'      
7 5 'Structure model' 'Refinement description'    
# 
loop_
_pdbx_audit_revision_category.ordinal 
_pdbx_audit_revision_category.revision_ordinal 
_pdbx_audit_revision_category.data_content_type 
_pdbx_audit_revision_category.category 
1 4 'Structure model' software                      
2 5 'Structure model' chem_comp_atom                
3 5 'Structure model' chem_comp_bond                
4 5 'Structure model' database_2                    
5 5 'Structure model' pdbx_initial_refinement_model 
6 5 'Structure model' pdbx_struct_conn_angle        
7 5 'Structure model' struct_conn                   
8 5 'Structure model' struct_ref_seq_dif            
9 5 'Structure model' struct_site                   
# 
loop_
_pdbx_audit_revision_item.ordinal 
_pdbx_audit_revision_item.revision_ordinal 
_pdbx_audit_revision_item.data_content_type 
_pdbx_audit_revision_item.item 
1  5 'Structure model' '_database_2.pdbx_DOI'                        
2  5 'Structure model' '_database_2.pdbx_database_accession'         
3  5 'Structure model' '_pdbx_struct_conn_angle.ptnr1_auth_comp_id'  
4  5 'Structure model' '_pdbx_struct_conn_angle.ptnr1_auth_seq_id'   
5  5 'Structure model' '_pdbx_struct_conn_angle.ptnr1_label_asym_id' 
6  5 'Structure model' '_pdbx_struct_conn_angle.ptnr1_label_atom_id' 
7  5 'Structure model' '_pdbx_struct_conn_angle.ptnr1_label_comp_id' 
8  5 'Structure model' '_pdbx_struct_conn_angle.ptnr1_label_seq_id'  
9  5 'Structure model' '_pdbx_struct_conn_angle.ptnr3_auth_comp_id'  
10 5 'Structure model' '_pdbx_struct_conn_angle.ptnr3_auth_seq_id'   
11 5 'Structure model' '_pdbx_struct_conn_angle.ptnr3_label_asym_id' 
12 5 'Structure model' '_pdbx_struct_conn_angle.ptnr3_label_atom_id' 
13 5 'Structure model' '_pdbx_struct_conn_angle.ptnr3_label_comp_id' 
14 5 'Structure model' '_pdbx_struct_conn_angle.ptnr3_label_seq_id'  
15 5 'Structure model' '_pdbx_struct_conn_angle.value'               
16 5 'Structure model' '_struct_conn.pdbx_dist_value'                
17 5 'Structure model' '_struct_conn.ptnr1_auth_comp_id'             
18 5 'Structure model' '_struct_conn.ptnr1_auth_seq_id'              
19 5 'Structure model' '_struct_conn.ptnr1_label_asym_id'            
20 5 'Structure model' '_struct_conn.ptnr1_label_atom_id'            
21 5 'Structure model' '_struct_conn.ptnr1_label_comp_id'            
22 5 'Structure model' '_struct_conn.ptnr1_label_seq_id'             
23 5 'Structure model' '_struct_conn.ptnr2_auth_comp_id'             
24 5 'Structure model' '_struct_conn.ptnr2_auth_seq_id'              
25 5 'Structure model' '_struct_conn.ptnr2_label_asym_id'            
26 5 'Structure model' '_struct_conn.ptnr2_label_atom_id'            
27 5 'Structure model' '_struct_conn.ptnr2_label_comp_id'            
28 5 'Structure model' '_struct_conn.ptnr2_label_seq_id'             
29 5 'Structure model' '_struct_ref_seq_dif.details'                 
30 5 'Structure model' '_struct_site.pdbx_auth_asym_id'              
31 5 'Structure model' '_struct_site.pdbx_auth_comp_id'              
32 5 'Structure model' '_struct_site.pdbx_auth_seq_id'               
# 
loop_
_software.name 
_software.classification 
_software.version 
_software.citation_id 
_software.pdbx_ordinal 
CNS  refinement     1.1          ? 1 
CCP4 'data scaling' '(TRUNCATE)' ? 2 
CNS  phasing        .            ? 3 
# 
loop_
_pdbx_validate_torsion.id 
_pdbx_validate_torsion.PDB_model_num 
_pdbx_validate_torsion.auth_comp_id 
_pdbx_validate_torsion.auth_asym_id 
_pdbx_validate_torsion.auth_seq_id 
_pdbx_validate_torsion.PDB_ins_code 
_pdbx_validate_torsion.label_alt_id 
_pdbx_validate_torsion.phi 
_pdbx_validate_torsion.psi 
1 1 PRO A 10  ? ? -95.20  34.23   
2 1 ASP A 25  ? ? -114.66 -169.53 
3 1 GLN A 65  ? ? -95.89  -154.88 
4 1 TYR A 116 ? ? -160.58 -169.58 
5 1 GLU A 130 ? ? 51.32   -138.83 
# 
loop_
_pdbx_unobs_or_zero_occ_residues.id 
_pdbx_unobs_or_zero_occ_residues.PDB_model_num 
_pdbx_unobs_or_zero_occ_residues.polymer_flag 
_pdbx_unobs_or_zero_occ_residues.occupancy_flag 
_pdbx_unobs_or_zero_occ_residues.auth_asym_id 
_pdbx_unobs_or_zero_occ_residues.auth_comp_id 
_pdbx_unobs_or_zero_occ_residues.auth_seq_id 
_pdbx_unobs_or_zero_occ_residues.PDB_ins_code 
_pdbx_unobs_or_zero_occ_residues.label_asym_id 
_pdbx_unobs_or_zero_occ_residues.label_comp_id 
_pdbx_unobs_or_zero_occ_residues.label_seq_id 
1  1 Y 1 A GLN 168 ? A GLN 167 
2  1 Y 1 A LYS 169 ? A LYS 168 
3  1 Y 1 A LYS 170 ? A LYS 169 
4  1 Y 1 A GLN 171 ? A GLN 170 
5  1 Y 1 A LYS 172 ? A LYS 171 
6  1 Y 1 A HIS 173 ? A HIS 172 
7  1 Y 1 A LYS 174 ? A LYS 173 
8  1 Y 1 A LEU 175 ? A LEU 174 
9  1 Y 1 A GLU 176 ? A GLU 175 
10 1 Y 1 A HIS 177 ? A HIS 176 
11 1 Y 1 A HIS 178 ? A HIS 177 
12 1 Y 1 A HIS 179 ? A HIS 178 
13 1 Y 1 A HIS 180 ? A HIS 179 
14 1 Y 1 A HIS 181 ? A HIS 180 
15 1 Y 1 A HIS 182 ? A HIS 181 
# 
loop_
_chem_comp_atom.comp_id 
_chem_comp_atom.atom_id 
_chem_comp_atom.type_symbol 
_chem_comp_atom.pdbx_aromatic_flag 
_chem_comp_atom.pdbx_stereo_config 
_chem_comp_atom.pdbx_ordinal 
ALA N    N  N N 1   
ALA CA   C  N S 2   
ALA C    C  N N 3   
ALA O    O  N N 4   
ALA CB   C  N N 5   
ALA OXT  O  N N 6   
ALA H    H  N N 7   
ALA H2   H  N N 8   
ALA HA   H  N N 9   
ALA HB1  H  N N 10  
ALA HB2  H  N N 11  
ALA HB3  H  N N 12  
ALA HXT  H  N N 13  
ARG N    N  N N 14  
ARG CA   C  N S 15  
ARG C    C  N N 16  
ARG O    O  N N 17  
ARG CB   C  N N 18  
ARG CG   C  N N 19  
ARG CD   C  N N 20  
ARG NE   N  N N 21  
ARG CZ   C  N N 22  
ARG NH1  N  N N 23  
ARG NH2  N  N N 24  
ARG OXT  O  N N 25  
ARG H    H  N N 26  
ARG H2   H  N N 27  
ARG HA   H  N N 28  
ARG HB2  H  N N 29  
ARG HB3  H  N N 30  
ARG HG2  H  N N 31  
ARG HG3  H  N N 32  
ARG HD2  H  N N 33  
ARG HD3  H  N N 34  
ARG HE   H  N N 35  
ARG HH11 H  N N 36  
ARG HH12 H  N N 37  
ARG HH21 H  N N 38  
ARG HH22 H  N N 39  
ARG HXT  H  N N 40  
ASN N    N  N N 41  
ASN CA   C  N S 42  
ASN C    C  N N 43  
ASN O    O  N N 44  
ASN CB   C  N N 45  
ASN CG   C  N N 46  
ASN OD1  O  N N 47  
ASN ND2  N  N N 48  
ASN OXT  O  N N 49  
ASN H    H  N N 50  
ASN H2   H  N N 51  
ASN HA   H  N N 52  
ASN HB2  H  N N 53  
ASN HB3  H  N N 54  
ASN HD21 H  N N 55  
ASN HD22 H  N N 56  
ASN HXT  H  N N 57  
ASP N    N  N N 58  
ASP CA   C  N S 59  
ASP C    C  N N 60  
ASP O    O  N N 61  
ASP CB   C  N N 62  
ASP CG   C  N N 63  
ASP OD1  O  N N 64  
ASP OD2  O  N N 65  
ASP OXT  O  N N 66  
ASP H    H  N N 67  
ASP H2   H  N N 68  
ASP HA   H  N N 69  
ASP HB2  H  N N 70  
ASP HB3  H  N N 71  
ASP HD2  H  N N 72  
ASP HXT  H  N N 73  
CO  CO   CO N N 74  
CYS N    N  N N 75  
CYS CA   C  N R 76  
CYS C    C  N N 77  
CYS O    O  N N 78  
CYS CB   C  N N 79  
CYS SG   S  N N 80  
CYS OXT  O  N N 81  
CYS H    H  N N 82  
CYS H2   H  N N 83  
CYS HA   H  N N 84  
CYS HB2  H  N N 85  
CYS HB3  H  N N 86  
CYS HG   H  N N 87  
CYS HXT  H  N N 88  
GLN N    N  N N 89  
GLN CA   C  N S 90  
GLN C    C  N N 91  
GLN O    O  N N 92  
GLN CB   C  N N 93  
GLN CG   C  N N 94  
GLN CD   C  N N 95  
GLN OE1  O  N N 96  
GLN NE2  N  N N 97  
GLN OXT  O  N N 98  
GLN H    H  N N 99  
GLN H2   H  N N 100 
GLN HA   H  N N 101 
GLN HB2  H  N N 102 
GLN HB3  H  N N 103 
GLN HG2  H  N N 104 
GLN HG3  H  N N 105 
GLN HE21 H  N N 106 
GLN HE22 H  N N 107 
GLN HXT  H  N N 108 
GLU N    N  N N 109 
GLU CA   C  N S 110 
GLU C    C  N N 111 
GLU O    O  N N 112 
GLU CB   C  N N 113 
GLU CG   C  N N 114 
GLU CD   C  N N 115 
GLU OE1  O  N N 116 
GLU OE2  O  N N 117 
GLU OXT  O  N N 118 
GLU H    H  N N 119 
GLU H2   H  N N 120 
GLU HA   H  N N 121 
GLU HB2  H  N N 122 
GLU HB3  H  N N 123 
GLU HG2  H  N N 124 
GLU HG3  H  N N 125 
GLU HE2  H  N N 126 
GLU HXT  H  N N 127 
GLY N    N  N N 128 
GLY CA   C  N N 129 
GLY C    C  N N 130 
GLY O    O  N N 131 
GLY OXT  O  N N 132 
GLY H    H  N N 133 
GLY H2   H  N N 134 
GLY HA2  H  N N 135 
GLY HA3  H  N N 136 
GLY HXT  H  N N 137 
HIS N    N  N N 138 
HIS CA   C  N S 139 
HIS C    C  N N 140 
HIS O    O  N N 141 
HIS CB   C  N N 142 
HIS CG   C  Y N 143 
HIS ND1  N  Y N 144 
HIS CD2  C  Y N 145 
HIS CE1  C  Y N 146 
HIS NE2  N  Y N 147 
HIS OXT  O  N N 148 
HIS H    H  N N 149 
HIS H2   H  N N 150 
HIS HA   H  N N 151 
HIS HB2  H  N N 152 
HIS HB3  H  N N 153 
HIS HD1  H  N N 154 
HIS HD2  H  N N 155 
HIS HE1  H  N N 156 
HIS HE2  H  N N 157 
HIS HXT  H  N N 158 
HOH O    O  N N 159 
HOH H1   H  N N 160 
HOH H2   H  N N 161 
ILE N    N  N N 162 
ILE CA   C  N S 163 
ILE C    C  N N 164 
ILE O    O  N N 165 
ILE CB   C  N S 166 
ILE CG1  C  N N 167 
ILE CG2  C  N N 168 
ILE CD1  C  N N 169 
ILE OXT  O  N N 170 
ILE H    H  N N 171 
ILE H2   H  N N 172 
ILE HA   H  N N 173 
ILE HB   H  N N 174 
ILE HG12 H  N N 175 
ILE HG13 H  N N 176 
ILE HG21 H  N N 177 
ILE HG22 H  N N 178 
ILE HG23 H  N N 179 
ILE HD11 H  N N 180 
ILE HD12 H  N N 181 
ILE HD13 H  N N 182 
ILE HXT  H  N N 183 
LEU N    N  N N 184 
LEU CA   C  N S 185 
LEU C    C  N N 186 
LEU O    O  N N 187 
LEU CB   C  N N 188 
LEU CG   C  N N 189 
LEU CD1  C  N N 190 
LEU CD2  C  N N 191 
LEU OXT  O  N N 192 
LEU H    H  N N 193 
LEU H2   H  N N 194 
LEU HA   H  N N 195 
LEU HB2  H  N N 196 
LEU HB3  H  N N 197 
LEU HG   H  N N 198 
LEU HD11 H  N N 199 
LEU HD12 H  N N 200 
LEU HD13 H  N N 201 
LEU HD21 H  N N 202 
LEU HD22 H  N N 203 
LEU HD23 H  N N 204 
LEU HXT  H  N N 205 
LYS N    N  N N 206 
LYS CA   C  N S 207 
LYS C    C  N N 208 
LYS O    O  N N 209 
LYS CB   C  N N 210 
LYS CG   C  N N 211 
LYS CD   C  N N 212 
LYS CE   C  N N 213 
LYS NZ   N  N N 214 
LYS OXT  O  N N 215 
LYS H    H  N N 216 
LYS H2   H  N N 217 
LYS HA   H  N N 218 
LYS HB2  H  N N 219 
LYS HB3  H  N N 220 
LYS HG2  H  N N 221 
LYS HG3  H  N N 222 
LYS HD2  H  N N 223 
LYS HD3  H  N N 224 
LYS HE2  H  N N 225 
LYS HE3  H  N N 226 
LYS HZ1  H  N N 227 
LYS HZ2  H  N N 228 
LYS HZ3  H  N N 229 
LYS HXT  H  N N 230 
MET N    N  N N 231 
MET CA   C  N S 232 
MET C    C  N N 233 
MET O    O  N N 234 
MET CB   C  N N 235 
MET CG   C  N N 236 
MET SD   S  N N 237 
MET CE   C  N N 238 
MET OXT  O  N N 239 
MET H    H  N N 240 
MET H2   H  N N 241 
MET HA   H  N N 242 
MET HB2  H  N N 243 
MET HB3  H  N N 244 
MET HG2  H  N N 245 
MET HG3  H  N N 246 
MET HE1  H  N N 247 
MET HE2  H  N N 248 
MET HE3  H  N N 249 
MET HXT  H  N N 250 
PHE N    N  N N 251 
PHE CA   C  N S 252 
PHE C    C  N N 253 
PHE O    O  N N 254 
PHE CB   C  N N 255 
PHE CG   C  Y N 256 
PHE CD1  C  Y N 257 
PHE CD2  C  Y N 258 
PHE CE1  C  Y N 259 
PHE CE2  C  Y N 260 
PHE CZ   C  Y N 261 
PHE OXT  O  N N 262 
PHE H    H  N N 263 
PHE H2   H  N N 264 
PHE HA   H  N N 265 
PHE HB2  H  N N 266 
PHE HB3  H  N N 267 
PHE HD1  H  N N 268 
PHE HD2  H  N N 269 
PHE HE1  H  N N 270 
PHE HE2  H  N N 271 
PHE HZ   H  N N 272 
PHE HXT  H  N N 273 
PRO N    N  N N 274 
PRO CA   C  N S 275 
PRO C    C  N N 276 
PRO O    O  N N 277 
PRO CB   C  N N 278 
PRO CG   C  N N 279 
PRO CD   C  N N 280 
PRO OXT  O  N N 281 
PRO H    H  N N 282 
PRO HA   H  N N 283 
PRO HB2  H  N N 284 
PRO HB3  H  N N 285 
PRO HG2  H  N N 286 
PRO HG3  H  N N 287 
PRO HD2  H  N N 288 
PRO HD3  H  N N 289 
PRO HXT  H  N N 290 
SER N    N  N N 291 
SER CA   C  N S 292 
SER C    C  N N 293 
SER O    O  N N 294 
SER CB   C  N N 295 
SER OG   O  N N 296 
SER OXT  O  N N 297 
SER H    H  N N 298 
SER H2   H  N N 299 
SER HA   H  N N 300 
SER HB2  H  N N 301 
SER HB3  H  N N 302 
SER HG   H  N N 303 
SER HXT  H  N N 304 
THR N    N  N N 305 
THR CA   C  N S 306 
THR C    C  N N 307 
THR O    O  N N 308 
THR CB   C  N R 309 
THR OG1  O  N N 310 
THR CG2  C  N N 311 
THR OXT  O  N N 312 
THR H    H  N N 313 
THR H2   H  N N 314 
THR HA   H  N N 315 
THR HB   H  N N 316 
THR HG1  H  N N 317 
THR HG21 H  N N 318 
THR HG22 H  N N 319 
THR HG23 H  N N 320 
THR HXT  H  N N 321 
TYR N    N  N N 322 
TYR CA   C  N S 323 
TYR C    C  N N 324 
TYR O    O  N N 325 
TYR CB   C  N N 326 
TYR CG   C  Y N 327 
TYR CD1  C  Y N 328 
TYR CD2  C  Y N 329 
TYR CE1  C  Y N 330 
TYR CE2  C  Y N 331 
TYR CZ   C  Y N 332 
TYR OH   O  N N 333 
TYR OXT  O  N N 334 
TYR H    H  N N 335 
TYR H2   H  N N 336 
TYR HA   H  N N 337 
TYR HB2  H  N N 338 
TYR HB3  H  N N 339 
TYR HD1  H  N N 340 
TYR HD2  H  N N 341 
TYR HE1  H  N N 342 
TYR HE2  H  N N 343 
TYR HH   H  N N 344 
TYR HXT  H  N N 345 
VAL N    N  N N 346 
VAL CA   C  N S 347 
VAL C    C  N N 348 
VAL O    O  N N 349 
VAL CB   C  N N 350 
VAL CG1  C  N N 351 
VAL CG2  C  N N 352 
VAL OXT  O  N N 353 
VAL H    H  N N 354 
VAL H2   H  N N 355 
VAL HA   H  N N 356 
VAL HB   H  N N 357 
VAL HG11 H  N N 358 
VAL HG12 H  N N 359 
VAL HG13 H  N N 360 
VAL HG21 H  N N 361 
VAL HG22 H  N N 362 
VAL HG23 H  N N 363 
VAL HXT  H  N N 364 
Y13 C2   C  Y N 365 
Y13 O16  O  N N 366 
Y13 C1   C  Y N 367 
Y13 C6   C  Y N 368 
Y13 C5   C  Y N 369 
Y13 C7   C  N N 370 
Y13 C8   C  N N 371 
Y13 N9   N  N N 372 
Y13 C10  C  N N 373 
Y13 C11  C  N N 374 
Y13 C12  C  N N 375 
Y13 C13  C  Y N 376 
Y13 C14  C  Y N 377 
Y13 C15  C  Y N 378 
Y13 C16  C  Y N 379 
Y13 O19  O  N N 380 
Y13 C17  C  Y N 381 
Y13 O23  O  N N 382 
Y13 C18  C  Y N 383 
Y13 O27  O  N N 384 
Y13 C4   C  Y N 385 
Y13 C3   C  Y N 386 
Y13 H16  H  N N 387 
Y13 H1   H  N N 388 
Y13 H6   H  N N 389 
Y13 H71  H  N N 390 
Y13 H72  H  N N 391 
Y13 H81  H  N N 392 
Y13 H82  H  N N 393 
Y13 HN9  H  N N 394 
Y13 H11  H  N N 395 
Y13 H12  H  N N 396 
Y13 H14  H  N N 397 
Y13 H15  H  N N 398 
Y13 H19  H  N N 399 
Y13 H23  H  N N 400 
Y13 H18  H  N N 401 
Y13 H4   H  N N 402 
Y13 H3   H  N N 403 
# 
loop_
_chem_comp_bond.comp_id 
_chem_comp_bond.atom_id_1 
_chem_comp_bond.atom_id_2 
_chem_comp_bond.value_order 
_chem_comp_bond.pdbx_aromatic_flag 
_chem_comp_bond.pdbx_stereo_config 
_chem_comp_bond.pdbx_ordinal 
ALA N   CA   sing N N 1   
ALA N   H    sing N N 2   
ALA N   H2   sing N N 3   
ALA CA  C    sing N N 4   
ALA CA  CB   sing N N 5   
ALA CA  HA   sing N N 6   
ALA C   O    doub N N 7   
ALA C   OXT  sing N N 8   
ALA CB  HB1  sing N N 9   
ALA CB  HB2  sing N N 10  
ALA CB  HB3  sing N N 11  
ALA OXT HXT  sing N N 12  
ARG N   CA   sing N N 13  
ARG N   H    sing N N 14  
ARG N   H2   sing N N 15  
ARG CA  C    sing N N 16  
ARG CA  CB   sing N N 17  
ARG CA  HA   sing N N 18  
ARG C   O    doub N N 19  
ARG C   OXT  sing N N 20  
ARG CB  CG   sing N N 21  
ARG CB  HB2  sing N N 22  
ARG CB  HB3  sing N N 23  
ARG CG  CD   sing N N 24  
ARG CG  HG2  sing N N 25  
ARG CG  HG3  sing N N 26  
ARG CD  NE   sing N N 27  
ARG CD  HD2  sing N N 28  
ARG CD  HD3  sing N N 29  
ARG NE  CZ   sing N N 30  
ARG NE  HE   sing N N 31  
ARG CZ  NH1  sing N N 32  
ARG CZ  NH2  doub N N 33  
ARG NH1 HH11 sing N N 34  
ARG NH1 HH12 sing N N 35  
ARG NH2 HH21 sing N N 36  
ARG NH2 HH22 sing N N 37  
ARG OXT HXT  sing N N 38  
ASN N   CA   sing N N 39  
ASN N   H    sing N N 40  
ASN N   H2   sing N N 41  
ASN CA  C    sing N N 42  
ASN CA  CB   sing N N 43  
ASN CA  HA   sing N N 44  
ASN C   O    doub N N 45  
ASN C   OXT  sing N N 46  
ASN CB  CG   sing N N 47  
ASN CB  HB2  sing N N 48  
ASN CB  HB3  sing N N 49  
ASN CG  OD1  doub N N 50  
ASN CG  ND2  sing N N 51  
ASN ND2 HD21 sing N N 52  
ASN ND2 HD22 sing N N 53  
ASN OXT HXT  sing N N 54  
ASP N   CA   sing N N 55  
ASP N   H    sing N N 56  
ASP N   H2   sing N N 57  
ASP CA  C    sing N N 58  
ASP CA  CB   sing N N 59  
ASP CA  HA   sing N N 60  
ASP C   O    doub N N 61  
ASP C   OXT  sing N N 62  
ASP CB  CG   sing N N 63  
ASP CB  HB2  sing N N 64  
ASP CB  HB3  sing N N 65  
ASP CG  OD1  doub N N 66  
ASP CG  OD2  sing N N 67  
ASP OD2 HD2  sing N N 68  
ASP OXT HXT  sing N N 69  
CYS N   CA   sing N N 70  
CYS N   H    sing N N 71  
CYS N   H2   sing N N 72  
CYS CA  C    sing N N 73  
CYS CA  CB   sing N N 74  
CYS CA  HA   sing N N 75  
CYS C   O    doub N N 76  
CYS C   OXT  sing N N 77  
CYS CB  SG   sing N N 78  
CYS CB  HB2  sing N N 79  
CYS CB  HB3  sing N N 80  
CYS SG  HG   sing N N 81  
CYS OXT HXT  sing N N 82  
GLN N   CA   sing N N 83  
GLN N   H    sing N N 84  
GLN N   H2   sing N N 85  
GLN CA  C    sing N N 86  
GLN CA  CB   sing N N 87  
GLN CA  HA   sing N N 88  
GLN C   O    doub N N 89  
GLN C   OXT  sing N N 90  
GLN CB  CG   sing N N 91  
GLN CB  HB2  sing N N 92  
GLN CB  HB3  sing N N 93  
GLN CG  CD   sing N N 94  
GLN CG  HG2  sing N N 95  
GLN CG  HG3  sing N N 96  
GLN CD  OE1  doub N N 97  
GLN CD  NE2  sing N N 98  
GLN NE2 HE21 sing N N 99  
GLN NE2 HE22 sing N N 100 
GLN OXT HXT  sing N N 101 
GLU N   CA   sing N N 102 
GLU N   H    sing N N 103 
GLU N   H2   sing N N 104 
GLU CA  C    sing N N 105 
GLU CA  CB   sing N N 106 
GLU CA  HA   sing N N 107 
GLU C   O    doub N N 108 
GLU C   OXT  sing N N 109 
GLU CB  CG   sing N N 110 
GLU CB  HB2  sing N N 111 
GLU CB  HB3  sing N N 112 
GLU CG  CD   sing N N 113 
GLU CG  HG2  sing N N 114 
GLU CG  HG3  sing N N 115 
GLU CD  OE1  doub N N 116 
GLU CD  OE2  sing N N 117 
GLU OE2 HE2  sing N N 118 
GLU OXT HXT  sing N N 119 
GLY N   CA   sing N N 120 
GLY N   H    sing N N 121 
GLY N   H2   sing N N 122 
GLY CA  C    sing N N 123 
GLY CA  HA2  sing N N 124 
GLY CA  HA3  sing N N 125 
GLY C   O    doub N N 126 
GLY C   OXT  sing N N 127 
GLY OXT HXT  sing N N 128 
HIS N   CA   sing N N 129 
HIS N   H    sing N N 130 
HIS N   H2   sing N N 131 
HIS CA  C    sing N N 132 
HIS CA  CB   sing N N 133 
HIS CA  HA   sing N N 134 
HIS C   O    doub N N 135 
HIS C   OXT  sing N N 136 
HIS CB  CG   sing N N 137 
HIS CB  HB2  sing N N 138 
HIS CB  HB3  sing N N 139 
HIS CG  ND1  sing Y N 140 
HIS CG  CD2  doub Y N 141 
HIS ND1 CE1  doub Y N 142 
HIS ND1 HD1  sing N N 143 
HIS CD2 NE2  sing Y N 144 
HIS CD2 HD2  sing N N 145 
HIS CE1 NE2  sing Y N 146 
HIS CE1 HE1  sing N N 147 
HIS NE2 HE2  sing N N 148 
HIS OXT HXT  sing N N 149 
HOH O   H1   sing N N 150 
HOH O   H2   sing N N 151 
ILE N   CA   sing N N 152 
ILE N   H    sing N N 153 
ILE N   H2   sing N N 154 
ILE CA  C    sing N N 155 
ILE CA  CB   sing N N 156 
ILE CA  HA   sing N N 157 
ILE C   O    doub N N 158 
ILE C   OXT  sing N N 159 
ILE CB  CG1  sing N N 160 
ILE CB  CG2  sing N N 161 
ILE CB  HB   sing N N 162 
ILE CG1 CD1  sing N N 163 
ILE CG1 HG12 sing N N 164 
ILE CG1 HG13 sing N N 165 
ILE CG2 HG21 sing N N 166 
ILE CG2 HG22 sing N N 167 
ILE CG2 HG23 sing N N 168 
ILE CD1 HD11 sing N N 169 
ILE CD1 HD12 sing N N 170 
ILE CD1 HD13 sing N N 171 
ILE OXT HXT  sing N N 172 
LEU N   CA   sing N N 173 
LEU N   H    sing N N 174 
LEU N   H2   sing N N 175 
LEU CA  C    sing N N 176 
LEU CA  CB   sing N N 177 
LEU CA  HA   sing N N 178 
LEU C   O    doub N N 179 
LEU C   OXT  sing N N 180 
LEU CB  CG   sing N N 181 
LEU CB  HB2  sing N N 182 
LEU CB  HB3  sing N N 183 
LEU CG  CD1  sing N N 184 
LEU CG  CD2  sing N N 185 
LEU CG  HG   sing N N 186 
LEU CD1 HD11 sing N N 187 
LEU CD1 HD12 sing N N 188 
LEU CD1 HD13 sing N N 189 
LEU CD2 HD21 sing N N 190 
LEU CD2 HD22 sing N N 191 
LEU CD2 HD23 sing N N 192 
LEU OXT HXT  sing N N 193 
LYS N   CA   sing N N 194 
LYS N   H    sing N N 195 
LYS N   H2   sing N N 196 
LYS CA  C    sing N N 197 
LYS CA  CB   sing N N 198 
LYS CA  HA   sing N N 199 
LYS C   O    doub N N 200 
LYS C   OXT  sing N N 201 
LYS CB  CG   sing N N 202 
LYS CB  HB2  sing N N 203 
LYS CB  HB3  sing N N 204 
LYS CG  CD   sing N N 205 
LYS CG  HG2  sing N N 206 
LYS CG  HG3  sing N N 207 
LYS CD  CE   sing N N 208 
LYS CD  HD2  sing N N 209 
LYS CD  HD3  sing N N 210 
LYS CE  NZ   sing N N 211 
LYS CE  HE2  sing N N 212 
LYS CE  HE3  sing N N 213 
LYS NZ  HZ1  sing N N 214 
LYS NZ  HZ2  sing N N 215 
LYS NZ  HZ3  sing N N 216 
LYS OXT HXT  sing N N 217 
MET N   CA   sing N N 218 
MET N   H    sing N N 219 
MET N   H2   sing N N 220 
MET CA  C    sing N N 221 
MET CA  CB   sing N N 222 
MET CA  HA   sing N N 223 
MET C   O    doub N N 224 
MET C   OXT  sing N N 225 
MET CB  CG   sing N N 226 
MET CB  HB2  sing N N 227 
MET CB  HB3  sing N N 228 
MET CG  SD   sing N N 229 
MET CG  HG2  sing N N 230 
MET CG  HG3  sing N N 231 
MET SD  CE   sing N N 232 
MET CE  HE1  sing N N 233 
MET CE  HE2  sing N N 234 
MET CE  HE3  sing N N 235 
MET OXT HXT  sing N N 236 
PHE N   CA   sing N N 237 
PHE N   H    sing N N 238 
PHE N   H2   sing N N 239 
PHE CA  C    sing N N 240 
PHE CA  CB   sing N N 241 
PHE CA  HA   sing N N 242 
PHE C   O    doub N N 243 
PHE C   OXT  sing N N 244 
PHE CB  CG   sing N N 245 
PHE CB  HB2  sing N N 246 
PHE CB  HB3  sing N N 247 
PHE CG  CD1  doub Y N 248 
PHE CG  CD2  sing Y N 249 
PHE CD1 CE1  sing Y N 250 
PHE CD1 HD1  sing N N 251 
PHE CD2 CE2  doub Y N 252 
PHE CD2 HD2  sing N N 253 
PHE CE1 CZ   doub Y N 254 
PHE CE1 HE1  sing N N 255 
PHE CE2 CZ   sing Y N 256 
PHE CE2 HE2  sing N N 257 
PHE CZ  HZ   sing N N 258 
PHE OXT HXT  sing N N 259 
PRO N   CA   sing N N 260 
PRO N   CD   sing N N 261 
PRO N   H    sing N N 262 
PRO CA  C    sing N N 263 
PRO CA  CB   sing N N 264 
PRO CA  HA   sing N N 265 
PRO C   O    doub N N 266 
PRO C   OXT  sing N N 267 
PRO CB  CG   sing N N 268 
PRO CB  HB2  sing N N 269 
PRO CB  HB3  sing N N 270 
PRO CG  CD   sing N N 271 
PRO CG  HG2  sing N N 272 
PRO CG  HG3  sing N N 273 
PRO CD  HD2  sing N N 274 
PRO CD  HD3  sing N N 275 
PRO OXT HXT  sing N N 276 
SER N   CA   sing N N 277 
SER N   H    sing N N 278 
SER N   H2   sing N N 279 
SER CA  C    sing N N 280 
SER CA  CB   sing N N 281 
SER CA  HA   sing N N 282 
SER C   O    doub N N 283 
SER C   OXT  sing N N 284 
SER CB  OG   sing N N 285 
SER CB  HB2  sing N N 286 
SER CB  HB3  sing N N 287 
SER OG  HG   sing N N 288 
SER OXT HXT  sing N N 289 
THR N   CA   sing N N 290 
THR N   H    sing N N 291 
THR N   H2   sing N N 292 
THR CA  C    sing N N 293 
THR CA  CB   sing N N 294 
THR CA  HA   sing N N 295 
THR C   O    doub N N 296 
THR C   OXT  sing N N 297 
THR CB  OG1  sing N N 298 
THR CB  CG2  sing N N 299 
THR CB  HB   sing N N 300 
THR OG1 HG1  sing N N 301 
THR CG2 HG21 sing N N 302 
THR CG2 HG22 sing N N 303 
THR CG2 HG23 sing N N 304 
THR OXT HXT  sing N N 305 
TYR N   CA   sing N N 306 
TYR N   H    sing N N 307 
TYR N   H2   sing N N 308 
TYR CA  C    sing N N 309 
TYR CA  CB   sing N N 310 
TYR CA  HA   sing N N 311 
TYR C   O    doub N N 312 
TYR C   OXT  sing N N 313 
TYR CB  CG   sing N N 314 
TYR CB  HB2  sing N N 315 
TYR CB  HB3  sing N N 316 
TYR CG  CD1  doub Y N 317 
TYR CG  CD2  sing Y N 318 
TYR CD1 CE1  sing Y N 319 
TYR CD1 HD1  sing N N 320 
TYR CD2 CE2  doub Y N 321 
TYR CD2 HD2  sing N N 322 
TYR CE1 CZ   doub Y N 323 
TYR CE1 HE1  sing N N 324 
TYR CE2 CZ   sing Y N 325 
TYR CE2 HE2  sing N N 326 
TYR CZ  OH   sing N N 327 
TYR OH  HH   sing N N 328 
TYR OXT HXT  sing N N 329 
VAL N   CA   sing N N 330 
VAL N   H    sing N N 331 
VAL N   H2   sing N N 332 
VAL CA  C    sing N N 333 
VAL CA  CB   sing N N 334 
VAL CA  HA   sing N N 335 
VAL C   O    doub N N 336 
VAL C   OXT  sing N N 337 
VAL CB  CG1  sing N N 338 
VAL CB  CG2  sing N N 339 
VAL CB  HB   sing N N 340 
VAL CG1 HG11 sing N N 341 
VAL CG1 HG12 sing N N 342 
VAL CG1 HG13 sing N N 343 
VAL CG2 HG21 sing N N 344 
VAL CG2 HG22 sing N N 345 
VAL CG2 HG23 sing N N 346 
VAL OXT HXT  sing N N 347 
Y13 C2  O16  sing N N 348 
Y13 C2  C1   doub Y N 349 
Y13 C2  C3   sing Y N 350 
Y13 O16 H16  sing N N 351 
Y13 C1  C6   sing Y N 352 
Y13 C1  H1   sing N N 353 
Y13 C6  C5   doub Y N 354 
Y13 C6  H6   sing N N 355 
Y13 C5  C7   sing N N 356 
Y13 C5  C4   sing Y N 357 
Y13 C7  C8   sing N N 358 
Y13 C7  H71  sing N N 359 
Y13 C7  H72  sing N N 360 
Y13 C8  N9   sing N N 361 
Y13 C8  H81  sing N N 362 
Y13 C8  H82  sing N N 363 
Y13 N9  C10  sing N N 364 
Y13 N9  HN9  sing N N 365 
Y13 C10 C11  sing N N 366 
Y13 C10 O27  doub N N 367 
Y13 C11 C12  doub N E 368 
Y13 C11 H11  sing N N 369 
Y13 C12 C13  sing N N 370 
Y13 C12 H12  sing N N 371 
Y13 C13 C14  doub Y N 372 
Y13 C13 C18  sing Y N 373 
Y13 C14 C15  sing Y N 374 
Y13 C14 H14  sing N N 375 
Y13 C15 C16  doub Y N 376 
Y13 C15 H15  sing N N 377 
Y13 C16 O19  sing N N 378 
Y13 C16 C17  sing Y N 379 
Y13 O19 H19  sing N N 380 
Y13 C17 O23  sing N N 381 
Y13 C17 C18  doub Y N 382 
Y13 O23 H23  sing N N 383 
Y13 C18 H18  sing N N 384 
Y13 C4  C3   doub Y N 385 
Y13 C4  H4   sing N N 386 
Y13 C3  H3   sing N N 387 
# 
loop_
_pdbx_entity_nonpoly.entity_id 
_pdbx_entity_nonpoly.name 
_pdbx_entity_nonpoly.comp_id 
2 'COBALT (II) ION'                                                     CO  
3 '(2E)-3-(3,4-DIHYDROXYPHENYL)-N-[2-(4-HYDROXYPHENYL)ETHYL]ACRYLAMIDE' Y13 
4 water                                                                 HOH 
# 
_pdbx_initial_refinement_model.id               1 
_pdbx_initial_refinement_model.entity_id_list   ? 
_pdbx_initial_refinement_model.type             'experimental model' 
_pdbx_initial_refinement_model.source_name      PDB 
_pdbx_initial_refinement_model.accession_code   1IX1 
_pdbx_initial_refinement_model.details          ? 
# 
